data_3OZ5
# 
_entry.id   3OZ5 
# 
_audit_conform.dict_name       mmcif_pdbx.dic 
_audit_conform.dict_version    5.379 
_audit_conform.dict_location   http://mmcif.pdb.org/dictionaries/ascii/mmcif_pdbx.dic 
# 
loop_
_database_2.database_id 
_database_2.database_code 
_database_2.pdbx_database_accession 
_database_2.pdbx_DOI 
PDB   3OZ5         pdb_00003oz5 10.2210/pdb3oz5/pdb 
NDB   NA0809       ?            ?                   
RCSB  RCSB061754   ?            ?                   
WWPDB D_1000061754 ?            ?                   
# 
loop_
_pdbx_database_related.db_name 
_pdbx_database_related.db_id 
_pdbx_database_related.details 
_pdbx_database_related.content_type 
PDB 3OZ3 . unspecified 
PDB 3OZ4 . unspecified 
# 
_pdbx_database_status.status_code                     REL 
_pdbx_database_status.entry_id                        3OZ5 
_pdbx_database_status.recvd_initial_deposition_date   2010-09-24 
_pdbx_database_status.deposit_site                    RCSB 
_pdbx_database_status.process_site                    RCSB 
_pdbx_database_status.status_code_sf                  REL 
_pdbx_database_status.status_code_mr                  ? 
_pdbx_database_status.SG_entry                        ? 
_pdbx_database_status.status_code_cs                  ? 
_pdbx_database_status.pdb_format_compatible           Y 
_pdbx_database_status.methods_development_category    ? 
_pdbx_database_status.status_code_nmr_data            ? 
# 
loop_
_audit_author.name 
_audit_author.pdbx_ordinal 
'Seth, P.R.'     1  
'Allerson, C.A.' 2  
'Berdeja, A.'    3  
'Siwkowski, A.'  4  
'Pallan, P.S.'   5  
'Gaus, H.'       6  
'Prakash, T.P.'  7  
'Watt, A.T.'     8  
'Egli, M.'       9  
'Swayze, E.E.'   10 
# 
_citation.id                        primary 
_citation.title                     
;An exocyclic methylene group acts as a bioisostere of the 2'-oxygen atom in LNA.
;
_citation.journal_abbrev            J.Am.Chem.Soc. 
_citation.journal_volume            132 
_citation.page_first                14942 
_citation.page_last                 14950 
_citation.year                      2010 
_citation.journal_id_ASTM           JACSAT 
_citation.country                   US 
_citation.journal_id_ISSN           0002-7863 
_citation.journal_id_CSD            0004 
_citation.book_publisher            ? 
_citation.pdbx_database_id_PubMed   20886816 
_citation.pdbx_database_id_DOI      10.1021/ja105875e 
# 
loop_
_citation_author.citation_id 
_citation_author.name 
_citation_author.ordinal 
_citation_author.identifier_ORCID 
primary 'Seth, P.P.'     1  ? 
primary 'Allerson, C.R.' 2  ? 
primary 'Berdeja, A.'    3  ? 
primary 'Siwkowski, A.'  4  ? 
primary 'Pallan, P.S.'   5  ? 
primary 'Gaus, H.'       6  ? 
primary 'Prakash, T.P.'  7  ? 
primary 'Watt, A.T.'     8  ? 
primary 'Egli, M.'       9  ? 
primary 'Swayze, E.E.'   10 ? 
# 
_cell.entry_id           3OZ5 
_cell.length_a           24.465 
_cell.length_b           44.112 
_cell.length_c           45.954 
_cell.angle_alpha        90.00 
_cell.angle_beta         90.00 
_cell.angle_gamma        90.00 
_cell.Z_PDB              8 
_cell.pdbx_unique_axis   ? 
_cell.length_a_esd       ? 
_cell.length_b_esd       ? 
_cell.length_c_esd       ? 
_cell.angle_alpha_esd    ? 
_cell.angle_beta_esd     ? 
_cell.angle_gamma_esd    ? 
# 
_symmetry.entry_id                         3OZ5 
_symmetry.space_group_name_H-M             'P 21 21 21' 
_symmetry.pdbx_full_space_group_name_H-M   ? 
_symmetry.cell_setting                     ? 
_symmetry.Int_Tables_number                19 
_symmetry.space_group_name_Hall            ? 
# 
loop_
_entity.id 
_entity.type 
_entity.src_method 
_entity.pdbx_description 
_entity.formula_weight 
_entity.pdbx_number_of_molecules 
_entity.pdbx_ec 
_entity.pdbx_mutation 
_entity.pdbx_fragment 
_entity.details 
1 polymer     syn 
;DNA (5'-D(*GP*CP*GP*TP*AP*(UMX)P*AP*CP*GP*C)-3')
;
3071.043 2  ? ? ? ? 
2 non-polymer syn SPERMINE                                           202.340  1  ? ? ? ? 
3 water       nat water                                              18.015   78 ? ? ? ? 
# 
_entity_poly.entity_id                      1 
_entity_poly.type                           polydeoxyribonucleotide 
_entity_poly.nstd_linkage                   no 
_entity_poly.nstd_monomer                   yes 
_entity_poly.pdbx_seq_one_letter_code       '(DG)(DC)(DG)(DT)(DA)(UMX)(DA)(DC)(DG)(DC)' 
_entity_poly.pdbx_seq_one_letter_code_can   GCGTAXACGC 
_entity_poly.pdbx_strand_id                 A,B 
_entity_poly.pdbx_target_identifier         ? 
# 
loop_
_entity_poly_seq.entity_id 
_entity_poly_seq.num 
_entity_poly_seq.mon_id 
_entity_poly_seq.hetero 
1 1  DG  n 
1 2  DC  n 
1 3  DG  n 
1 4  DT  n 
1 5  DA  n 
1 6  UMX n 
1 7  DA  n 
1 8  DC  n 
1 9  DG  n 
1 10 DC  n 
# 
_struct_ref.id                         1 
_struct_ref.db_name                    PDB 
_struct_ref.db_code                    3OZ5 
_struct_ref.pdbx_db_accession          3OZ5 
_struct_ref.entity_id                  1 
_struct_ref.pdbx_align_begin           ? 
_struct_ref.pdbx_seq_one_letter_code   ? 
_struct_ref.pdbx_db_isoform            ? 
# 
loop_
_struct_ref_seq.align_id 
_struct_ref_seq.ref_id 
_struct_ref_seq.pdbx_PDB_id_code 
_struct_ref_seq.pdbx_strand_id 
_struct_ref_seq.seq_align_beg 
_struct_ref_seq.pdbx_seq_align_beg_ins_code 
_struct_ref_seq.seq_align_end 
_struct_ref_seq.pdbx_seq_align_end_ins_code 
_struct_ref_seq.pdbx_db_accession 
_struct_ref_seq.db_align_beg 
_struct_ref_seq.pdbx_db_align_beg_ins_code 
_struct_ref_seq.db_align_end 
_struct_ref_seq.pdbx_db_align_end_ins_code 
_struct_ref_seq.pdbx_auth_seq_align_beg 
_struct_ref_seq.pdbx_auth_seq_align_end 
1 1 3OZ5 A 1 ? 10 ? 3OZ5 101 ? 110 ? 101 110 
2 1 3OZ5 B 1 ? 10 ? 3OZ5 201 ? 210 ? 201 210 
# 
loop_
_chem_comp.id 
_chem_comp.type 
_chem_comp.mon_nstd_flag 
_chem_comp.name 
_chem_comp.pdbx_synonyms 
_chem_comp.formula 
_chem_comp.formula_weight 
DA  'DNA linking' y "2'-DEOXYADENOSINE-5'-MONOPHOSPHATE" ? 'C10 H14 N5 O6 P' 331.222 
DC  'DNA linking' y "2'-DEOXYCYTIDINE-5'-MONOPHOSPHATE" ? 'C9 H14 N3 O7 P'  307.197 
DG  'DNA linking' y "2'-DEOXYGUANOSINE-5'-MONOPHOSPHATE" ? 'C10 H14 N5 O7 P' 347.221 
DT  'DNA linking' y "THYMIDINE-5'-MONOPHOSPHATE" ? 'C10 H15 N2 O8 P' 322.208 
HOH non-polymer   . WATER ? 'H2 O'            18.015  
SPM non-polymer   . SPERMINE ? 'C10 H26 N4'      202.340 
UMX 'DNA linking' n 
;[(1R,3R,4R,5S,7S)-3-(2,4-dioxo-3,4-dihydropyrimidin-1(2H)-yl)-7-hydroxy-5-methyl-2-oxabicyclo[2.2.1]hept-1-yl]methyl dihydrogen phosphate
;
? 'C12 H17 N2 O8 P' 348.246 
# 
_exptl.entry_id          3OZ5 
_exptl.method            'X-RAY DIFFRACTION' 
_exptl.crystals_number   1 
# 
_exptl_crystal.id                    1 
_exptl_crystal.density_meas          ? 
_exptl_crystal.density_Matthews      2.02 
_exptl_crystal.density_percent_sol   39.07 
_exptl_crystal.description           ? 
_exptl_crystal.F_000                 ? 
_exptl_crystal.preparation           ? 
# 
_exptl_crystal_grow.crystal_id      1 
_exptl_crystal_grow.method          'VAPOR DIFFUSION, HANGING DROP' 
_exptl_crystal_grow.temp            291 
_exptl_crystal_grow.temp_details    ? 
_exptl_crystal_grow.pH              6.0 
_exptl_crystal_grow.pdbx_details    
;20 mM sodium cacodylate, 6 mM sodium chloride, 40 mM potassium chloride, 6 mM spermine tetrahydrochloride, 5% v/v MPD, pH 6.0, VAPOR DIFFUSION, HANGING DROP, temperature 291K
;
_exptl_crystal_grow.pdbx_pH_range   ? 
# 
loop_
_exptl_crystal_grow_comp.crystal_id 
_exptl_crystal_grow_comp.id 
_exptl_crystal_grow_comp.sol_id 
_exptl_crystal_grow_comp.name 
_exptl_crystal_grow_comp.volume 
_exptl_crystal_grow_comp.conc 
_exptl_crystal_grow_comp.details 
1 1  1 'sodium cacodylate'           ? ? ? 
1 2  1 'sodium chloride'             ? ? ? 
1 3  1 'potassium chloride'          ? ? ? 
1 4  1 'spermine tetrahydrochloride' ? ? ? 
1 5  1 MPD                           ? ? ? 
1 6  2 'sodium cacodylate'           ? ? ? 
1 7  2 'sodium chloride'             ? ? ? 
1 8  2 'potassium chloride'          ? ? ? 
1 9  2 'spermine tetrahydrochloride' ? ? ? 
1 10 2 MPD                           ? ? ? 
# 
_diffrn.id                     1 
_diffrn.ambient_temp           100 
_diffrn.ambient_temp_details   ? 
_diffrn.crystal_id             1 
# 
_diffrn_detector.diffrn_id              1 
_diffrn_detector.detector               CCD 
_diffrn_detector.type                   'MARMOSAIC 300 mm CCD' 
_diffrn_detector.pdbx_collection_date   2010-02-14 
_diffrn_detector.details                ? 
# 
_diffrn_radiation.diffrn_id                        1 
_diffrn_radiation.wavelength_id                    1 
_diffrn_radiation.pdbx_monochromatic_or_laue_m_l   M 
_diffrn_radiation.monochromator                    ? 
_diffrn_radiation.pdbx_diffrn_protocol             'SINGLE WAVELENGTH' 
_diffrn_radiation.pdbx_scattering_type             x-ray 
# 
_diffrn_radiation_wavelength.id           1 
_diffrn_radiation_wavelength.wavelength   1.0079 
_diffrn_radiation_wavelength.wt           1.0 
# 
_diffrn_source.diffrn_id                   1 
_diffrn_source.source                      SYNCHROTRON 
_diffrn_source.type                        'APS BEAMLINE 21-ID-D' 
_diffrn_source.pdbx_synchrotron_site       APS 
_diffrn_source.pdbx_synchrotron_beamline   21-ID-D 
_diffrn_source.pdbx_wavelength             ? 
_diffrn_source.pdbx_wavelength_list        1.0079 
# 
_reflns.entry_id                     3OZ5 
_reflns.observed_criterion_sigma_I   ? 
_reflns.observed_criterion_sigma_F   ? 
_reflns.d_resolution_low             50 
_reflns.d_resolution_high            1.35 
_reflns.number_obs                   11119 
_reflns.number_all                   11265 
_reflns.percent_possible_obs         98.7 
_reflns.pdbx_Rmerge_I_obs            0.059 
_reflns.pdbx_Rsym_value              ? 
_reflns.pdbx_netI_over_sigmaI        ? 
_reflns.B_iso_Wilson_estimate        ? 
_reflns.pdbx_redundancy              4.7 
_reflns.R_free_details               ? 
_reflns.limit_h_max                  ? 
_reflns.limit_h_min                  ? 
_reflns.limit_k_max                  ? 
_reflns.limit_k_min                  ? 
_reflns.limit_l_max                  ? 
_reflns.limit_l_min                  ? 
_reflns.observed_criterion_F_max     ? 
_reflns.observed_criterion_F_min     ? 
_reflns.pdbx_chi_squared             ? 
_reflns.pdbx_scaling_rejects         ? 
_reflns.pdbx_diffrn_id               1 
_reflns.pdbx_ordinal                 1 
# 
_reflns_shell.d_res_high             1.35 
_reflns_shell.d_res_low              1.40 
_reflns_shell.percent_possible_all   91.7 
_reflns_shell.Rmerge_I_obs           0.43 
_reflns_shell.pdbx_Rsym_value        ? 
_reflns_shell.meanI_over_sigI_obs    1.7 
_reflns_shell.pdbx_redundancy        3.1 
_reflns_shell.percent_possible_obs   ? 
_reflns_shell.number_unique_all      999 
_reflns_shell.number_measured_all    ? 
_reflns_shell.number_measured_obs    ? 
_reflns_shell.number_unique_obs      ? 
_reflns_shell.pdbx_chi_squared       ? 
_reflns_shell.pdbx_diffrn_id         ? 
_reflns_shell.pdbx_ordinal           1 
# 
_refine.entry_id                                 3OZ5 
_refine.ls_number_reflns_obs                     10229 
_refine.ls_number_reflns_all                     ? 
_refine.pdbx_ls_sigma_I                          ? 
_refine.pdbx_ls_sigma_F                          ? 
_refine.pdbx_data_cutoff_high_absF               ? 
_refine.pdbx_data_cutoff_low_absF                ? 
_refine.pdbx_data_cutoff_high_rms_absF           ? 
_refine.ls_d_res_low                             31.82 
_refine.ls_d_res_high                            1.36 
_refine.ls_percent_reflns_obs                    98.18 
_refine.ls_R_factor_obs                          0.14888 
_refine.ls_R_factor_all                          ? 
_refine.ls_R_factor_R_work                       0.14575 
_refine.ls_R_factor_R_free                       0.18587 
_refine.ls_R_factor_R_free_error                 ? 
_refine.ls_R_factor_R_free_error_details         ? 
_refine.ls_percent_reflns_R_free                 7.7 
_refine.ls_number_reflns_R_free                  857 
_refine.ls_number_parameters                     ? 
_refine.ls_number_restraints                     ? 
_refine.occupancy_min                            ? 
_refine.occupancy_max                            ? 
_refine.correlation_coeff_Fo_to_Fc               0.972 
_refine.correlation_coeff_Fo_to_Fc_free          0.965 
_refine.B_iso_mean                               13.449 
_refine.aniso_B[1][1]                            0.03 
_refine.aniso_B[2][2]                            0.09 
_refine.aniso_B[3][3]                            -0.12 
_refine.aniso_B[1][2]                            0.00 
_refine.aniso_B[1][3]                            0.00 
_refine.aniso_B[2][3]                            0.00 
_refine.solvent_model_details                    MASK 
_refine.solvent_model_param_ksol                 ? 
_refine.solvent_model_param_bsol                 ? 
_refine.pdbx_solvent_vdw_probe_radii             1.40 
_refine.pdbx_solvent_ion_probe_radii             0.80 
_refine.pdbx_solvent_shrinkage_radii             0.80 
_refine.pdbx_ls_cross_valid_method               THROUGHOUT 
_refine.details                                  ? 
_refine.pdbx_starting_model                      'PDB ENTRY 3EY2' 
_refine.pdbx_method_to_determine_struct          'MOLECULAR REPLACEMENT' 
_refine.pdbx_isotropic_thermal_model             ? 
_refine.pdbx_stereochemistry_target_values       'MAXIMUM LIKELIHOOD' 
_refine.pdbx_stereochem_target_val_spec_case     ? 
_refine.pdbx_R_Free_selection_details            RANDOM 
_refine.pdbx_overall_ESU_R_Free                  0.057 
_refine.overall_SU_ML                            0.032 
_refine.overall_SU_B                             1.736 
_refine.overall_SU_R_Cruickshank_DPI             ? 
_refine.ls_redundancy_reflns_obs                 ? 
_refine.B_iso_min                                ? 
_refine.B_iso_max                                ? 
_refine.overall_SU_R_free                        ? 
_refine.ls_wR_factor_R_free                      ? 
_refine.ls_wR_factor_R_work                      ? 
_refine.overall_FOM_free_R_set                   ? 
_refine.overall_FOM_work_R_set                   ? 
_refine.pdbx_overall_phase_error                 ? 
_refine.pdbx_refine_id                           'X-RAY DIFFRACTION' 
_refine.pdbx_overall_ESU_R                       ? 
_refine.pdbx_diffrn_id                           1 
_refine.pdbx_TLS_residual_ADP_flag               ? 
_refine.pdbx_overall_SU_R_free_Cruickshank_DPI   ? 
_refine.pdbx_overall_SU_R_Blow_DPI               ? 
_refine.pdbx_overall_SU_R_free_Blow_DPI          ? 
# 
_refine_hist.pdbx_refine_id                   'X-RAY DIFFRACTION' 
_refine_hist.cycle_id                         LAST 
_refine_hist.pdbx_number_atoms_protein        0 
_refine_hist.pdbx_number_atoms_nucleic_acid   408 
_refine_hist.pdbx_number_atoms_ligand         8 
_refine_hist.number_atoms_solvent             78 
_refine_hist.number_atoms_total               494 
_refine_hist.d_res_high                       1.36 
_refine_hist.d_res_low                        31.82 
# 
loop_
_refine_ls_restr.type 
_refine_ls_restr.dev_ideal 
_refine_ls_restr.dev_ideal_target 
_refine_ls_restr.weight 
_refine_ls_restr.number 
_refine_ls_restr.pdbx_refine_id 
_refine_ls_restr.pdbx_restraint_function 
r_bond_refined_d     0.022 0.021 ? 461 'X-RAY DIFFRACTION' ? 
r_angle_refined_deg  2.398 3.000 ? 698 'X-RAY DIFFRACTION' ? 
r_chiral_restr       0.183 0.200 ? 80  'X-RAY DIFFRACTION' ? 
r_gen_planes_refined 0.019 0.020 ? 208 'X-RAY DIFFRACTION' ? 
r_scbond_it          3.059 3.000 ? 461 'X-RAY DIFFRACTION' ? 
r_scangle_it         3.724 4.500 ? 698 'X-RAY DIFFRACTION' ? 
r_rigid_bond_restr   2.424 3.000 ? 461 'X-RAY DIFFRACTION' ? 
# 
_refine_ls_shell.pdbx_total_number_of_bins_used   20 
_refine_ls_shell.d_res_high                       1.36 
_refine_ls_shell.d_res_low                        1.391 
_refine_ls_shell.number_reflns_R_work             601 
_refine_ls_shell.R_factor_R_work                  0.280 
_refine_ls_shell.percent_reflns_obs               81.51 
_refine_ls_shell.R_factor_R_free                  0.355 
_refine_ls_shell.R_factor_R_free_error            ? 
_refine_ls_shell.percent_reflns_R_free            ? 
_refine_ls_shell.number_reflns_R_free             56 
_refine_ls_shell.number_reflns_all                ? 
_refine_ls_shell.R_factor_all                     ? 
_refine_ls_shell.number_reflns_obs                ? 
_refine_ls_shell.redundancy_reflns_obs            ? 
_refine_ls_shell.pdbx_refine_id                   'X-RAY DIFFRACTION' 
# 
_struct.entry_id                  3OZ5 
_struct.title                     'S-Methyl Carbocyclic LNA' 
_struct.pdbx_model_details        ? 
_struct.pdbx_CASP_flag            ? 
_struct.pdbx_model_type_details   ? 
# 
_struct_keywords.entry_id        3OZ5 
_struct_keywords.pdbx_keywords   DNA 
_struct_keywords.text            
'A-form DNA, S-Methyl carbocyclic LNA, S-Me-c-LNA, antisense oligonucleotides, S-Methyl-carbocyclic LNA, DNA' 
# 
loop_
_struct_asym.id 
_struct_asym.pdbx_blank_PDB_chainid_flag 
_struct_asym.pdbx_modified 
_struct_asym.entity_id 
_struct_asym.details 
A N N 1 ? 
B N N 1 ? 
C N N 2 ? 
D N N 3 ? 
E N N 3 ? 
# 
_struct_biol.id        1 
_struct_biol.details   ? 
# 
loop_
_struct_conn.id 
_struct_conn.conn_type_id 
_struct_conn.pdbx_leaving_atom_flag 
_struct_conn.pdbx_PDB_id 
_struct_conn.ptnr1_label_asym_id 
_struct_conn.ptnr1_label_comp_id 
_struct_conn.ptnr1_label_seq_id 
_struct_conn.ptnr1_label_atom_id 
_struct_conn.pdbx_ptnr1_label_alt_id 
_struct_conn.pdbx_ptnr1_PDB_ins_code 
_struct_conn.pdbx_ptnr1_standard_comp_id 
_struct_conn.ptnr1_symmetry 
_struct_conn.ptnr2_label_asym_id 
_struct_conn.ptnr2_label_comp_id 
_struct_conn.ptnr2_label_seq_id 
_struct_conn.ptnr2_label_atom_id 
_struct_conn.pdbx_ptnr2_label_alt_id 
_struct_conn.pdbx_ptnr2_PDB_ins_code 
_struct_conn.ptnr1_auth_asym_id 
_struct_conn.ptnr1_auth_comp_id 
_struct_conn.ptnr1_auth_seq_id 
_struct_conn.ptnr2_auth_asym_id 
_struct_conn.ptnr2_auth_comp_id 
_struct_conn.ptnr2_auth_seq_id 
_struct_conn.ptnr2_symmetry 
_struct_conn.pdbx_ptnr3_label_atom_id 
_struct_conn.pdbx_ptnr3_label_seq_id 
_struct_conn.pdbx_ptnr3_label_comp_id 
_struct_conn.pdbx_ptnr3_label_asym_id 
_struct_conn.pdbx_ptnr3_label_alt_id 
_struct_conn.pdbx_ptnr3_PDB_ins_code 
_struct_conn.details 
_struct_conn.pdbx_dist_value 
_struct_conn.pdbx_value_order 
_struct_conn.pdbx_role 
covale1  covale both ? A DA  5  "O3'" ? ? ? 1_555 A UMX 6  P  ? ? A DA  105 A UMX 106 1_555 ? ? ? ? ? ? ?            1.611 ? ? 
covale2  covale both ? A UMX 6  "O3'" ? ? ? 1_555 A DA  7  P  ? ? A UMX 106 A DA  107 1_555 ? ? ? ? ? ? ?            1.576 ? ? 
covale3  covale both ? B DA  5  "O3'" ? ? ? 1_555 B UMX 6  P  ? ? B DA  205 B UMX 206 1_555 ? ? ? ? ? ? ?            1.639 ? ? 
covale4  covale both ? B UMX 6  "O3'" ? ? ? 1_555 B DA  7  P  ? ? B UMX 206 B DA  207 1_555 ? ? ? ? ? ? ?            1.619 ? ? 
hydrog1  hydrog ?    ? A DG  1  N1    ? ? ? 1_555 B DC  10 N3 ? ? A DG  101 B DC  210 1_555 ? ? ? ? ? ? WATSON-CRICK ?     ? ? 
hydrog2  hydrog ?    ? A DG  1  N2    ? ? ? 1_555 B DC  10 O2 ? ? A DG  101 B DC  210 1_555 ? ? ? ? ? ? WATSON-CRICK ?     ? ? 
hydrog3  hydrog ?    ? A DG  1  O6    ? ? ? 1_555 B DC  10 N4 ? ? A DG  101 B DC  210 1_555 ? ? ? ? ? ? WATSON-CRICK ?     ? ? 
hydrog4  hydrog ?    ? A DC  2  N3    ? ? ? 1_555 B DG  9  N1 ? ? A DC  102 B DG  209 1_555 ? ? ? ? ? ? WATSON-CRICK ?     ? ? 
hydrog5  hydrog ?    ? A DC  2  N4    ? ? ? 1_555 B DG  9  O6 ? ? A DC  102 B DG  209 1_555 ? ? ? ? ? ? WATSON-CRICK ?     ? ? 
hydrog6  hydrog ?    ? A DC  2  O2    ? ? ? 1_555 B DG  9  N2 ? ? A DC  102 B DG  209 1_555 ? ? ? ? ? ? WATSON-CRICK ?     ? ? 
hydrog7  hydrog ?    ? A DG  3  N1    ? ? ? 1_555 B DC  8  N3 ? ? A DG  103 B DC  208 1_555 ? ? ? ? ? ? WATSON-CRICK ?     ? ? 
hydrog8  hydrog ?    ? A DG  3  N2    ? ? ? 1_555 B DC  8  O2 ? ? A DG  103 B DC  208 1_555 ? ? ? ? ? ? WATSON-CRICK ?     ? ? 
hydrog9  hydrog ?    ? A DG  3  O6    ? ? ? 1_555 B DC  8  N4 ? ? A DG  103 B DC  208 1_555 ? ? ? ? ? ? WATSON-CRICK ?     ? ? 
hydrog10 hydrog ?    ? A DT  4  N3    ? ? ? 1_555 B DA  7  N1 ? ? A DT  104 B DA  207 1_555 ? ? ? ? ? ? WATSON-CRICK ?     ? ? 
hydrog11 hydrog ?    ? A DT  4  O4    ? ? ? 1_555 B DA  7  N6 ? ? A DT  104 B DA  207 1_555 ? ? ? ? ? ? WATSON-CRICK ?     ? ? 
hydrog12 hydrog ?    ? A DA  7  N1    ? ? ? 1_555 B DT  4  N3 ? ? A DA  107 B DT  204 1_555 ? ? ? ? ? ? WATSON-CRICK ?     ? ? 
hydrog13 hydrog ?    ? A DA  7  N6    ? ? ? 1_555 B DT  4  O4 ? ? A DA  107 B DT  204 1_555 ? ? ? ? ? ? WATSON-CRICK ?     ? ? 
hydrog14 hydrog ?    ? A DC  8  N3    ? ? ? 1_555 B DG  3  N1 ? ? A DC  108 B DG  203 1_555 ? ? ? ? ? ? WATSON-CRICK ?     ? ? 
hydrog15 hydrog ?    ? A DC  8  N4    ? ? ? 1_555 B DG  3  O6 ? ? A DC  108 B DG  203 1_555 ? ? ? ? ? ? WATSON-CRICK ?     ? ? 
hydrog16 hydrog ?    ? A DC  8  O2    ? ? ? 1_555 B DG  3  N2 ? ? A DC  108 B DG  203 1_555 ? ? ? ? ? ? WATSON-CRICK ?     ? ? 
hydrog17 hydrog ?    ? A DG  9  N1    ? ? ? 1_555 B DC  2  N3 ? ? A DG  109 B DC  202 1_555 ? ? ? ? ? ? WATSON-CRICK ?     ? ? 
hydrog18 hydrog ?    ? A DG  9  N2    ? ? ? 1_555 B DC  2  O2 ? ? A DG  109 B DC  202 1_555 ? ? ? ? ? ? WATSON-CRICK ?     ? ? 
hydrog19 hydrog ?    ? A DG  9  O6    ? ? ? 1_555 B DC  2  N4 ? ? A DG  109 B DC  202 1_555 ? ? ? ? ? ? WATSON-CRICK ?     ? ? 
hydrog20 hydrog ?    ? A DC  10 N3    ? ? ? 1_555 B DG  1  N1 ? ? A DC  110 B DG  201 1_555 ? ? ? ? ? ? WATSON-CRICK ?     ? ? 
hydrog21 hydrog ?    ? A DC  10 N4    ? ? ? 1_555 B DG  1  O6 ? ? A DC  110 B DG  201 1_555 ? ? ? ? ? ? WATSON-CRICK ?     ? ? 
hydrog22 hydrog ?    ? A DC  10 O2    ? ? ? 1_555 B DG  1  N2 ? ? A DC  110 B DG  201 1_555 ? ? ? ? ? ? WATSON-CRICK ?     ? ? 
# 
loop_
_struct_conn_type.id 
_struct_conn_type.criteria 
_struct_conn_type.reference 
covale ? ? 
hydrog ? ? 
# 
_struct_site.id                   AC1 
_struct_site.pdbx_evidence_code   Software 
_struct_site.pdbx_auth_asym_id    B 
_struct_site.pdbx_auth_comp_id    SPM 
_struct_site.pdbx_auth_seq_id     401 
_struct_site.pdbx_auth_ins_code   ? 
_struct_site.pdbx_num_residues    8 
_struct_site.details              'BINDING SITE FOR RESIDUE SPM B 401' 
# 
loop_
_struct_site_gen.id 
_struct_site_gen.site_id 
_struct_site_gen.pdbx_num_res 
_struct_site_gen.label_comp_id 
_struct_site_gen.label_asym_id 
_struct_site_gen.label_seq_id 
_struct_site_gen.pdbx_auth_ins_code 
_struct_site_gen.auth_comp_id 
_struct_site_gen.auth_asym_id 
_struct_site_gen.auth_seq_id 
_struct_site_gen.label_atom_id 
_struct_site_gen.label_alt_id 
_struct_site_gen.symmetry 
_struct_site_gen.details 
1 AC1 8 DG  A 9 ? DG  A 109 . ? 4_554 ? 
2 AC1 8 HOH D . ? HOH A 305 . ? 4_554 ? 
3 AC1 8 HOH D . ? HOH A 312 . ? 2_454 ? 
4 AC1 8 HOH D . ? HOH A 354 . ? 2_454 ? 
5 AC1 8 DG  B 3 ? DG  B 203 . ? 1_555 ? 
6 AC1 8 DT  B 4 ? DT  B 204 . ? 1_555 ? 
7 AC1 8 DC  B 8 ? DC  B 208 . ? 2_554 ? 
8 AC1 8 DG  B 9 ? DG  B 209 . ? 2_554 ? 
# 
_atom_sites.entry_id                    3OZ5 
_atom_sites.fract_transf_matrix[1][1]   -0.00780360 
_atom_sites.fract_transf_matrix[1][2]   -0.02189211 
_atom_sites.fract_transf_matrix[1][3]   -0.03362447 
_atom_sites.fract_transf_matrix[2][1]   0.01434755 
_atom_sites.fract_transf_matrix[2][2]   0.01299959 
_atom_sites.fract_transf_matrix[2][3]   -0.01179353 
_atom_sites.fract_transf_matrix[3][1]   0.01632808 
_atom_sites.fract_transf_matrix[3][2]   -0.01349056 
_atom_sites.fract_transf_matrix[3][3]   0.00499395 
_atom_sites.fract_transf_vector[1]      -0.114187 
_atom_sites.fract_transf_vector[2]      0.040954 
_atom_sites.fract_transf_vector[3]      -0.258056 
# 
loop_
_atom_type.symbol 
C 
N 
O 
P 
# 
loop_
_atom_site.group_PDB 
_atom_site.id 
_atom_site.type_symbol 
_atom_site.label_atom_id 
_atom_site.label_alt_id 
_atom_site.label_comp_id 
_atom_site.label_asym_id 
_atom_site.label_entity_id 
_atom_site.label_seq_id 
_atom_site.pdbx_PDB_ins_code 
_atom_site.Cartn_x 
_atom_site.Cartn_y 
_atom_site.Cartn_z 
_atom_site.occupancy 
_atom_site.B_iso_or_equiv 
_atom_site.pdbx_formal_charge 
_atom_site.auth_seq_id 
_atom_site.auth_comp_id 
_atom_site.auth_asym_id 
_atom_site.auth_atom_id 
_atom_site.pdbx_PDB_model_num 
ATOM   1   O "O5'" . DG  A 1 1  ? -9.654  -5.126  -3.348  1.00 23.37 ? 101 DG  A "O5'" 1 
ATOM   2   C "C5'" . DG  A 1 1  ? -10.932 -5.024  -2.737  1.00 20.73 ? 101 DG  A "C5'" 1 
ATOM   3   C "C4'" . DG  A 1 1  ? -11.096 -6.031  -1.628  1.00 15.03 ? 101 DG  A "C4'" 1 
ATOM   4   O "O4'" . DG  A 1 1  ? -10.835 -7.363  -2.113  1.00 14.83 ? 101 DG  A "O4'" 1 
ATOM   5   C "C3'" . DG  A 1 1  ? -10.054 -5.877  -0.489  1.00 14.44 ? 101 DG  A "C3'" 1 
ATOM   6   O "O3'" . DG  A 1 1  ? -10.488 -4.847  0.387   1.00 14.35 ? 101 DG  A "O3'" 1 
ATOM   7   C "C2'" . DG  A 1 1  ? -10.028 -7.235  0.143   1.00 13.50 ? 101 DG  A "C2'" 1 
ATOM   8   C "C1'" . DG  A 1 1  ? -10.148 -8.110  -1.107  1.00 15.09 ? 101 DG  A "C1'" 1 
ATOM   9   N N9    . DG  A 1 1  ? -8.827  -8.481  -1.694  1.00 14.57 ? 101 DG  A N9    1 
ATOM   10  C C8    . DG  A 1 1  ? -8.312  -8.130  -2.899  1.00 17.77 ? 101 DG  A C8    1 
ATOM   11  N N7    . DG  A 1 1  ? -7.122  -8.638  -3.117  1.00 17.83 ? 101 DG  A N7    1 
ATOM   12  C C5    . DG  A 1 1  ? -6.857  -9.394  -1.955  1.00 14.31 ? 101 DG  A C5    1 
ATOM   13  C C6    . DG  A 1 1  ? -5.714  -10.182 -1.582  1.00 13.54 ? 101 DG  A C6    1 
ATOM   14  O O6    . DG  A 1 1  ? -4.680  -10.408 -2.254  1.00 14.48 ? 101 DG  A O6    1 
ATOM   15  N N1    . DG  A 1 1  ? -5.881  -10.768 -0.308  1.00 12.12 ? 101 DG  A N1    1 
ATOM   16  C C2    . DG  A 1 1  ? -6.974  -10.618 0.471   1.00 11.14 ? 101 DG  A C2    1 
ATOM   17  N N2    . DG  A 1 1  ? -6.944  -11.239 1.671   1.00 11.91 ? 101 DG  A N2    1 
ATOM   18  N N3    . DG  A 1 1  ? -8.029  -9.880  0.137   1.00 11.30 ? 101 DG  A N3    1 
ATOM   19  C C4    . DG  A 1 1  ? -7.889  -9.307  -1.090  1.00 13.97 ? 101 DG  A C4    1 
ATOM   20  P P     . DC  A 1 2  ? -9.488  -3.942  1.176   1.00 14.72 ? 102 DC  A P     1 
ATOM   21  O OP1   . DC  A 1 2  ? -10.318 -2.957  1.914   1.00 17.21 ? 102 DC  A OP1   1 
ATOM   22  O OP2   . DC  A 1 2  ? -8.337  -3.477  0.341   1.00 15.93 ? 102 DC  A OP2   1 
ATOM   23  O "O5'" . DC  A 1 2  ? -8.808  -4.960  2.231   1.00 13.17 ? 102 DC  A "O5'" 1 
ATOM   24  C "C5'" . DC  A 1 2  ? -9.559  -5.497  3.312   1.00 12.20 ? 102 DC  A "C5'" 1 
ATOM   25  C "C4'" . DC  A 1 2  ? -8.678  -6.517  4.000   1.00 11.72 ? 102 DC  A "C4'" 1 
ATOM   26  O "O4'" . DC  A 1 2  ? -8.253  -7.550  3.084   1.00 11.51 ? 102 DC  A "O4'" 1 
ATOM   27  C "C3'" . DC  A 1 2  ? -7.390  -5.968  4.531   1.00 11.86 ? 102 DC  A "C3'" 1 
ATOM   28  O "O3'" . DC  A 1 2  ? -7.675  -5.421  5.816   1.00 12.28 ? 102 DC  A "O3'" 1 
ATOM   29  C "C2'" . DC  A 1 2  ? -6.524  -7.224  4.625   1.00 9.58  ? 102 DC  A "C2'" 1 
ATOM   30  C "C1'" . DC  A 1 2  ? -6.931  -7.983  3.390   1.00 9.43  ? 102 DC  A "C1'" 1 
ATOM   31  N N1    . DC  A 1 2  ? -6.050  -7.743  2.219   1.00 10.69 ? 102 DC  A N1    1 
ATOM   32  C C2    . DC  A 1 2  ? -4.878  -8.483  2.130   1.00 11.16 ? 102 DC  A C2    1 
ATOM   33  O O2    . DC  A 1 2  ? -4.607  -9.217  3.050   1.00 10.95 ? 102 DC  A O2    1 
ATOM   34  N N3    . DC  A 1 2  ? -4.077  -8.329  1.072   1.00 8.69  ? 102 DC  A N3    1 
ATOM   35  C C4    . DC  A 1 2  ? -4.399  -7.457  0.096   1.00 11.02 ? 102 DC  A C4    1 
ATOM   36  N N4    . DC  A 1 2  ? -3.582  -7.355  -0.978  1.00 11.34 ? 102 DC  A N4    1 
ATOM   37  C C5    . DC  A 1 2  ? -5.591  -6.688  0.158   1.00 11.46 ? 102 DC  A C5    1 
ATOM   38  C C6    . DC  A 1 2  ? -6.409  -6.879  1.203   1.00 11.12 ? 102 DC  A C6    1 
ATOM   39  P P     . DG  A 1 3  ? -6.649  -4.438  6.562   1.00 13.80 ? 103 DG  A P     1 
ATOM   40  O OP1   . DG  A 1 3  ? -7.255  -4.081  7.869   1.00 16.39 ? 103 DG  A OP1   1 
ATOM   41  O OP2   . DG  A 1 3  ? -6.263  -3.369  5.644   1.00 16.50 ? 103 DG  A OP2   1 
ATOM   42  O "O5'" . DG  A 1 3  ? -5.397  -5.383  6.803   1.00 12.46 ? 103 DG  A "O5'" 1 
ATOM   43  C "C5'" . DG  A 1 3  ? -4.076  -4.893  6.862   1.00 11.86 ? 103 DG  A "C5'" 1 
ATOM   44  C "C4'" . DG  A 1 3  ? -3.141  -6.096  6.916   1.00 12.18 ? 103 DG  A "C4'" 1 
ATOM   45  O "O4'" . DG  A 1 3  ? -3.288  -6.863  5.706   1.00 11.68 ? 103 DG  A "O4'" 1 
ATOM   46  C "C3'" . DG  A 1 3  ? -1.652  -5.755  6.970   1.00 11.96 ? 103 DG  A "C3'" 1 
ATOM   47  O "O3'" . DG  A 1 3  ? -1.310  -5.564  8.324   1.00 11.88 ? 103 DG  A "O3'" 1 
ATOM   48  C "C2'" . DG  A 1 3  ? -0.982  -6.997  6.372   1.00 10.83 ? 103 DG  A "C2'" 1 
ATOM   49  C "C1'" . DG  A 1 3  ? -2.000  -7.354  5.324   1.00 11.59 ? 103 DG  A "C1'" 1 
ATOM   50  N N9    . DG  A 1 3  ? -1.744  -6.859  3.976   1.00 10.66 ? 103 DG  A N9    1 
ATOM   51  C C8    . DG  A 1 3  ? -2.568  -6.093  3.192   1.00 10.68 ? 103 DG  A C8    1 
ATOM   52  N N7    . DG  A 1 3  ? -2.066  -5.846  1.986   1.00 10.61 ? 103 DG  A N7    1 
ATOM   53  C C5    . DG  A 1 3  ? -0.853  -6.538  1.984   1.00 10.34 ? 103 DG  A C5    1 
ATOM   54  C C6    . DG  A 1 3  ? 0.131   -6.665  0.971   1.00 9.57  ? 103 DG  A C6    1 
ATOM   55  O O6    . DG  A 1 3  ? 0.110   -6.204  -0.192  1.00 11.62 ? 103 DG  A O6    1 
ATOM   56  N N1    . DG  A 1 3  ? 1.197   -7.447  1.387   1.00 8.60  ? 103 DG  A N1    1 
ATOM   57  C C2    . DG  A 1 3  ? 1.336   -8.021  2.650   1.00 8.30  ? 103 DG  A C2    1 
ATOM   58  N N2    . DG  A 1 3  ? 2.460   -8.688  2.893   1.00 9.54  ? 103 DG  A N2    1 
ATOM   59  N N3    . DG  A 1 3  ? 0.423   -7.906  3.612   1.00 9.60  ? 103 DG  A N3    1 
ATOM   60  C C4    . DG  A 1 3  ? -0.649  -7.155  3.199   1.00 10.31 ? 103 DG  A C4    1 
ATOM   61  P P     . DT  A 1 4  ? -0.099  -4.619  8.672   1.00 12.16 ? 104 DT  A P     1 
ATOM   62  O OP1   . DT  A 1 4  ? -0.014  -4.520  10.134  1.00 14.42 ? 104 DT  A OP1   1 
ATOM   63  O OP2   . DT  A 1 4  ? -0.200  -3.374  7.868   1.00 13.93 ? 104 DT  A OP2   1 
ATOM   64  O "O5'" . DT  A 1 4  ? 1.195   -5.351  8.101   1.00 11.13 ? 104 DT  A "O5'" 1 
ATOM   65  C "C5'" . DT  A 1 4  ? 1.859   -6.372  8.860   1.00 12.74 ? 104 DT  A "C5'" 1 
ATOM   66  C "C4'" . DT  A 1 4  ? 3.240   -6.628  8.251   1.00 9.13  ? 104 DT  A "C4'" 1 
ATOM   67  O "O4'" . DT  A 1 4  ? 3.073   -7.196  6.917   1.00 10.36 ? 104 DT  A "O4'" 1 
ATOM   68  C "C3'" . DT  A 1 4  ? 4.051   -5.403  7.993   1.00 10.78 ? 104 DT  A "C3'" 1 
ATOM   69  O "O3'" . DT  A 1 4  ? 4.730   -4.985  9.214   1.00 12.08 ? 104 DT  A "O3'" 1 
ATOM   70  C "C2'" . DT  A 1 4  ? 5.037   -5.857  6.930   1.00 10.07 ? 104 DT  A "C2'" 1 
ATOM   71  C "C1'" . DT  A 1 4  ? 4.139   -6.683  6.081   1.00 10.91 ? 104 DT  A "C1'" 1 
ATOM   72  N N1    . DT  A 1 4  ? 3.495   -5.969  4.940   1.00 9.28  ? 104 DT  A N1    1 
ATOM   73  C C2    . DT  A 1 4  ? 4.182   -5.976  3.729   1.00 8.46  ? 104 DT  A C2    1 
ATOM   74  O O2    . DT  A 1 4  ? 5.266   -6.509  3.599   1.00 9.37  ? 104 DT  A O2    1 
ATOM   75  N N3    . DT  A 1 4  ? 3.531   -5.314  2.693   1.00 8.91  ? 104 DT  A N3    1 
ATOM   76  C C4    . DT  A 1 4  ? 2.354   -4.665  2.778   1.00 9.33  ? 104 DT  A C4    1 
ATOM   77  O O4    . DT  A 1 4  ? 1.843   -4.141  1.772   1.00 10.23 ? 104 DT  A O4    1 
ATOM   78  C C5    . DT  A 1 4  ? 1.696   -4.658  4.089   1.00 8.40  ? 104 DT  A C5    1 
ATOM   79  C C7    . DT  A 1 4  ? 0.398   -3.918  4.238   1.00 10.08 ? 104 DT  A C7    1 
ATOM   80  C C6    . DT  A 1 4  ? 2.306   -5.294  5.113   1.00 9.77  ? 104 DT  A C6    1 
ATOM   81  P P     . DA  A 1 5  ? 5.150   -3.465  9.431   1.00 12.23 ? 105 DA  A P     1 
ATOM   82  O OP1   . DA  A 1 5  ? 5.732   -3.375  10.824  1.00 13.91 ? 105 DA  A OP1   1 
ATOM   83  O OP2   . DA  A 1 5  ? 4.056   -2.556  9.099   1.00 12.80 ? 105 DA  A OP2   1 
ATOM   84  O "O5'" . DA  A 1 5  ? 6.318   -3.276  8.382   1.00 11.30 ? 105 DA  A "O5'" 1 
ATOM   85  C "C5'" . DA  A 1 5  ? 6.448   -2.075  7.650   1.00 11.86 ? 105 DA  A "C5'" 1 
ATOM   86  C "C4'" . DA  A 1 5  ? 7.444   -2.320  6.533   1.00 10.70 ? 105 DA  A "C4'" 1 
ATOM   87  O "O4'" . DA  A 1 5  ? 6.834   -3.230  5.596   1.00 11.06 ? 105 DA  A "O4'" 1 
ATOM   88  C "C3'" . DA  A 1 5  ? 7.795   -1.106  5.706   1.00 13.60 ? 105 DA  A "C3'" 1 
ATOM   89  O "O3'" . DA  A 1 5  ? 8.944   -0.465  6.282   1.00 15.14 ? 105 DA  A "O3'" 1 
ATOM   90  C "C2'" . DA  A 1 5  ? 8.147   -1.712  4.369   1.00 12.65 ? 105 DA  A "C2'" 1 
ATOM   91  C "C1'" . DA  A 1 5  ? 7.127   -2.814  4.280   1.00 12.00 ? 105 DA  A "C1'" 1 
ATOM   92  N N9    . DA  A 1 5  ? 5.904   -2.442  3.607   1.00 10.50 ? 105 DA  A N9    1 
ATOM   93  C C8    . DA  A 1 5  ? 4.689   -2.235  4.134   1.00 11.41 ? 105 DA  A C8    1 
ATOM   94  N N7    . DA  A 1 5  ? 3.767   -1.906  3.234   1.00 10.62 ? 105 DA  A N7    1 
ATOM   95  C C5    . DA  A 1 5  ? 4.457   -1.923  2.026   1.00 9.44  ? 105 DA  A C5    1 
ATOM   96  C C6    . DA  A 1 5  ? 4.048   -1.703  0.680   1.00 10.25 ? 105 DA  A C6    1 
ATOM   97  N N6    . DA  A 1 5  ? 2.788   -1.384  0.331   1.00 10.94 ? 105 DA  A N6    1 
ATOM   98  N N1    . DA  A 1 5  ? 5.016   -1.829  -0.274  1.00 9.47  ? 105 DA  A N1    1 
ATOM   99  C C2    . DA  A 1 5  ? 6.263   -2.133  0.052   1.00 10.19 ? 105 DA  A C2    1 
ATOM   100 N N3    . DA  A 1 5  ? 6.763   -2.368  1.303   1.00 10.45 ? 105 DA  A N3    1 
ATOM   101 C C4    . DA  A 1 5  ? 5.776   -2.267  2.229   1.00 10.34 ? 105 DA  A C4    1 
HETATM 102 P P     . UMX A 1 6  ? 8.957   1.134   6.481   1.00 17.05 ? 106 UMX A P     1 
HETATM 103 N N1    . UMX A 1 6  ? 6.998   1.401   1.461   1.00 10.79 ? 106 UMX A N1    1 
HETATM 104 C C2    . UMX A 1 6  ? 6.167   1.497   0.388   1.00 10.50 ? 106 UMX A C2    1 
HETATM 105 O O2    . UMX A 1 6  ? 6.677   1.564   -0.778  1.00 11.54 ? 106 UMX A O2    1 
HETATM 106 N N3    . UMX A 1 6  ? 4.818   1.513   0.531   1.00 10.82 ? 106 UMX A N3    1 
HETATM 107 C C4    . UMX A 1 6  ? 4.260   1.456   1.730   1.00 10.32 ? 106 UMX A C4    1 
HETATM 108 O O4    . UMX A 1 6  ? 3.036   1.504   1.856   1.00 11.87 ? 106 UMX A O4    1 
HETATM 109 C C5    . UMX A 1 6  ? 5.112   1.382   2.884   1.00 10.85 ? 106 UMX A C5    1 
HETATM 110 C C6    . UMX A 1 6  ? 6.462   1.339   2.702   1.00 10.89 ? 106 UMX A C6    1 
HETATM 111 C "C1'" . UMX A 1 6  ? 8.445   1.324   1.222   1.00 12.18 ? 106 UMX A "C1'" 1 
HETATM 112 C "C2'" . UMX A 1 6  ? 9.152   2.649   1.010   1.00 12.25 ? 106 UMX A "C2'" 1 
HETATM 113 C "C3'" . UMX A 1 6  ? 9.306   2.995   2.443   1.00 13.58 ? 106 UMX A "C3'" 1 
HETATM 114 O "O3'" . UMX A 1 6  ? 10.162  4.159   2.711   1.00 14.93 ? 106 UMX A "O3'" 1 
HETATM 115 C "C4'" . UMX A 1 6  ? 10.031  1.720   2.801   1.00 13.98 ? 106 UMX A "C4'" 1 
HETATM 116 O "O4'" . UMX A 1 6  ? 9.078   0.737   2.359   1.00 12.47 ? 106 UMX A "O4'" 1 
HETATM 117 C "C5'" . UMX A 1 6  ? 10.325  1.546   4.280   1.00 13.09 ? 106 UMX A "C5'" 1 
HETATM 118 O "O5'" . UMX A 1 6  ? 9.081   1.688   5.007   1.00 14.61 ? 106 UMX A "O5'" 1 
HETATM 119 C "C6'" . UMX A 1 6  ? 10.519  2.200   0.537   1.00 14.15 ? 106 UMX A "C6'" 1 
HETATM 120 C "C7'" . UMX A 1 6  ? 11.327  3.249   -0.157  1.00 17.95 ? 106 UMX A "C7'" 1 
HETATM 121 C "C8'" . UMX A 1 6  ? 11.209  1.706   1.821   1.00 15.40 ? 106 UMX A "C8'" 1 
HETATM 122 O OP1   . UMX A 1 6  ? 10.232  1.527   7.302   1.00 23.11 ? 106 UMX A OP1   1 
HETATM 123 O OP2   . UMX A 1 6  ? 7.587   1.692   6.959   1.00 20.17 ? 106 UMX A OP2   1 
ATOM   124 P P     . DA  A 1 7  ? 9.588   5.543   3.199   1.00 15.16 ? 107 DA  A P     1 
ATOM   125 O OP1   . DA  A 1 7  ? 10.799  6.309   3.681   1.00 17.46 ? 107 DA  A OP1   1 
ATOM   126 O OP2   . DA  A 1 7  ? 8.440   5.393   4.124   1.00 16.15 ? 107 DA  A OP2   1 
ATOM   127 O "O5'" . DA  A 1 7  ? 8.977   6.230   1.878   1.00 11.98 ? 107 DA  A "O5'" 1 
ATOM   128 C "C5'" . DA  A 1 7  ? 9.891   6.679   0.906   1.00 12.92 ? 107 DA  A "C5'" 1 
ATOM   129 C "C4'" . DA  A 1 7  ? 9.164   6.944   -0.364  1.00 11.93 ? 107 DA  A "C4'" 1 
ATOM   130 O "O4'" . DA  A 1 7  ? 8.580   5.700   -0.874  1.00 12.53 ? 107 DA  A "O4'" 1 
ATOM   131 C "C3'" . DA  A 1 7  ? 7.984   7.938   -0.268  1.00 11.63 ? 107 DA  A "C3'" 1 
ATOM   132 O "O3'" . DA  A 1 7  ? 8.513   9.224   -0.269  1.00 12.09 ? 107 DA  A "O3'" 1 
ATOM   133 C "C2'" . DA  A 1 7  ? 7.252   7.576   -1.568  1.00 11.97 ? 107 DA  A "C2'" 1 
ATOM   134 C "C1'" . DA  A 1 7  ? 7.313   6.007   -1.544  1.00 11.41 ? 107 DA  A "C1'" 1 
ATOM   135 N N9    . DA  A 1 7  ? 6.206   5.440   -0.773  1.00 9.95  ? 107 DA  A N9    1 
ATOM   136 C C8    . DA  A 1 7  ? 6.161   5.063   0.561   1.00 11.55 ? 107 DA  A C8    1 
ATOM   137 N N7    . DA  A 1 7  ? 4.980   4.657   0.947   1.00 12.17 ? 107 DA  A N7    1 
ATOM   138 C C5    . DA  A 1 7  ? 4.161   4.789   -0.202  1.00 9.78  ? 107 DA  A C5    1 
ATOM   139 C C6    . DA  A 1 7  ? 2.800   4.562   -0.460  1.00 10.03 ? 107 DA  A C6    1 
ATOM   140 N N6    . DA  A 1 7  ? 1.916   4.058   0.426   1.00 11.05 ? 107 DA  A N6    1 
ATOM   141 N N1    . DA  A 1 7  ? 2.372   4.830   -1.734  1.00 10.51 ? 107 DA  A N1    1 
ATOM   142 C C2    . DA  A 1 7  ? 3.201   5.316   -2.632  1.00 9.80  ? 107 DA  A C2    1 
ATOM   143 N N3    . DA  A 1 7  ? 4.462   5.584   -2.495  1.00 10.42 ? 107 DA  A N3    1 
ATOM   144 C C4    . DA  A 1 7  ? 4.900   5.294   -1.247  1.00 11.13 ? 107 DA  A C4    1 
ATOM   145 P P     . DC  A 1 8  ? 7.690   10.452  0.369   1.00 13.03 ? 108 DC  A P     1 
ATOM   146 O OP1   . DC  A 1 8  ? 8.608   11.564  0.357   1.00 15.99 ? 108 DC  A OP1   1 
ATOM   147 O OP2   . DC  A 1 8  ? 7.019   9.971   1.624   1.00 14.79 ? 108 DC  A OP2   1 
ATOM   148 O "O5'" . DC  A 1 8  ? 6.509   10.760  -0.676  1.00 11.54 ? 108 DC  A "O5'" 1 
ATOM   149 C "C5'" . DC  A 1 8  ? 6.815   11.183  -2.014  1.00 11.20 ? 108 DC  A "C5'" 1 
ATOM   150 C "C4'" . DC  A 1 8  ? 5.597   11.131  -2.891  1.00 10.79 ? 108 DC  A "C4'" 1 
ATOM   151 O "O4'" . DC  A 1 8  ? 5.137   9.758   -2.948  1.00 10.32 ? 108 DC  A "O4'" 1 
ATOM   152 C "C3'" . DC  A 1 8  ? 4.379   11.893  -2.403  1.00 9.94  ? 108 DC  A "C3'" 1 
ATOM   153 O "O3'" . DC  A 1 8  ? 4.551   13.276  -2.735  1.00 9.99  ? 108 DC  A "O3'" 1 
ATOM   154 C "C2'" . DC  A 1 8  ? 3.254   11.190  -3.246  1.00 10.19 ? 108 DC  A "C2'" 1 
ATOM   155 C "C1'" . DC  A 1 8  ? 3.731   9.714   -3.102  1.00 9.36  ? 108 DC  A "C1'" 1 
ATOM   156 N N1    . DC  A 1 8  ? 3.159   9.034   -1.944  1.00 9.49  ? 108 DC  A N1    1 
ATOM   157 C C2    . DC  A 1 8  ? 1.836   8.637   -2.059  1.00 10.39 ? 108 DC  A C2    1 
ATOM   158 O O2    . DC  A 1 8  ? 1.280   8.808   -3.155  1.00 10.75 ? 108 DC  A O2    1 
ATOM   159 N N3    . DC  A 1 8  ? 1.239   8.005   -1.013  1.00 10.70 ? 108 DC  A N3    1 
ATOM   160 C C4    . DC  A 1 8  ? 1.881   7.859   0.136   1.00 9.74  ? 108 DC  A C4    1 
ATOM   161 N N4    . DC  A 1 8  ? 1.237   7.231   1.152   1.00 11.15 ? 108 DC  A N4    1 
ATOM   162 C C5    . DC  A 1 8  ? 3.225   8.306   0.295   1.00 10.73 ? 108 DC  A C5    1 
ATOM   163 C C6    . DC  A 1 8  ? 3.833   8.883   -0.746  1.00 9.60  ? 108 DC  A C6    1 
ATOM   164 P P     . DG  A 1 9  ? 3.654   14.393  -2.050  1.00 10.48 ? 109 DG  A P     1 
ATOM   165 O OP1   . DG  A 1 9  ? 4.166   15.648  -2.608  1.00 12.62 ? 109 DG  A OP1   1 
ATOM   166 O OP2   . DG  A 1 9  ? 3.612   14.213  -0.552  1.00 13.10 ? 109 DG  A OP2   1 
ATOM   167 O "O5'" . DG  A 1 9  ? 2.178   14.126  -2.583  1.00 9.38  ? 109 DG  A "O5'" 1 
ATOM   168 C "C5'" . DG  A 1 9  ? 1.798   14.437  -3.957  1.00 8.55  ? 109 DG  A "C5'" 1 
ATOM   169 C "C4'" . DG  A 1 9  ? 0.337   14.098  -4.108  1.00 10.41 ? 109 DG  A "C4'" 1 
ATOM   170 O "O4'" . DG  A 1 9  ? 0.101   12.666  -3.895  1.00 10.07 ? 109 DG  A "O4'" 1 
ATOM   171 C "C3'" . DG  A 1 9  ? -0.596  14.709  -3.069  1.00 8.20  ? 109 DG  A "C3'" 1 
ATOM   172 O "O3'" . DG  A 1 9  ? -0.872  16.051  -3.368  1.00 9.55  ? 109 DG  A "O3'" 1 
ATOM   173 C "C2'" . DG  A 1 9  ? -1.831  13.811  -3.240  1.00 9.30  ? 109 DG  A "C2'" 1 
ATOM   174 C "C1'" . DG  A 1 9  ? -1.170  12.480  -3.314  1.00 9.12  ? 109 DG  A "C1'" 1 
ATOM   175 N N9    . DG  A 1 9  ? -0.982  11.862  -2.006  1.00 8.95  ? 109 DG  A N9    1 
ATOM   176 C C8    . DG  A 1 9  ? 0.172   11.721  -1.275  1.00 9.39  ? 109 DG  A C8    1 
ATOM   177 N N7    . DG  A 1 9  ? -0.029  11.079  -0.152  1.00 11.39 ? 109 DG  A N7    1 
ATOM   178 C C5    . DG  A 1 9  ? -1.389  10.810  -0.136  1.00 9.79  ? 109 DG  A C5    1 
ATOM   179 C C6    . DG  A 1 9  ? -2.193  10.122  0.825   1.00 9.94  ? 109 DG  A C6    1 
ATOM   180 O O6    . DG  A 1 9  ? -1.850  9.601   1.878   1.00 11.84 ? 109 DG  A O6    1 
ATOM   181 N N1    . DG  A 1 9  ? -3.540  10.085  0.419   1.00 9.52  ? 109 DG  A N1    1 
ATOM   182 C C2    . DG  A 1 9  ? -4.046  10.624  -0.744  1.00 11.19 ? 109 DG  A C2    1 
ATOM   183 N N2    . DG  A 1 9  ? -5.400  10.507  -0.963  1.00 11.04 ? 109 DG  A N2    1 
ATOM   184 N N3    . DG  A 1 9  ? -3.288  11.256  -1.633  1.00 10.23 ? 109 DG  A N3    1 
ATOM   185 C C4    . DG  A 1 9  ? -1.995  11.284  -1.268  1.00 8.94  ? 109 DG  A C4    1 
ATOM   186 P P     . DC  A 1 10 ? -1.175  17.058  -2.179  1.00 10.57 ? 110 DC  A P     1 
ATOM   187 O OP1   . DC  A 1 10 ? -1.232  18.364  -2.821  1.00 12.88 ? 110 DC  A OP1   1 
ATOM   188 O OP2   . DC  A 1 10 ? -0.295  16.900  -1.013  1.00 10.56 ? 110 DC  A OP2   1 
ATOM   189 O "O5'" . DC  A 1 10 ? -2.656  16.650  -1.728  1.00 9.96  ? 110 DC  A "O5'" 1 
ATOM   190 C "C5'" . DC  A 1 10 ? -3.756  16.768  -2.608  1.00 9.69  ? 110 DC  A "C5'" 1 
ATOM   191 C "C4'" . DC  A 1 10 ? -5.025  16.329  -1.888  1.00 10.03 ? 110 DC  A "C4'" 1 
ATOM   192 O "O4'" . DC  A 1 10 ? -4.940  14.903  -1.571  1.00 10.33 ? 110 DC  A "O4'" 1 
ATOM   193 C "C3'" . DC  A 1 10 ? -5.288  16.998  -0.525  1.00 9.25  ? 110 DC  A "C3'" 1 
ATOM   194 O "O3'" . DC  A 1 10 ? -5.941  18.227  -0.663  1.00 10.12 ? 110 DC  A "O3'" 1 
ATOM   195 C "C2'" . DC  A 1 10 ? -6.239  15.975  0.120   1.00 9.43  ? 110 DC  A "C2'" 1 
ATOM   196 C "C1'" . DC  A 1 10 ? -5.644  14.651  -0.350  1.00 9.66  ? 110 DC  A "C1'" 1 
ATOM   197 N N1    . DC  A 1 10 ? -4.661  14.076  0.628   1.00 8.75  ? 110 DC  A N1    1 
ATOM   198 C C2    . DC  A 1 10 ? -5.186  13.324  1.693   1.00 9.06  ? 110 DC  A C2    1 
ATOM   199 O O2    . DC  A 1 10 ? -6.430  13.183  1.786   1.00 10.60 ? 110 DC  A O2    1 
ATOM   200 N N3    . DC  A 1 10 ? -4.327  12.772  2.595   1.00 10.33 ? 110 DC  A N3    1 
ATOM   201 C C4    . DC  A 1 10 ? -2.979  12.991  2.466   1.00 9.25  ? 110 DC  A C4    1 
ATOM   202 N N4    . DC  A 1 10 ? -2.154  12.448  3.376   1.00 13.40 ? 110 DC  A N4    1 
ATOM   203 C C5    . DC  A 1 10 ? -2.429  13.768  1.401   1.00 11.09 ? 110 DC  A C5    1 
ATOM   204 C C6    . DC  A 1 10 ? -3.302  14.293  0.484   1.00 9.35  ? 110 DC  A C6    1 
ATOM   205 O "O5'" . DG  B 1 1  ? -6.260  5.238   9.262   1.00 25.99 ? 201 DG  B "O5'" 1 
ATOM   206 C "C5'" . DG  B 1 1  ? -7.660  5.321   9.757   1.00 20.54 ? 201 DG  B "C5'" 1 
ATOM   207 C "C4'" . DG  B 1 1  ? -8.533  6.155   8.849   1.00 18.11 ? 201 DG  B "C4'" 1 
ATOM   208 O "O4'" . DG  B 1 1  ? -8.201  7.526   9.036   1.00 15.26 ? 201 DG  B "O4'" 1 
ATOM   209 C "C3'" . DG  B 1 1  ? -8.406  5.907   7.343   1.00 15.03 ? 201 DG  B "C3'" 1 
ATOM   210 O "O3'" . DG  B 1 1  ? -9.281  4.828   6.935   1.00 13.44 ? 201 DG  B "O3'" 1 
ATOM   211 C "C2'" . DG  B 1 1  ? -8.927  7.244   6.805   1.00 13.93 ? 201 DG  B "C2'" 1 
ATOM   212 C "C1'" . DG  B 1 1  ? -8.268  8.183   7.791   1.00 15.70 ? 201 DG  B "C1'" 1 
ATOM   213 N N9    . DG  B 1 1  ? -6.896  8.653   7.433   1.00 13.76 ? 201 DG  B N9    1 
ATOM   214 C C8    . DG  B 1 1  ? -5.739  8.436   8.095   1.00 15.24 ? 201 DG  B C8    1 
ATOM   215 N N7    . DG  B 1 1  ? -4.702  9.012   7.575   1.00 14.99 ? 201 DG  B N7    1 
ATOM   216 C C5    . DG  B 1 1  ? -5.224  9.690   6.490   1.00 11.28 ? 201 DG  B C5    1 
ATOM   217 C C6    . DG  B 1 1  ? -4.592  10.511  5.547   1.00 11.26 ? 201 DG  B C6    1 
ATOM   218 O O6    . DG  B 1 1  ? -3.385  10.814  5.471   1.00 13.55 ? 201 DG  B O6    1 
ATOM   219 N N1    . DG  B 1 1  ? -5.494  11.011  4.584   1.00 10.63 ? 201 DG  B N1    1 
ATOM   220 C C2    . DG  B 1 1  ? -6.840  10.769  4.575   1.00 10.63 ? 201 DG  B C2    1 
ATOM   221 N N2    . DG  B 1 1  ? -7.547  11.303  3.576   1.00 10.61 ? 201 DG  B N2    1 
ATOM   222 N N3    . DG  B 1 1  ? -7.444  9.982   5.466   1.00 11.91 ? 201 DG  B N3    1 
ATOM   223 C C4    . DG  B 1 1  ? -6.566  9.491   6.386   1.00 13.82 ? 201 DG  B C4    1 
ATOM   224 P P     . DC  B 1 2  ? -9.026  3.942   5.659   1.00 14.76 ? 202 DC  B P     1 
ATOM   225 O OP1   . DC  B 1 2  ? -10.099 2.902   5.652   1.00 17.99 ? 202 DC  B OP1   1 
ATOM   226 O OP2   . DC  B 1 2  ? -7.606  3.544   5.609   1.00 15.76 ? 202 DC  B OP2   1 
ATOM   227 O "O5'" . DC  B 1 2  ? -9.252  4.961   4.425   1.00 13.20 ? 202 DC  B "O5'" 1 
ATOM   228 C "C5'" . DC  B 1 2  ? -10.547 5.423   4.097   1.00 12.10 ? 202 DC  B "C5'" 1 
ATOM   229 C "C4'" . DC  B 1 2  ? -10.436 6.392   2.933   1.00 11.65 ? 202 DC  B "C4'" 1 
ATOM   230 O "O4'" . DC  B 1 2  ? -9.726  7.563   3.369   1.00 12.20 ? 202 DC  B "O4'" 1 
ATOM   231 C "C3'" . DC  B 1 2  ? -9.660  5.881   1.760   1.00 11.80 ? 202 DC  B "C3'" 1 
ATOM   232 O "O3'" . DC  B 1 2  ? -10.483 4.960   0.940   1.00 13.35 ? 202 DC  B "O3'" 1 
ATOM   233 C "C2'" . DC  B 1 2  ? -9.330  7.188   1.020   1.00 11.01 ? 202 DC  B "C2'" 1 
ATOM   234 C "C1'" . DC  B 1 2  ? -8.955  8.024   2.230   1.00 10.22 ? 202 DC  B "C1'" 1 
ATOM   235 N N1    . DC  B 1 2  ? -7.549  7.925   2.593   1.00 9.63  ? 202 DC  B N1    1 
ATOM   236 C C2    . DC  B 1 2  ? -6.659  8.713   1.836   1.00 9.97  ? 202 DC  B C2    1 
ATOM   237 O O2    . DC  B 1 2  ? -7.105  9.399   0.919   1.00 9.97  ? 202 DC  B O2    1 
ATOM   238 N N3    . DC  B 1 2  ? -5.311  8.677   2.149   1.00 10.22 ? 202 DC  B N3    1 
ATOM   239 C C4    . DC  B 1 2  ? -4.889  7.910   3.167   1.00 9.51  ? 202 DC  B C4    1 
ATOM   240 N N4    . DC  B 1 2  ? -3.563  7.909   3.423   1.00 12.04 ? 202 DC  B N4    1 
ATOM   241 C C5    . DC  B 1 2  ? -5.807  7.092   3.931   1.00 9.27  ? 202 DC  B C5    1 
ATOM   242 C C6    . DC  B 1 2  ? -7.091  7.136   3.635   1.00 10.55 ? 202 DC  B C6    1 
ATOM   243 P P     . DG  B 1 3  ? -9.771  3.830   0.079   1.00 14.05 ? 203 DG  B P     1 
ATOM   244 O OP1   . DG  B 1 3  ? -10.877 3.136   -0.631  1.00 14.49 ? 203 DG  B OP1   1 
ATOM   245 O OP2   . DG  B 1 3  ? -8.829  3.097   0.956   1.00 16.48 ? 203 DG  B OP2   1 
ATOM   246 O "O5'" . DG  B 1 3  ? -8.853  4.612   -0.971  1.00 11.12 ? 203 DG  B "O5'" 1 
ATOM   247 C "C5'" . DG  B 1 3  ? -9.480  5.283   -2.038  1.00 11.75 ? 203 DG  B "C5'" 1 
ATOM   248 C "C4'" . DG  B 1 3  ? -8.431  6.073   -2.833  1.00 13.07 ? 203 DG  B "C4'" 1 
ATOM   249 O "O4'" . DG  B 1 3  ? -7.757  7.022   -1.987  1.00 11.39 ? 203 DG  B "O4'" 1 
ATOM   250 C "C3'" . DG  B 1 3  ? -7.281  5.246   -3.326  1.00 11.39 ? 203 DG  B "C3'" 1 
ATOM   251 O "O3'" . DG  B 1 3  ? -7.721  4.480   -4.519  1.00 12.46 ? 203 DG  B "O3'" 1 
ATOM   252 C "C2'" . DG  B 1 3  ? -6.374  6.383   -3.737  1.00 11.45 ? 203 DG  B "C2'" 1 
ATOM   253 C "C1'" . DG  B 1 3  ? -6.483  7.278   -2.504  1.00 10.48 ? 203 DG  B "C1'" 1 
ATOM   254 N N9    . DG  B 1 3  ? -5.488  6.911   -1.497  1.00 11.23 ? 203 DG  B N9    1 
ATOM   255 C C8    . DG  B 1 3  ? -5.671  6.192   -0.320  1.00 10.48 ? 203 DG  B C8    1 
ATOM   256 N N7    . DG  B 1 3  ? -4.547  6.001   0.364   1.00 10.69 ? 203 DG  B N7    1 
ATOM   257 C C5    . DG  B 1 3  ? -3.574  6.651   -0.429  1.00 9.53  ? 203 DG  B C5    1 
ATOM   258 C C6    . DG  B 1 3  ? -2.164  6.784   -0.242  1.00 11.13 ? 203 DG  B C6    1 
ATOM   259 O O6    . DG  B 1 3  ? -1.455  6.359   0.674   1.00 11.49 ? 203 DG  B O6    1 
ATOM   260 N N1    . DG  B 1 3  ? -1.572  7.468   -1.296  1.00 9.89  ? 203 DG  B N1    1 
ATOM   261 C C2    . DG  B 1 3  ? -2.238  7.973   -2.397  1.00 10.36 ? 203 DG  B C2    1 
ATOM   262 N N2    . DG  B 1 3  ? -1.483  8.608   -3.320  1.00 10.03 ? 203 DG  B N2    1 
ATOM   263 N N3    . DG  B 1 3  ? -3.516  7.870   -2.563  1.00 10.78 ? 203 DG  B N3    1 
ATOM   264 C C4    . DG  B 1 3  ? -4.139  7.189   -1.572  1.00 9.60  ? 203 DG  B C4    1 
ATOM   265 P P     . DT  B 1 4  ? -6.937  3.142   -4.914  1.00 12.66 ? 204 DT  B P     1 
ATOM   266 O OP1   . DT  B 1 4  ? -7.667  2.580   -6.083  1.00 15.43 ? 204 DT  B OP1   1 
ATOM   267 O OP2   . DT  B 1 4  ? -6.695  2.330   -3.691  1.00 15.28 ? 204 DT  B OP2   1 
ATOM   268 O "O5'" . DT  B 1 4  ? -5.540  3.655   -5.459  1.00 12.33 ? 204 DT  B "O5'" 1 
ATOM   269 C "C5'" . DT  B 1 4  ? -5.420  4.471   -6.647  1.00 12.33 ? 204 DT  B "C5'" 1 
ATOM   270 C "C4'" . DT  B 1 4  ? -3.973  4.845   -6.837  1.00 10.69 ? 204 DT  B "C4'" 1 
ATOM   271 O "O4'" . DT  B 1 4  ? -3.523  5.656   -5.720  1.00 11.44 ? 204 DT  B "O4'" 1 
ATOM   272 C "C3'" . DT  B 1 4  ? -2.941  3.719   -6.856  1.00 12.35 ? 204 DT  B "C3'" 1 
ATOM   273 O "O3'" . DT  B 1 4  ? -2.996  3.081   -8.159  1.00 13.55 ? 204 DT  B "O3'" 1 
ATOM   274 C "C2'" . DT  B 1 4  ? -1.678  4.544   -6.670  1.00 11.17 ? 204 DT  B "C2'" 1 
ATOM   275 C "C1'" . DT  B 1 4  ? -2.128  5.483   -5.553  1.00 10.16 ? 204 DT  B "C1'" 1 
ATOM   276 N N1    . DT  B 1 4  ? -1.846  4.944   -4.215  1.00 10.64 ? 204 DT  B N1    1 
ATOM   277 C C2    . DT  B 1 4  ? -0.531  5.065   -3.789  1.00 9.64  ? 204 DT  B C2    1 
ATOM   278 O O2    . DT  B 1 4  ? 0.346   5.601   -4.470  1.00 10.72 ? 204 DT  B O2    1 
ATOM   279 N N3    . DT  B 1 4  ? -0.280  4.551   -2.558  1.00 9.58  ? 204 DT  B N3    1 
ATOM   280 C C4    . DT  B 1 4  ? -1.185  3.908   -1.711  1.00 9.99  ? 204 DT  B C4    1 
ATOM   281 O O4    . DT  B 1 4  ? -0.800  3.458   -0.624  1.00 12.42 ? 204 DT  B O4    1 
ATOM   282 C C5    . DT  B 1 4  ? -2.560  3.788   -2.246  1.00 10.36 ? 204 DT  B C5    1 
ATOM   283 C C7    . DT  B 1 4  ? -3.634  3.101   -1.434  1.00 12.62 ? 204 DT  B C7    1 
ATOM   284 C C6    . DT  B 1 4  ? -2.811  4.327   -3.466  1.00 10.86 ? 204 DT  B C6    1 
ATOM   285 P P     . DA  B 1 5  ? -2.333  1.651   -8.372  1.00 16.55 ? 205 DA  B P     1 
ATOM   286 O OP1   . DA  B 1 5  ? -2.656  1.258   -9.775  1.00 19.18 ? 205 DA  B OP1   1 
ATOM   287 O OP2   . DA  B 1 5  ? -2.731  0.798   -7.293  1.00 16.11 ? 205 DA  B OP2   1 
ATOM   288 O "O5'" . DA  B 1 5  ? -0.807  1.887   -8.236  1.00 13.80 ? 205 DA  B "O5'" 1 
ATOM   289 C "C5'" . DA  B 1 5  ? -0.097  2.621   -9.215  1.00 16.34 ? 205 DA  B "C5'" 1 
ATOM   290 C "C4'" . DA  B 1 5  ? 1.349   2.702   -8.787  1.00 12.50 ? 205 DA  B "C4'" 1 
ATOM   291 O "O4'" . DA  B 1 5  ? 1.423   3.350   -7.517  1.00 11.45 ? 205 DA  B "O4'" 1 
ATOM   292 C "C3'" . DA  B 1 5  ? 2.031   1.370   -8.483  1.00 12.35 ? 205 DA  B "C3'" 1 
ATOM   293 O "O3'" . DA  B 1 5  ? 2.424   0.789   -9.701  1.00 13.21 ? 205 DA  B "O3'" 1 
ATOM   294 C "C2'" . DA  B 1 5  ? 3.211   1.804   -7.674  1.00 11.69 ? 205 DA  B "C2'" 1 
ATOM   295 C "C1'" . DA  B 1 5  ? 2.533   2.797   -6.779  1.00 11.93 ? 205 DA  B "C1'" 1 
ATOM   296 N N9    . DA  B 1 5  ? 1.961   2.294   -5.557  1.00 10.61 ? 205 DA  B N9    1 
ATOM   297 C C8    . DA  B 1 5  ? 0.645   1.976   -5.305  1.00 11.87 ? 205 DA  B C8    1 
ATOM   298 N N7    . DA  B 1 5  ? 0.412   1.575   -4.043  1.00 11.05 ? 205 DA  B N7    1 
ATOM   299 C C5    . DA  B 1 5  ? 1.673   1.678   -3.438  1.00 9.45  ? 205 DA  B C5    1 
ATOM   300 C C6    . DA  B 1 5  ? 2.125   1.468   -2.120  1.00 10.10 ? 205 DA  B C6    1 
ATOM   301 N N6    . DA  B 1 5  ? 1.324   1.083   -1.100  1.00 10.49 ? 205 DA  B N6    1 
ATOM   302 N N1    . DA  B 1 5  ? 3.392   1.642   -1.898  1.00 10.66 ? 205 DA  B N1    1 
ATOM   303 C C2    . DA  B 1 5  ? 4.207   2.064   -2.812  1.00 9.53  ? 205 DA  B C2    1 
ATOM   304 N N3    . DA  B 1 5  ? 3.952   2.345   -4.113  1.00 10.99 ? 205 DA  B N3    1 
ATOM   305 C C4    . DA  B 1 5  ? 2.627   2.132   -4.351  1.00 8.96  ? 205 DA  B C4    1 
HETATM 306 P P     . UMX B 1 6  ? 2.479   -0.840  -9.873  1.00 14.67 ? 206 UMX B P     1 
HETATM 307 N N1    . UMX B 1 6  ? 5.125   -1.268  -5.208  1.00 10.13 ? 206 UMX B N1    1 
HETATM 308 C C2    . UMX B 1 6  ? 5.392   -1.403  -3.875  1.00 9.96  ? 206 UMX B C2    1 
HETATM 309 O O2    . UMX B 1 6  ? 6.603   -1.449  -3.491  1.00 11.06 ? 206 UMX B O2    1 
HETATM 310 N N3    . UMX B 1 6  ? 4.388   -1.540  -3.000  1.00 9.96  ? 206 UMX B N3    1 
HETATM 311 C C4    . UMX B 1 6  ? 3.100   -1.541  -3.384  1.00 10.39 ? 206 UMX B C4    1 
HETATM 312 O O4    . UMX B 1 6  ? 2.183   -1.702  -2.538  1.00 11.72 ? 206 UMX B O4    1 
HETATM 313 C C5    . UMX B 1 6  ? 2.815   -1.419  -4.787  1.00 11.29 ? 206 UMX B C5    1 
HETATM 314 C C6    . UMX B 1 6  ? 3.871   -1.235  -5.645  1.00 9.99  ? 206 UMX B C6    1 
HETATM 315 C "C1'" . UMX B 1 6  ? 6.278   -1.068  -6.154  1.00 11.08 ? 206 UMX B "C1'" 1 
HETATM 316 C "C2'" . UMX B 1 6  ? 6.960   -2.305  -6.669  1.00 11.28 ? 206 UMX B "C2'" 1 
HETATM 317 C "C3'" . UMX B 1 6  ? 5.946   -2.624  -7.718  1.00 11.44 ? 206 UMX B "C3'" 1 
HETATM 318 O "O3'" . UMX B 1 6  ? 6.352   -3.677  -8.617  1.00 13.17 ? 206 UMX B "O3'" 1 
HETATM 319 C "C4'" . UMX B 1 6  ? 6.014   -1.315  -8.445  1.00 10.41 ? 206 UMX B "C4'" 1 
HETATM 320 O "O4'" . UMX B 1 6  ? 5.768   -0.406  -7.364  1.00 11.34 ? 206 UMX B "O4'" 1 
HETATM 321 C "C5'" . UMX B 1 6  ? 5.033   -1.098  -9.596  1.00 11.45 ? 206 UMX B "C5'" 1 
HETATM 322 O "O5'" . UMX B 1 6  ? 3.725   -1.309  -9.091  1.00 11.70 ? 206 UMX B "O5'" 1 
HETATM 323 C "C6'" . UMX B 1 6  ? 8.159   -1.687  -7.476  1.00 12.55 ? 206 UMX B "C6'" 1 
HETATM 324 C "C7'" . UMX B 1 6  ? 9.274   -2.647  -7.769  1.00 16.30 ? 206 UMX B "C7'" 1 
HETATM 325 C "C8'" . UMX B 1 6  ? 7.493   -1.180  -8.764  1.00 11.24 ? 206 UMX B "C8'" 1 
HETATM 326 O OP1   . UMX B 1 6  ? 2.604   -1.163  -11.387 1.00 18.19 ? 206 UMX B OP1   1 
HETATM 327 O OP2   . UMX B 1 6  ? 1.293   -1.506  -9.165  1.00 15.08 ? 206 UMX B OP2   1 
ATOM   328 P P     . DA  B 1 7  ? 5.800   -5.197  -8.537  1.00 13.25 ? 207 DA  B P     1 
ATOM   329 O OP1   . DA  B 1 7  ? 6.225   -5.894  -9.816  1.00 15.98 ? 207 DA  B OP1   1 
ATOM   330 O OP2   . DA  B 1 7  ? 4.364   -5.188  -8.218  1.00 14.69 ? 207 DA  B OP2   1 
ATOM   331 O "O5'" . DA  B 1 7  ? 6.527   -5.881  -7.280  1.00 12.76 ? 207 DA  B "O5'" 1 
ATOM   332 C "C5'" . DA  B 1 7  ? 7.937   -6.130  -7.377  1.00 12.68 ? 207 DA  B "C5'" 1 
ATOM   333 C "C4'" . DA  B 1 7  ? 8.499   -6.384  -5.979  1.00 13.80 ? 207 DA  B "C4'" 1 
ATOM   334 O "O4'" . DA  B 1 7  ? 8.280   -5.237  -5.125  1.00 13.76 ? 207 DA  B "O4'" 1 
ATOM   335 C "C3'" . DA  B 1 7  ? 7.831   -7.540  -5.223  1.00 13.48 ? 207 DA  B "C3'" 1 
ATOM   336 O "O3'" . DA  B 1 7  ? 8.401   -8.811  -5.658  1.00 15.59 ? 207 DA  B "O3'" 1 
ATOM   337 C "C2'" . DA  B 1 7  ? 8.272   -7.195  -3.794  1.00 14.00 ? 207 DA  B "C2'" 1 
ATOM   338 C "C1'" . DA  B 1 7  ? 8.060   -5.656  -3.787  1.00 13.14 ? 207 DA  B "C1'" 1 
ATOM   339 N N9    . DA  B 1 7  ? 6.687   -5.309  -3.395  1.00 11.33 ? 207 DA  B N9    1 
ATOM   340 C C8    . DA  B 1 7  ? 5.635   -4.994  -4.204  1.00 10.59 ? 207 DA  B C8    1 
ATOM   341 N N7    . DA  B 1 7  ? 4.497   -4.740  -3.536  1.00 11.12 ? 207 DA  B N7    1 
ATOM   342 C C5    . DA  B 1 7  ? 4.864   -4.948  -2.217  1.00 9.44  ? 207 DA  B C5    1 
ATOM   343 C C6    . DA  B 1 7  ? 4.127   -4.882  -0.994  1.00 9.28  ? 207 DA  B C6    1 
ATOM   344 N N6    . DA  B 1 7  ? 2.846   -4.527  -0.925  1.00 9.84  ? 207 DA  B N6    1 
ATOM   345 N N1    . DA  B 1 7  ? 4.830   -5.164  0.173   1.00 10.36 ? 207 DA  B N1    1 
ATOM   346 C C2    . DA  B 1 7  ? 6.130   -5.485  0.097   1.00 11.51 ? 207 DA  B C2    1 
ATOM   347 N N3    . DA  B 1 7  ? 6.899   -5.583  -0.995  1.00 10.97 ? 207 DA  B N3    1 
ATOM   348 C C4    . DA  B 1 7  ? 6.198   -5.299  -2.120  1.00 11.20 ? 207 DA  B C4    1 
ATOM   349 P P     . DC  B 1 8  ? 7.467   -10.116 -5.779  1.00 16.66 ? 208 DC  B P     1 
ATOM   350 O OP1   . DC  B 1 8  ? 8.254   -11.170 -6.468  1.00 20.09 ? 208 DC  B OP1   1 
ATOM   351 O OP2   . DC  B 1 8  ? 6.120   -9.710  -6.280  1.00 20.59 ? 208 DC  B OP2   1 
ATOM   352 O "O5'" . DC  B 1 8  ? 7.290   -10.504 -4.242  1.00 12.93 ? 208 DC  B "O5'" 1 
ATOM   353 C "C5'" . DC  B 1 8  ? 8.430   -10.835 -3.423  1.00 12.23 ? 208 DC  B "C5'" 1 
ATOM   354 C "C4'" . DC  B 1 8  ? 7.985   -10.829 -1.977  1.00 12.17 ? 208 DC  B "C4'" 1 
ATOM   355 O "O4'" . DC  B 1 8  ? 7.509   -9.532  -1.623  1.00 10.64 ? 208 DC  B "O4'" 1 
ATOM   356 C "C3'" . DC  B 1 8  ? 6.821   -11.755 -1.677  1.00 12.01 ? 208 DC  B "C3'" 1 
ATOM   357 O "O3'" . DC  B 1 8  ? 7.454   -13.035 -1.464  1.00 14.05 ? 208 DC  B "O3'" 1 
ATOM   358 C "C2'" . DC  B 1 8  ? 6.278   -11.160 -0.373  1.00 10.04 ? 208 DC  B "C2'" 1 
ATOM   359 C "C1'" . DC  B 1 8  ? 6.432   -9.665  -0.654  1.00 9.62  ? 208 DC  B "C1'" 1 
ATOM   360 N N1    . DC  B 1 8  ? 5.206   -9.028  -1.177  1.00 9.84  ? 208 DC  B N1    1 
ATOM   361 C C2    . DC  B 1 8  ? 4.267   -8.597  -0.244  1.00 10.15 ? 208 DC  B C2    1 
ATOM   362 O O2    . DC  B 1 8  ? 4.523   -8.760  0.950   1.00 10.62 ? 208 DC  B O2    1 
ATOM   363 N N3    . DC  B 1 8  ? 3.133   -8.003  -0.677  1.00 8.58  ? 208 DC  B N3    1 
ATOM   364 C C4    . DC  B 1 8  ? 2.896   -7.869  -1.984  1.00 9.26  ? 208 DC  B C4    1 
ATOM   365 N N4    . DC  B 1 8  ? 1.756   -7.301  -2.349  1.00 10.58 ? 208 DC  B N4    1 
ATOM   366 C C5    . DC  B 1 8  ? 3.839   -8.340  -2.986  1.00 10.46 ? 208 DC  B C5    1 
ATOM   367 C C6    . DC  B 1 8  ? 4.958   -8.904  -2.520  1.00 8.92  ? 208 DC  B C6    1 
ATOM   368 P P     . DG  B 1 9  ? 6.629   -14.371 -1.374  1.00 17.55 ? 209 DG  B P     1 
ATOM   369 O OP1   . DG  B 1 9  ? 7.602   -15.531 -1.289  1.00 19.58 ? 209 DG  B OP1   1 
ATOM   370 O OP2   . DG  B 1 9  ? 5.577   -14.340 -2.337  1.00 17.38 ? 209 DG  B OP2   1 
ATOM   371 O "O5'" . DG  B 1 9  ? 5.959   -14.155 0.083   1.00 16.33 ? 209 DG  B "O5'" 1 
ATOM   372 C "C5'" . DG  B 1 9  ? 4.672   -14.493 0.242   1.00 15.12 ? 209 DG  B "C5'" 1 
ATOM   373 C "C4'" . DG  B 1 9  ? 4.172   -14.012 1.622   1.00 11.55 ? 209 DG  B "C4'" 1 
ATOM   374 O "O4'" . DG  B 1 9  ? 4.004   -12.584 1.521   1.00 11.11 ? 209 DG  B "O4'" 1 
ATOM   375 C "C3'" . DG  B 1 9  ? 2.807   -14.533 1.954   1.00 11.87 ? 209 DG  B "C3'" 1 
ATOM   376 O "O3'" . DG  B 1 9  ? 2.926   -15.736 2.722   1.00 11.15 ? 209 DG  B "O3'" 1 
ATOM   377 C "C2'" . DG  B 1 9  ? 2.145   -13.400 2.763   1.00 10.18 ? 209 DG  B "C2'" 1 
ATOM   378 C "C1'" . DG  B 1 9  ? 2.710   -12.242 2.037   1.00 10.74 ? 209 DG  B "C1'" 1 
ATOM   379 N N9    . DG  B 1 9  ? 1.933   -11.615 0.974   1.00 8.27  ? 209 DG  B N9    1 
ATOM   380 C C8    . DG  B 1 9  ? 2.299   -11.397 -0.347  1.00 9.54  ? 209 DG  B C8    1 
ATOM   381 N N7    . DG  B 1 9  ? 1.380   -10.738 -1.018  1.00 8.68  ? 209 DG  B N7    1 
ATOM   382 C C5    . DG  B 1 9  ? 0.381   -10.477 -0.077  1.00 8.45  ? 209 DG  B C5    1 
ATOM   383 C C6    . DG  B 1 9  ? -0.851  -9.802  -0.185  1.00 8.33  ? 209 DG  B C6    1 
ATOM   384 O O6    . DG  B 1 9  ? -1.311  -9.205  -1.186  1.00 10.39 ? 209 DG  B O6    1 
ATOM   385 N N1    . DG  B 1 9  ? -1.567  -9.796  0.995   1.00 9.04  ? 209 DG  B N1    1 
ATOM   386 C C2    . DG  B 1 9  ? -1.169  -10.405 2.158   1.00 8.72  ? 209 DG  B C2    1 
ATOM   387 N N2    . DG  B 1 9  ? -1.991  -10.333 3.218   1.00 9.37  ? 209 DG  B N2    1 
ATOM   388 N N3    . DG  B 1 9  ? -0.005  -11.024 2.275   1.00 7.97  ? 209 DG  B N3    1 
ATOM   389 C C4    . DG  B 1 9  ? 0.723   -11.012 1.134   1.00 7.55  ? 209 DG  B C4    1 
ATOM   390 P P     . DC  B 1 10 ? 1.835   -16.893 2.564   1.00 10.90 ? 210 DC  B P     1 
ATOM   391 O OP1   . DC  B 1 10 ? 2.277   -18.021 3.421   1.00 13.61 ? 210 DC  B OP1   1 
ATOM   392 O OP2   . DC  B 1 10 ? 1.556   -17.184 1.158   1.00 12.09 ? 210 DC  B OP2   1 
ATOM   393 O "O5'" . DC  B 1 10 ? 0.476   -16.262 3.108   1.00 10.22 ? 210 DC  B "O5'" 1 
ATOM   394 C "C5'" . DC  B 1 10 ? 0.328   -16.000 4.481   1.00 10.45 ? 210 DC  B "C5'" 1 
ATOM   395 C "C4'" . DC  B 1 10 ? -1.062  -15.493 4.764   1.00 11.11 ? 210 DC  B "C4'" 1 
ATOM   396 O "O4'" . DC  B 1 10 ? -1.217  -14.232 4.072   1.00 9.51  ? 210 DC  B "O4'" 1 
ATOM   397 C "C3'" . DC  B 1 10 ? -2.187  -16.363 4.156   1.00 9.50  ? 210 DC  B "C3'" 1 
ATOM   398 O "O3'" . DC  B 1 10 ? -2.671  -17.358 5.078   1.00 11.30 ? 210 DC  B "O3'" 1 
ATOM   399 C "C2'" . DC  B 1 10 ? -3.318  -15.391 3.890   1.00 9.44  ? 210 DC  B "C2'" 1 
ATOM   400 C "C1'" . DC  B 1 10 ? -2.592  -14.104 3.615   1.00 9.57  ? 210 DC  B "C1'" 1 
ATOM   401 N N1    . DC  B 1 10 ? -2.553  -13.682 2.215   1.00 9.32  ? 210 DC  B N1    1 
ATOM   402 C C2    . DC  B 1 10 ? -3.622  -12.912 1.748   1.00 8.30  ? 210 DC  B C2    1 
ATOM   403 O O2    . DC  B 1 10 ? -4.580  -12.725 2.472   1.00 9.94  ? 210 DC  B O2    1 
ATOM   404 N N3    . DC  B 1 10 ? -3.575  -12.447 0.491   1.00 9.92  ? 210 DC  B N3    1 
ATOM   405 C C4    . DC  B 1 10 ? -2.534  -12.722 -0.315  1.00 9.75  ? 210 DC  B C4    1 
ATOM   406 N N4    . DC  B 1 10 ? -2.581  -12.190 -1.589  1.00 11.69 ? 210 DC  B N4    1 
ATOM   407 C C5    . DC  B 1 10 ? -1.423  -13.526 0.121   1.00 9.49  ? 210 DC  B C5    1 
ATOM   408 C C6    . DC  B 1 10 ? -1.461  -13.992 1.392   1.00 9.95  ? 210 DC  B C6    1 
HETATM 409 N N1    . SPM C 2 .  ? -8.025  7.982   -8.497  1.00 16.47 ? 401 SPM B N1    1 
HETATM 410 C C2    . SPM C 2 .  ? -9.081  6.951   -8.675  1.00 16.08 ? 401 SPM B C2    1 
HETATM 411 C C3    . SPM C 2 .  ? -8.980  5.929   -7.547  1.00 15.16 ? 401 SPM B C3    1 
HETATM 412 C C4    . SPM C 2 .  ? -9.943  4.818   -7.778  1.00 17.38 ? 401 SPM B C4    1 
HETATM 413 N N5    . SPM C 2 .  ? -10.038 3.814   -6.704  1.00 17.63 ? 401 SPM B N5    1 
HETATM 414 C C6    . SPM C 2 .  ? -10.985 2.654   -6.978  1.00 19.24 ? 401 SPM B C6    1 
HETATM 415 C C7    . SPM C 2 .  ? -11.005 1.502   -5.922  1.00 23.50 ? 401 SPM B C7    1 
HETATM 416 C C8    . SPM C 2 .  ? -10.700 1.916   -4.501  1.00 24.55 ? 401 SPM B C8    1 
HETATM 417 O O     . HOH D 3 .  ? -11.553 -8.586  -4.882  1.00 33.99 ? 301 HOH A O     1 
HETATM 418 O O     . HOH D 3 .  ? -6.314  10.202  -4.397  1.00 20.54 ? 303 HOH A O     1 
HETATM 419 O O     . HOH D 3 .  ? -6.836  18.168  -5.334  1.00 30.86 ? 304 HOH A O     1 
HETATM 420 O O     . HOH D 3 .  ? 1.244   18.837  -4.145  1.00 15.69 ? 305 HOH A O     1 
HETATM 421 O O     . HOH D 3 .  ? 4.505   11.052  2.251   1.00 22.12 ? 307 HOH A O     1 
HETATM 422 O O     . HOH D 3 .  ? 1.584   -0.362  3.851   1.00 27.42 ? 311 HOH A O     1 
HETATM 423 O O     . HOH D 3 .  ? 4.785   -5.463  12.365  1.00 20.08 ? 312 HOH A O     1 
HETATM 424 O O     . HOH D 3 .  ? -6.384  -5.350  10.118  1.00 24.72 ? 315 HOH A O     1 
HETATM 425 O O     . HOH D 3 .  ? -1.766  -2.828  -1.044  0.50 16.75 ? 321 HOH A O     1 
HETATM 426 O O     . HOH D 3 .  ? -5.743  -2.942  1.011   1.00 17.04 ? 328 HOH A O     1 
HETATM 427 O O     . HOH D 3 .  ? -5.230  -0.285  0.231   1.00 25.16 ? 329 HOH A O     1 
HETATM 428 O O     . HOH D 3 .  ? -3.157  -3.934  0.240   1.00 17.58 ? 331 HOH A O     1 
HETATM 429 O O     . HOH D 3 .  ? 2.328   -2.161  6.981   1.00 17.25 ? 332 HOH A O     1 
HETATM 430 O O     . HOH D 3 .  ? 6.457   4.078   5.250   1.00 22.14 ? 333 HOH A O     1 
HETATM 431 O O     . HOH D 3 .  ? 4.043   4.541   3.587   1.00 19.73 ? 334 HOH A O     1 
HETATM 432 O O     . HOH D 3 .  ? -4.754  -3.721  3.343   1.00 16.13 ? 336 HOH A O     1 
HETATM 433 O O     . HOH D 3 .  ? -2.450  -2.186  3.412   1.00 22.84 ? 337 HOH A O     1 
HETATM 434 O O     . HOH D 3 .  ? 9.507   -3.196  1.543   1.00 18.68 ? 340 HOH A O     1 
HETATM 435 O O     . HOH D 3 .  ? -3.083  -3.267  -2.221  0.50 15.82 ? 342 HOH A O     1 
HETATM 436 O O     . HOH D 3 .  ? -5.170  12.367  -3.540  1.00 17.33 ? 343 HOH A O     1 
HETATM 437 O O     . HOH D 3 .  ? -0.394  -2.657  0.904   1.00 24.67 ? 344 HOH A O     1 
HETATM 438 O O     . HOH D 3 .  ? -4.236  20.220  -1.526  1.00 11.67 ? 346 HOH A O     1 
HETATM 439 O O     . HOH D 3 .  ? -5.563  -10.254 5.466   1.00 13.56 ? 347 HOH A O     1 
HETATM 440 O O     . HOH D 3 .  ? 1.766   10.857  2.051   1.00 17.26 ? 348 HOH A O     1 
HETATM 441 O O     . HOH D 3 .  ? -7.261  19.256  -3.006  1.00 18.56 ? 349 HOH A O     1 
HETATM 442 O O     . HOH D 3 .  ? 0.968   15.010  0.531   1.00 14.62 ? 350 HOH A O     1 
HETATM 443 O O     . HOH D 3 .  ? -1.566  20.479  -1.161  1.00 14.40 ? 351 HOH A O     1 
HETATM 444 O O     . HOH D 3 .  ? 8.134   2.708   -2.775  1.00 20.36 ? 353 HOH A O     1 
HETATM 445 O O     . HOH D 3 .  ? 8.020   -2.045  11.344  1.00 15.88 ? 354 HOH A O     1 
HETATM 446 O O     . HOH D 3 .  ? -1.976  -1.821  6.393   1.00 21.89 ? 356 HOH A O     1 
HETATM 447 O O     . HOH D 3 .  ? 2.687   6.906   3.677   1.00 23.61 ? 357 HOH A O     1 
HETATM 448 O O     . HOH D 3 .  ? 6.679   15.865  -3.643  1.00 27.21 ? 359 HOH A O     1 
HETATM 449 O O     . HOH D 3 .  ? -9.105  -2.601  8.885   1.00 29.47 ? 361 HOH A O     1 
HETATM 450 O O     . HOH D 3 .  ? 0.657   13.218  2.934   1.00 19.32 ? 362 HOH A O     1 
HETATM 451 O O     . HOH D 3 .  ? -1.301  -4.943  -1.921  1.00 25.07 ? 364 HOH A O     1 
HETATM 452 O O     . HOH D 3 .  ? -5.996  14.945  -4.897  1.00 22.04 ? 365 HOH A O     1 
HETATM 453 O O     . HOH D 3 .  ? 1.925   18.462  -0.532  1.00 19.21 ? 367 HOH A O     1 
HETATM 454 O O     . HOH D 3 .  ? 0.102   9.396   3.704   1.00 25.19 ? 368 HOH A O     1 
HETATM 455 O O     . HOH D 3 .  ? -4.590  -5.341  -2.941  1.00 30.08 ? 372 HOH A O     1 
HETATM 456 O O     . HOH D 3 .  ? -0.058  -6.741  11.915  1.00 27.06 ? 373 HOH A O     1 
HETATM 457 O O     . HOH D 3 .  ? 12.148  -1.107  6.747   0.50 22.12 ? 374 HOH A O     1 
HETATM 458 O O     . HOH D 3 .  ? 12.616  -1.555  4.197   0.50 23.54 ? 375 HOH A O     1 
HETATM 459 O O     . HOH D 3 .  ? 4.255   17.114  0.175   1.00 24.84 ? 378 HOH A O     1 
HETATM 460 O O     . HOH E 3 .  ? -0.941  -19.357 5.321   1.00 18.30 ? 302 HOH B O     1 
HETATM 461 O O     . HOH E 3 .  ? -12.184 6.828   9.680   1.00 29.05 ? 306 HOH B O     1 
HETATM 462 O O     . HOH E 3 .  ? 1.409   -7.508  -5.456  1.00 24.51 ? 308 HOH B O     1 
HETATM 463 O O     . HOH E 3 .  ? -1.815  0.461   -2.973  1.00 22.69 ? 309 HOH B O     1 
HETATM 464 O O     . HOH E 3 .  ? -4.810  -0.418  -6.359  1.00 31.27 ? 310 HOH B O     1 
HETATM 465 O O     . HOH E 3 .  ? -4.392  8.517   -5.348  1.00 21.58 ? 313 HOH B O     1 
HETATM 466 O O     . HOH E 3 .  ? 9.399   -2.256  -3.555  1.00 28.42 ? 314 HOH B O     1 
HETATM 467 O O     . HOH E 3 .  ? -4.975  2.332   -10.836 1.00 26.30 ? 316 HOH B O     1 
HETATM 468 O O     . HOH E 3 .  ? -1.203  5.398   3.154   1.00 35.41 ? 317 HOH B O     1 
HETATM 469 O O     . HOH E 3 .  ? 1.665   -19.194 5.967   1.00 22.08 ? 318 HOH B O     1 
HETATM 470 O O     . HOH E 3 .  ? 1.926   -16.877 -1.523  1.00 17.41 ? 319 HOH B O     1 
HETATM 471 O O     . HOH E 3 .  ? -0.566  -2.192  -2.533  1.00 31.21 ? 320 HOH B O     1 
HETATM 472 O O     . HOH E 3 .  ? 1.199   -10.599 -3.761  1.00 14.85 ? 322 HOH B O     1 
HETATM 473 O O     . HOH E 3 .  ? -1.139  -8.833  -3.788  1.00 22.90 ? 323 HOH B O     1 
HETATM 474 O O     . HOH E 3 .  ? -0.455  -12.959 -3.445  1.00 21.97 ? 324 HOH B O     1 
HETATM 475 O O     . HOH E 3 .  ? 1.434   -14.306 -1.949  1.00 17.85 ? 325 HOH B O     1 
HETATM 476 O O     . HOH E 3 .  ? 3.927   -7.724  -6.805  1.00 28.20 ? 326 HOH B O     1 
HETATM 477 O O     . HOH E 3 .  ? 3.541   -11.340 -5.197  1.00 18.55 ? 327 HOH B O     1 
HETATM 478 O O     . HOH E 3 .  ? 6.642   2.549   -5.108  1.00 21.01 ? 330 HOH B O     1 
HETATM 479 O O     . HOH E 3 .  ? -1.662  2.147   1.481   1.00 31.71 ? 335 HOH B O     1 
HETATM 480 O O     . HOH E 3 .  ? -6.793  3.164   2.902   1.00 21.69 ? 338 HOH B O     1 
HETATM 481 O O     . HOH E 3 .  ? -4.271  4.116   2.377   1.00 18.62 ? 339 HOH B O     1 
HETATM 482 O O     . HOH E 3 .  ? -4.330  0.789   -4.075  1.00 26.64 ? 341 HOH B O     1 
HETATM 483 O O     . HOH E 3 .  ? 1.858   6.489   -6.593  1.00 12.78 ? 345 HOH B O     1 
HETATM 484 O O     . HOH E 3 .  ? 2.654   -19.883 0.091   1.00 27.56 ? 352 HOH B O     1 
HETATM 485 O O     . HOH E 3 .  ? 2.118   -4.819  -4.954  1.00 19.67 ? 355 HOH B O     1 
HETATM 486 O O     . HOH E 3 .  ? -10.854 1.544   3.164   1.00 39.91 ? 358 HOH B O     1 
HETATM 487 O O     . HOH E 3 .  ? 4.091   -20.764 6.180   1.00 35.23 ? 360 HOH B O     1 
HETATM 488 O O     . HOH E 3 .  ? 1.715   -20.527 2.633   1.00 27.86 ? 363 HOH B O     1 
HETATM 489 O O     . HOH E 3 .  ? 2.057   -3.849  -7.643  1.00 22.05 ? 366 HOH B O     1 
HETATM 490 O O     . HOH E 3 .  ? 3.717   -12.880 -2.799  0.50 11.31 ? 369 HOH B O     1 
HETATM 491 O O     . HOH E 3 .  ? -0.281  -1.091  -6.927  1.00 23.29 ? 370 HOH B O     1 
HETATM 492 O O     . HOH E 3 .  ? 10.026  -1.503  -1.019  1.00 30.00 ? 371 HOH B O     1 
HETATM 493 O O     . HOH E 3 .  ? 7.932   -17.034 -3.414  1.00 23.65 ? 376 HOH B O     1 
HETATM 494 O O     . HOH E 3 .  ? 4.536   -17.163 -2.383  1.00 22.56 ? 377 HOH B O     1 
# 
loop_
_atom_site_anisotrop.id 
_atom_site_anisotrop.type_symbol 
_atom_site_anisotrop.pdbx_label_atom_id 
_atom_site_anisotrop.pdbx_label_alt_id 
_atom_site_anisotrop.pdbx_label_comp_id 
_atom_site_anisotrop.pdbx_label_asym_id 
_atom_site_anisotrop.pdbx_label_seq_id 
_atom_site_anisotrop.pdbx_PDB_ins_code 
_atom_site_anisotrop.U[1][1] 
_atom_site_anisotrop.U[2][2] 
_atom_site_anisotrop.U[3][3] 
_atom_site_anisotrop.U[1][2] 
_atom_site_anisotrop.U[1][3] 
_atom_site_anisotrop.U[2][3] 
_atom_site_anisotrop.pdbx_auth_seq_id 
_atom_site_anisotrop.pdbx_auth_comp_id 
_atom_site_anisotrop.pdbx_auth_asym_id 
_atom_site_anisotrop.pdbx_auth_atom_id 
1   O "O5'" . DG  A 1  ? 0.3557 0.2770 0.2549 0.0096  0.0082  0.0868  101 DG  A "O5'" 
2   C "C5'" . DG  A 1  ? 0.2722 0.2501 0.2652 0.0275  0.0150  0.0894  101 DG  A "C5'" 
3   C "C4'" . DG  A 1  ? 0.2291 0.1724 0.1694 0.0190  -0.0230 0.0131  101 DG  A "C4'" 
4   O "O4'" . DG  A 1  ? 0.2099 0.1772 0.1762 0.0228  -0.0526 0.0123  101 DG  A "O4'" 
5   C "C3'" . DG  A 1  ? 0.2163 0.1784 0.1538 -0.0004 -0.0219 0.0031  101 DG  A "C3'" 
6   O "O3'" . DG  A 1  ? 0.1947 0.1656 0.1847 0.0413  -0.0319 0.0077  101 DG  A "O3'" 
7   C "C2'" . DG  A 1  ? 0.1834 0.1786 0.1508 0.0186  -0.0271 0.0030  101 DG  A "C2'" 
8   C "C1'" . DG  A 1  ? 0.1919 0.1999 0.1812 0.0462  -0.0168 0.0189  101 DG  A "C1'" 
9   N N9    . DG  A 1  ? 0.1874 0.2052 0.1610 0.0405  0.0030  0.0196  101 DG  A N9    
10  C C8    . DG  A 1  ? 0.2427 0.2407 0.1916 0.0365  0.0314  0.0189  101 DG  A C8    
11  N N7    . DG  A 1  ? 0.2118 0.2441 0.2213 0.0467  0.0164  0.0430  101 DG  A N7    
12  C C5    . DG  A 1  ? 0.1581 0.2160 0.1694 0.0273  -0.0211 0.0059  101 DG  A C5    
13  C C6    . DG  A 1  ? 0.1976 0.1605 0.1563 0.0330  0.0075  0.0102  101 DG  A C6    
14  O O6    . DG  A 1  ? 0.1802 0.1541 0.2157 0.0283  0.0050  0.0384  101 DG  A O6    
15  N N1    . DG  A 1  ? 0.1481 0.1584 0.1538 -0.0037 -0.0039 0.0163  101 DG  A N1    
16  C C2    . DG  A 1  ? 0.1565 0.1304 0.1361 0.0138  -0.0079 -0.0137 101 DG  A C2    
17  N N2    . DG  A 1  ? 0.1688 0.1397 0.1439 0.0116  -0.0055 0.0131  101 DG  A N2    
18  N N3    . DG  A 1  ? 0.1441 0.1568 0.1285 0.0063  -0.0262 0.0135  101 DG  A N3    
19  C C4    . DG  A 1  ? 0.1934 0.1714 0.1660 0.0452  0.0023  0.0076  101 DG  A C4    
20  P P     . DC  A 2  ? 0.2081 0.1552 0.1958 0.0261  0.0007  0.0106  102 DC  A P     
21  O OP1   . DC  A 2  ? 0.2309 0.1637 0.2592 0.0733  0.0062  0.0035  102 DC  A OP1   
22  O OP2   . DC  A 2  ? 0.1921 0.1696 0.2434 0.0271  -0.0207 0.0322  102 DC  A OP2   
23  O "O5'" . DC  A 2  ? 0.1754 0.1744 0.1502 0.0456  0.0088  0.0226  102 DC  A "O5'" 
24  C "C5'" . DC  A 2  ? 0.1615 0.1806 0.1213 0.0148  -0.0006 0.0216  102 DC  A "C5'" 
25  C "C4'" . DC  A 2  ? 0.1498 0.1609 0.1343 0.0189  -0.0157 0.0030  102 DC  A "C4'" 
26  O "O4'" . DC  A 2  ? 0.1282 0.1622 0.1467 0.0163  -0.0002 -0.0186 102 DC  A "O4'" 
27  C "C3'" . DC  A 2  ? 0.1425 0.1499 0.1579 0.0328  -0.0004 -0.0145 102 DC  A "C3'" 
28  O "O3'" . DC  A 2  ? 0.1567 0.1398 0.1701 0.0172  0.0046  -0.0182 102 DC  A "O3'" 
29  C "C2'" . DC  A 2  ? 0.1468 0.1161 0.1009 0.0065  -0.0323 -0.0241 102 DC  A "C2'" 
30  C "C1'" . DC  A 2  ? 0.0955 0.1613 0.1012 0.0009  -0.0109 -0.0031 102 DC  A "C1'" 
31  N N1    . DC  A 2  ? 0.1399 0.1444 0.1218 0.0044  -0.0186 0.0084  102 DC  A N1    
32  C C2    . DC  A 2  ? 0.1472 0.1613 0.1156 -0.0013 0.0006  0.0056  102 DC  A C2    
33  O O2    . DC  A 2  ? 0.1410 0.1337 0.1411 0.0118  -0.0015 0.0219  102 DC  A O2    
34  N N3    . DC  A 2  ? 0.1186 0.1043 0.1071 -0.0011 -0.0130 -0.0172 102 DC  A N3    
35  C C4    . DC  A 2  ? 0.1510 0.1448 0.1228 0.0363  0.0103  0.0073  102 DC  A C4    
36  N N4    . DC  A 2  ? 0.1436 0.1441 0.1433 -0.0010 0.0034  0.0105  102 DC  A N4    
37  C C5    . DC  A 2  ? 0.1551 0.1615 0.1186 0.0310  0.0076  0.0119  102 DC  A C5    
38  C C6    . DC  A 2  ? 0.1535 0.1546 0.1145 0.0189  0.0146  0.0229  102 DC  A C6    
39  P P     . DG  A 3  ? 0.1569 0.1744 0.1930 0.0067  0.0076  -0.0272 103 DG  A P     
40  O OP1   . DG  A 3  ? 0.1787 0.2431 0.2008 -0.0077 0.0344  -0.0473 103 DG  A OP1   
41  O OP2   . DG  A 3  ? 0.1927 0.1795 0.2546 0.0000  0.0269  -0.0170 103 DG  A OP2   
42  O "O5'" . DG  A 3  ? 0.1464 0.1528 0.1741 -0.0063 -0.0080 -0.0162 103 DG  A "O5'" 
43  C "C5'" . DG  A 3  ? 0.1074 0.1501 0.1930 -0.0289 0.0087  -0.0051 103 DG  A "C5'" 
44  C "C4'" . DG  A 3  ? 0.1574 0.1884 0.1169 -0.0082 0.0261  -0.0238 103 DG  A "C4'" 
45  O "O4'" . DG  A 3  ? 0.1151 0.1848 0.1439 -0.0095 0.0212  -0.0426 103 DG  A "O4'" 
46  C "C3'" . DG  A 3  ? 0.1692 0.1524 0.1326 -0.0108 0.0130  -0.0382 103 DG  A "C3'" 
47  O "O3'" . DG  A 3  ? 0.1361 0.1616 0.1534 0.0187  0.0140  -0.0040 103 DG  A "O3'" 
48  C "C2'" . DG  A 3  ? 0.1567 0.1547 0.1000 -0.0051 -0.0038 -0.0375 103 DG  A "C2'" 
49  C "C1'" . DG  A 3  ? 0.1235 0.1747 0.1422 0.0120  0.0157  -0.0041 103 DG  A "C1'" 
50  N N9    . DG  A 3  ? 0.1340 0.1264 0.1444 0.0047  0.0075  -0.0253 103 DG  A N9    
51  C C8    . DG  A 3  ? 0.1616 0.1193 0.1248 0.0061  0.0035  -0.0130 103 DG  A C8    
52  N N7    . DG  A 3  ? 0.1538 0.1272 0.1218 0.0125  -0.0065 -0.0025 103 DG  A N7    
53  C C5    . DG  A 3  ? 0.1272 0.1319 0.1336 0.0125  0.0105  -0.0066 103 DG  A C5    
54  C C6    . DG  A 3  ? 0.1351 0.1056 0.1229 0.0027  0.0041  -0.0114 103 DG  A C6    
55  O O6    . DG  A 3  ? 0.1502 0.1370 0.1543 -0.0019 -0.0079 -0.0218 103 DG  A O6    
56  N N1    . DG  A 3  ? 0.1245 0.0960 0.1063 0.0064  0.0043  0.0012  103 DG  A N1    
57  C C2    . DG  A 3  ? 0.1295 0.0732 0.1127 0.0024  0.0116  -0.0102 103 DG  A C2    
58  N N2    . DG  A 3  ? 0.1159 0.1033 0.1430 0.0055  0.0062  -0.0223 103 DG  A N2    
59  N N3    . DG  A 3  ? 0.1282 0.1051 0.1314 0.0052  0.0303  -0.0097 103 DG  A N3    
60  C C4    . DG  A 3  ? 0.1546 0.1147 0.1222 0.0038  0.0302  -0.0187 103 DG  A C4    
61  P P     . DT  A 4  ? 0.1555 0.1642 0.1423 -0.0001 0.0023  -0.0297 104 DT  A P     
62  O OP1   . DT  A 4  ? 0.1991 0.2182 0.1306 0.0052  0.0332  -0.0254 104 DT  A OP1   
63  O OP2   . DT  A 4  ? 0.1601 0.1770 0.1918 0.0179  -0.0100 -0.0474 104 DT  A OP2   
64  O "O5'" . DT  A 4  ? 0.1460 0.1482 0.1286 0.0021  0.0082  -0.0036 104 DT  A "O5'" 
65  C "C5'" . DT  A 4  ? 0.1872 0.1659 0.1308 0.0397  -0.0018 -0.0008 104 DT  A "C5'" 
66  C "C4'" . DT  A 4  ? 0.1429 0.1118 0.0919 0.0163  -0.0171 -0.0132 104 DT  A "C4'" 
67  O "O4'" . DT  A 4  ? 0.1511 0.1292 0.1134 0.0142  0.0247  0.0075  104 DT  A "O4'" 
68  C "C3'" . DT  A 4  ? 0.1273 0.1656 0.1166 0.0069  -0.0030 0.0006  104 DT  A "C3'" 
69  O "O3'" . DT  A 4  ? 0.1386 0.1951 0.1252 -0.0021 -0.0274 0.0098  104 DT  A "O3'" 
70  C "C2'" . DT  A 4  ? 0.1268 0.1321 0.1235 0.0056  -0.0161 -0.0345 104 DT  A "C2'" 
71  C "C1'" . DT  A 4  ? 0.1403 0.1437 0.1307 -0.0138 0.0123  0.0080  104 DT  A "C1'" 
72  N N1    . DT  A 4  ? 0.1239 0.1167 0.1121 0.0023  0.0016  0.0030  104 DT  A N1    
73  C C2    . DT  A 4  ? 0.1161 0.1039 0.1014 0.0097  -0.0139 -0.0207 104 DT  A C2    
74  O O2    . DT  A 4  ? 0.1032 0.1284 0.1245 0.0048  0.0065  -0.0137 104 DT  A O2    
75  N N3    . DT  A 4  ? 0.1025 0.1255 0.1102 0.0060  0.0039  0.0186  104 DT  A N3    
76  C C4    . DT  A 4  ? 0.1369 0.0743 0.1429 0.0078  0.0059  -0.0035 104 DT  A C4    
77  O O4    . DT  A 4  ? 0.1535 0.1216 0.1136 -0.0032 -0.0046 -0.0044 104 DT  A O4    
78  C C5    . DT  A 4  ? 0.1143 0.0971 0.1074 -0.0013 -0.0173 0.0072  104 DT  A C5    
79  C C7    . DT  A 4  ? 0.1473 0.1087 0.1268 0.0196  -0.0239 0.0003  104 DT  A C7    
80  C C6    . DT  A 4  ? 0.1011 0.1335 0.1365 -0.0096 -0.0165 -0.0080 104 DT  A C6    
81  P P     . DA  A 5  ? 0.1484 0.1716 0.1446 -0.0006 -0.0235 -0.0127 105 DA  A P     
82  O OP1   . DA  A 5  ? 0.1597 0.2106 0.1582 -0.0129 -0.0267 -0.0085 105 DA  A OP1   
83  O OP2   . DA  A 5  ? 0.1552 0.1702 0.1609 0.0101  -0.0317 -0.0263 105 DA  A OP2   
84  O "O5'" . DA  A 5  ? 0.1632 0.1369 0.1293 -0.0125 -0.0350 0.0101  105 DA  A "O5'" 
85  C "C5'" . DA  A 5  ? 0.2022 0.1432 0.1051 0.0170  0.0059  0.0110  105 DA  A "C5'" 
86  C "C4'" . DA  A 5  ? 0.1927 0.1099 0.1040 -0.0200 -0.0095 0.0002  105 DA  A "C4'" 
87  O "O4'" . DA  A 5  ? 0.1765 0.1165 0.1271 -0.0167 -0.0299 0.0108  105 DA  A "O4'" 
88  C "C3'" . DA  A 5  ? 0.2370 0.1506 0.1289 -0.0517 -0.0370 0.0216  105 DA  A "C3'" 
89  O "O3'" . DA  A 5  ? 0.2354 0.1492 0.1905 -0.0403 -0.0591 0.0514  105 DA  A "O3'" 
90  C "C2'" . DA  A 5  ? 0.1945 0.1225 0.1632 -0.0365 -0.0221 0.0056  105 DA  A "C2'" 
91  C "C1'" . DA  A 5  ? 0.1568 0.1468 0.1521 -0.0092 -0.0278 0.0384  105 DA  A "C1'" 
92  N N9    . DA  A 5  ? 0.1545 0.1085 0.1357 0.0013  -0.0137 0.0061  105 DA  A N9    
93  C C8    . DA  A 5  ? 0.1360 0.1291 0.1682 0.0029  -0.0371 -0.0165 105 DA  A C8    
94  N N7    . DA  A 5  ? 0.1676 0.1030 0.1327 -0.0036 -0.0148 -0.0161 105 DA  A N7    
95  C C5    . DA  A 5  ? 0.1349 0.1040 0.1196 -0.0132 -0.0112 0.0012  105 DA  A C5    
96  C C6    . DA  A 5  ? 0.1459 0.0966 0.1469 -0.0135 -0.0053 -0.0183 105 DA  A C6    
97  N N6    . DA  A 5  ? 0.1753 0.1079 0.1324 0.0181  -0.0157 -0.0110 105 DA  A N6    
98  N N1    . DA  A 5  ? 0.1533 0.0844 0.1218 0.0199  0.0043  -0.0087 105 DA  A N1    
99  C C2    . DA  A 5  ? 0.1584 0.1059 0.1226 0.0028  -0.0126 -0.0066 105 DA  A C2    
100 N N3    . DA  A 5  ? 0.1496 0.1324 0.1147 -0.0010 -0.0079 0.0002  105 DA  A N3    
101 C C4    . DA  A 5  ? 0.1471 0.1075 0.1382 -0.0080 -0.0117 -0.0068 105 DA  A C4    
102 P P     . UMX A 6  ? 0.2907 0.1779 0.1790 -0.0419 -0.0455 -0.0130 106 UMX A P     
103 N N1    . UMX A 6  ? 0.1195 0.1477 0.1426 -0.0006 -0.0118 -0.0068 106 UMX A N1    
104 C C2    . UMX A 6  ? 0.1455 0.1182 0.1350 0.0025  -0.0241 -0.0200 106 UMX A C2    
105 O O2    . UMX A 6  ? 0.1504 0.1426 0.1451 0.0160  -0.0068 -0.0020 106 UMX A O2    
106 N N3    . UMX A 6  ? 0.1248 0.1365 0.1496 -0.0058 -0.0161 -0.0212 106 UMX A N3    
107 C C4    . UMX A 6  ? 0.1179 0.1060 0.1680 -0.0052 -0.0060 -0.0168 106 UMX A C4    
108 O O4    . UMX A 6  ? 0.1491 0.1430 0.1586 -0.0032 -0.0063 0.0028  106 UMX A O4    
109 C C5    . UMX A 6  ? 0.1437 0.1219 0.1465 -0.0245 -0.0048 -0.0149 106 UMX A C5    
110 C C6    . UMX A 6  ? 0.1418 0.1135 0.1583 0.0001  -0.0265 -0.0063 106 UMX A C6    
111 C "C1'" . UMX A 6  ? 0.1530 0.1489 0.1607 0.0129  -0.0368 0.0244  106 UMX A "C1'" 
112 C "C2'" . UMX A 6  ? 0.1686 0.1271 0.1696 0.0030  -0.0086 0.0089  106 UMX A "C2'" 
113 C "C3'" . UMX A 6  ? 0.2031 0.1297 0.1830 0.0020  -0.0590 0.0026  106 UMX A "C3'" 
114 O "O3'" . UMX A 6  ? 0.2046 0.1723 0.1901 -0.0008 -0.0045 0.0372  106 UMX A "O3'" 
115 C "C4'" . UMX A 6  ? 0.2045 0.1493 0.1772 0.0154  -0.0077 -0.0019 106 UMX A "C4'" 
116 O "O4'" . UMX A 6  ? 0.1517 0.1285 0.1935 -0.0021 -0.0331 0.0370  106 UMX A "O4'" 
117 C "C5'" . UMX A 6  ? 0.1798 0.1619 0.1554 -0.0192 -0.0170 -0.0036 106 UMX A "C5'" 
118 O "O5'" . UMX A 6  ? 0.2344 0.1595 0.1612 -0.0401 -0.0274 0.0291  106 UMX A "O5'" 
119 C "C6'" . UMX A 6  ? 0.1797 0.1487 0.2090 0.0175  -0.0024 0.0447  106 UMX A "C6'" 
120 C "C7'" . UMX A 6  ? 0.1678 0.2164 0.2979 0.0031  0.0347  0.0396  106 UMX A "C7'" 
121 C "C8'" . UMX A 6  ? 0.1843 0.1729 0.2280 0.0223  -0.0104 0.0389  106 UMX A "C8'" 
122 O OP1   . UMX A 6  ? 0.3296 0.2749 0.2733 -0.0366 -0.1208 -0.0062 106 UMX A OP1   
123 O OP2   . UMX A 6  ? 0.3228 0.2333 0.2100 -0.0516 0.0122  -0.0476 106 UMX A OP2   
124 P P     . DA  A 7  ? 0.2108 0.1796 0.1858 -0.0175 -0.0597 0.0123  107 DA  A P     
125 O OP1   . DA  A 7  ? 0.1846 0.2366 0.2420 -0.0550 -0.0867 0.0198  107 DA  A OP1   
126 O OP2   . DA  A 7  ? 0.2329 0.2062 0.1742 -0.0118 -0.0454 -0.0098 107 DA  A OP2   
127 O "O5'" . DA  A 7  ? 0.1571 0.1369 0.1609 -0.0153 -0.0455 0.0154  107 DA  A "O5'" 
128 C "C5'" . DA  A 7  ? 0.1546 0.1554 0.1807 -0.0226 -0.0232 0.0153  107 DA  A "C5'" 
129 C "C4'" . DA  A 7  ? 0.1578 0.1275 0.1680 0.0109  -0.0403 -0.0049 107 DA  A "C4'" 
130 O "O4'" . DA  A 7  ? 0.1406 0.1366 0.1988 0.0090  -0.0137 0.0036  107 DA  A "O4'" 
131 C "C3'" . DA  A 7  ? 0.1501 0.1298 0.1619 -0.0121 -0.0539 -0.0059 107 DA  A "C3'" 
132 O "O3'" . DA  A 7  ? 0.1280 0.1696 0.1617 0.0114  -0.0171 -0.0102 107 DA  A "O3'" 
133 C "C2'" . DA  A 7  ? 0.1821 0.1008 0.1717 0.0211  -0.0350 -0.0074 107 DA  A "C2'" 
134 C "C1'" . DA  A 7  ? 0.1674 0.1153 0.1509 -0.0061 0.0059  0.0097  107 DA  A "C1'" 
135 N N9    . DA  A 7  ? 0.1381 0.1125 0.1275 -0.0022 -0.0096 -0.0058 107 DA  A N9    
136 C C8    . DA  A 7  ? 0.1608 0.1343 0.1438 0.0050  0.0079  0.0088  107 DA  A C8    
137 N N7    . DA  A 7  ? 0.1920 0.1256 0.1449 -0.0208 -0.0142 -0.0157 107 DA  A N7    
138 C C5    . DA  A 7  ? 0.1261 0.1096 0.1359 0.0018  -0.0150 -0.0191 107 DA  A C5    
139 C C6    . DA  A 7  ? 0.1551 0.0950 0.1308 -0.0133 -0.0054 -0.0068 107 DA  A C6    
140 N N6    . DA  A 7  ? 0.1343 0.1482 0.1372 -0.0012 0.0139  -0.0095 107 DA  A N6    
141 N N1    . DA  A 7  ? 0.1308 0.1407 0.1275 0.0034  -0.0136 -0.0128 107 DA  A N1    
142 C C2    . DA  A 7  ? 0.1463 0.1008 0.1251 -0.0108 0.0053  -0.0341 107 DA  A C2    
143 N N3    . DA  A 7  ? 0.1563 0.1271 0.1122 -0.0034 -0.0054 -0.0005 107 DA  A N3    
144 C C4    . DA  A 7  ? 0.1451 0.1241 0.1534 0.0149  -0.0219 -0.0078 107 DA  A C4    
145 P P     . DC  A 8  ? 0.1723 0.1441 0.1784 -0.0146 -0.0316 -0.0112 108 DC  A P     
146 O OP1   . DC  A 8  ? 0.1714 0.1574 0.2787 -0.0067 -0.0615 -0.0094 108 DC  A OP1   
147 O OP2   . DC  A 8  ? 0.1830 0.2132 0.1656 0.0204  -0.0388 -0.0263 108 DC  A OP2   
148 O "O5'" . DC  A 8  ? 0.1514 0.1492 0.1377 0.0208  -0.0050 -0.0103 108 DC  A "O5'" 
149 C "C5'" . DC  A 8  ? 0.1438 0.1543 0.1273 -0.0025 -0.0087 -0.0020 108 DC  A "C5'" 
150 C "C4'" . DC  A 8  ? 0.0767 0.1352 0.1980 0.0096  -0.0197 -0.0206 108 DC  A "C4'" 
151 O "O4'" . DC  A 8  ? 0.1194 0.1455 0.1270 0.0159  -0.0037 -0.0106 108 DC  A "O4'" 
152 C "C3'" . DC  A 8  ? 0.1118 0.0996 0.1661 -0.0001 -0.0047 0.0030  108 DC  A "C3'" 
153 O "O3'" . DC  A 8  ? 0.1162 0.1171 0.1461 0.0128  0.0019  -0.0105 108 DC  A "O3'" 
154 C "C2'" . DC  A 8  ? 0.1333 0.1234 0.1304 0.0148  0.0005  -0.0219 108 DC  A "C2'" 
155 C "C1'" . DC  A 8  ? 0.1089 0.1313 0.1154 0.0124  0.0262  -0.0097 108 DC  A "C1'" 
156 N N1    . DC  A 8  ? 0.1122 0.1364 0.1118 0.0170  0.0037  0.0032  108 DC  A N1    
157 C C2    . DC  A 8  ? 0.1283 0.1319 0.1343 0.0070  0.0005  -0.0197 108 DC  A C2    
158 O O2    . DC  A 8  ? 0.1450 0.1380 0.1252 -0.0104 -0.0212 -0.0114 108 DC  A O2    
159 N N3    . DC  A 8  ? 0.1390 0.1340 0.1333 -0.0030 -0.0135 -0.0122 108 DC  A N3    
160 C C4    . DC  A 8  ? 0.1330 0.1398 0.0972 0.0067  0.0135  -0.0055 108 DC  A C4    
161 N N4    . DC  A 8  ? 0.1359 0.1508 0.1369 -0.0018 0.0275  0.0013  108 DC  A N4    
162 C C5    . DC  A 8  ? 0.1279 0.1386 0.1412 0.0019  0.0152  -0.0080 108 DC  A C5    
163 C C6    . DC  A 8  ? 0.1454 0.1251 0.0943 0.0089  -0.0021 -0.0026 108 DC  A C6    
164 P P     . DG  A 9  ? 0.1361 0.1306 0.1314 0.0118  -0.0053 -0.0086 109 DG  A P     
165 O OP1   . DG  A 9  ? 0.1536 0.1702 0.1553 -0.0017 -0.0267 0.0121  109 DG  A OP1   
166 O OP2   . DG  A 9  ? 0.1674 0.1819 0.1481 0.0400  0.0058  -0.0144 109 DG  A OP2   
167 O "O5'" . DG  A 9  ? 0.1070 0.1298 0.1195 0.0046  0.0035  -0.0130 109 DG  A "O5'" 
168 C "C5'" . DG  A 9  ? 0.1057 0.1229 0.0959 -0.0118 -0.0060 0.0102  109 DG  A "C5'" 
169 C "C4'" . DG  A 9  ? 0.1106 0.1357 0.1490 0.0138  0.0134  -0.0063 109 DG  A "C4'" 
170 O "O4'" . DG  A 9  ? 0.1228 0.1426 0.1170 -0.0069 0.0185  -0.0278 109 DG  A "O4'" 
171 C "C3'" . DG  A 9  ? 0.0853 0.1132 0.1131 0.0053  0.0104  0.0138  109 DG  A "C3'" 
172 O "O3'" . DG  A 9  ? 0.1410 0.1091 0.1126 0.0040  0.0187  -0.0108 109 DG  A "O3'" 
173 C "C2'" . DG  A 9  ? 0.1332 0.0733 0.1469 -0.0049 0.0058  0.0036  109 DG  A "C2'" 
174 C "C1'" . DG  A 9  ? 0.1228 0.1157 0.1077 0.0039  0.0172  -0.0098 109 DG  A "C1'" 
175 N N9    . DG  A 9  ? 0.1125 0.1059 0.1215 0.0010  0.0053  -0.0111 109 DG  A N9    
176 C C8    . DG  A 9  ? 0.1255 0.0991 0.1320 0.0070  -0.0123 -0.0048 109 DG  A C8    
177 N N7    . DG  A 9  ? 0.1419 0.1375 0.1534 0.0047  0.0127  0.0003  109 DG  A N7    
178 C C5    . DG  A 9  ? 0.1535 0.0999 0.1184 0.0052  0.0008  0.0024  109 DG  A C5    
179 C C6    . DG  A 9  ? 0.1262 0.1168 0.1345 -0.0038 0.0120  -0.0037 109 DG  A C6    
180 O O6    . DG  A 9  ? 0.1607 0.1343 0.1548 0.0241  0.0174  -0.0067 109 DG  A O6    
181 N N1    . DG  A 9  ? 0.1280 0.1147 0.1189 0.0073  -0.0078 -0.0165 109 DG  A N1    
182 C C2    . DG  A 9  ? 0.1504 0.1296 0.1451 0.0009  0.0012  -0.0074 109 DG  A C2    
183 N N2    . DG  A 9  ? 0.1321 0.1345 0.1528 -0.0042 0.0045  0.0077  109 DG  A N2    
184 N N3    . DG  A 9  ? 0.1402 0.1218 0.1264 -0.0177 -0.0178 -0.0085 109 DG  A N3    
185 C C4    . DG  A 9  ? 0.1262 0.0763 0.1370 -0.0125 -0.0093 -0.0041 109 DG  A C4    
186 P P     . DC  A 10 ? 0.1461 0.1192 0.1363 -0.0056 0.0047  -0.0140 110 DC  A P     
187 O OP1   . DC  A 10 ? 0.1841 0.1400 0.1651 0.0032  0.0042  -0.0014 110 DC  A OP1   
188 O OP2   . DC  A 10 ? 0.1179 0.1507 0.1325 -0.0175 0.0059  -0.0220 110 DC  A OP2   
189 O "O5'" . DC  A 10 ? 0.1417 0.1094 0.1274 0.0055  0.0075  -0.0182 110 DC  A "O5'" 
190 C "C5'" . DC  A 10 ? 0.1193 0.1378 0.1110 -0.0061 -0.0078 0.0066  110 DC  A "C5'" 
191 C "C4'" . DC  A 10 ? 0.1444 0.1414 0.0951 0.0143  0.0013  -0.0046 110 DC  A "C4'" 
192 O "O4'" . DC  A 10 ? 0.1408 0.1341 0.1172 0.0013  0.0004  -0.0129 110 DC  A "O4'" 
193 C "C3'" . DC  A 10 ? 0.1191 0.1217 0.1107 0.0113  0.0084  -0.0145 110 DC  A "C3'" 
194 O "O3'" . DC  A 10 ? 0.1237 0.1197 0.1411 0.0169  0.0091  -0.0070 110 DC  A "O3'" 
195 C "C2'" . DC  A 10 ? 0.0892 0.1131 0.1559 0.0152  -0.0024 -0.0103 110 DC  A "C2'" 
196 C "C1'" . DC  A 10 ? 0.1370 0.1065 0.1234 0.0011  -0.0141 0.0047  110 DC  A "C1'" 
197 N N1    . DC  A 10 ? 0.1185 0.1210 0.0929 -0.0060 -0.0094 -0.0097 110 DC  A N1    
198 C C2    . DC  A 10 ? 0.1442 0.0801 0.1197 -0.0041 0.0035  -0.0178 110 DC  A C2    
199 O O2    . DC  A 10 ? 0.1272 0.1528 0.1227 0.0011  0.0002  -0.0044 110 DC  A O2    
200 N N3    . DC  A 10 ? 0.1084 0.1614 0.1224 0.0008  -0.0173 -0.0012 110 DC  A N3    
201 C C4    . DC  A 10 ? 0.0935 0.1315 0.1265 0.0119  -0.0196 -0.0185 110 DC  A C4    
202 N N4    . DC  A 10 ? 0.1953 0.1616 0.1518 0.0172  -0.0524 0.0243  110 DC  A N4    
203 C C5    . DC  A 10 ? 0.1642 0.1590 0.0980 0.0266  0.0106  -0.0164 110 DC  A C5    
204 C C6    . DC  A 10 ? 0.1156 0.1316 0.1080 0.0047  -0.0125 -0.0466 110 DC  A C6    
205 O "O5'" . DG  B 1  ? 0.3226 0.2560 0.4087 0.0262  -0.0473 0.0392  201 DG  B "O5'" 
206 C "C5'" . DG  B 1  ? 0.2807 0.1711 0.3286 0.0249  -0.0264 0.0487  201 DG  B "C5'" 
207 C "C4'" . DG  B 1  ? 0.2740 0.1844 0.2297 0.0116  -0.0012 0.0190  201 DG  B "C4'" 
208 O "O4'" . DG  B 1  ? 0.2275 0.1851 0.1671 -0.0129 0.0032  0.0445  201 DG  B "O4'" 
209 C "C3'" . DG  B 1  ? 0.2237 0.1597 0.1876 -0.0035 -0.0229 0.0242  201 DG  B "C3'" 
210 O "O3'" . DG  B 1  ? 0.1807 0.1658 0.1639 -0.0199 0.0151  0.0288  201 DG  B "O3'" 
211 C "C2'" . DG  B 1  ? 0.1878 0.1751 0.1664 -0.0048 0.0177  0.0023  201 DG  B "C2'" 
212 C "C1'" . DG  B 1  ? 0.2264 0.2110 0.1591 -0.0199 0.0074  0.0157  201 DG  B "C1'" 
213 N N9    . DG  B 1  ? 0.1939 0.1476 0.1812 0.0132  -0.0096 -0.0047 201 DG  B N9    
214 C C8    . DG  B 1  ? 0.2117 0.2028 0.1643 -0.0218 -0.0645 0.0222  201 DG  B C8    
215 N N7    . DG  B 1  ? 0.1806 0.2121 0.1767 -0.0169 -0.0297 0.0416  201 DG  B N7    
216 C C5    . DG  B 1  ? 0.1514 0.1544 0.1227 0.0096  -0.0113 0.0086  201 DG  B C5    
217 C C6    . DG  B 1  ? 0.1424 0.1190 0.1664 -0.0132 -0.0127 0.0100  201 DG  B C6    
218 O O6    . DG  B 1  ? 0.1320 0.1675 0.2152 -0.0187 -0.0075 0.0044  201 DG  B O6    
219 N N1    . DG  B 1  ? 0.1416 0.1219 0.1404 0.0038  -0.0068 -0.0039 201 DG  B N1    
220 C C2    . DG  B 1  ? 0.1400 0.1474 0.1164 0.0141  -0.0095 -0.0118 201 DG  B C2    
221 N N2    . DG  B 1  ? 0.1451 0.1310 0.1268 0.0098  -0.0219 -0.0226 201 DG  B N2    
222 N N3    . DG  B 1  ? 0.1535 0.1592 0.1395 0.0148  -0.0076 0.0074  201 DG  B N3    
223 C C4    . DG  B 1  ? 0.1941 0.1809 0.1499 -0.0057 0.0043  0.0117  201 DG  B C4    
224 P P     . DC  B 2  ? 0.2024 0.1578 0.2003 -0.0103 0.0119  0.0215  202 DC  B P     
225 O OP1   . DC  B 2  ? 0.2615 0.1694 0.2526 -0.0257 -0.0017 0.0206  202 DC  B OP1   
226 O OP2   . DC  B 2  ? 0.2158 0.1834 0.1996 0.0199  -0.0194 0.0325  202 DC  B OP2   
227 O "O5'" . DC  B 2  ? 0.1749 0.1327 0.1938 0.0295  0.0023  0.0339  202 DC  B "O5'" 
228 C "C5'" . DC  B 2  ? 0.1536 0.1378 0.1683 0.0100  0.0018  0.0538  202 DC  B "C5'" 
229 C "C4'" . DC  B 2  ? 0.1438 0.1417 0.1568 -0.0010 0.0077  0.0133  202 DC  B "C4'" 
230 O "O4'" . DC  B 2  ? 0.1190 0.1576 0.1869 0.0047  0.0202  0.0180  202 DC  B "O4'" 
231 C "C3'" . DC  B 2  ? 0.1508 0.1393 0.1581 -0.0061 0.0063  0.0021  202 DC  B "C3'" 
232 O "O3'" . DC  B 2  ? 0.1642 0.1623 0.1804 -0.0271 0.0244  -0.0065 202 DC  B "O3'" 
233 C "C2'" . DC  B 2  ? 0.1837 0.1104 0.1240 0.0228  0.0038  -0.0045 202 DC  B "C2'" 
234 C "C1'" . DC  B 2  ? 0.1050 0.1525 0.1304 -0.0068 0.0194  0.0003  202 DC  B "C1'" 
235 N N1    . DC  B 2  ? 0.0985 0.1338 0.1334 -0.0167 0.0082  0.0043  202 DC  B N1    
236 C C2    . DC  B 2  ? 0.1349 0.1081 0.1355 0.0069  0.0086  0.0024  202 DC  B C2    
237 O O2    . DC  B 2  ? 0.1343 0.1198 0.1247 -0.0111 0.0003  0.0006  202 DC  B O2    
238 N N3    . DC  B 2  ? 0.1348 0.1069 0.1465 0.0150  0.0037  0.0062  202 DC  B N3    
239 C C4    . DC  B 2  ? 0.1021 0.1376 0.1214 0.0029  -0.0261 0.0037  202 DC  B C4    
240 N N4    . DC  B 2  ? 0.1134 0.1505 0.1933 0.0074  -0.0089 0.0008  202 DC  B N4    
241 C C5    . DC  B 2  ? 0.1116 0.1115 0.1288 0.0166  0.0036  0.0037  202 DC  B C5    
242 C C6    . DC  B 2  ? 0.1065 0.1561 0.1380 0.0236  0.0138  -0.0086 202 DC  B C6    
243 P P     . DG  B 3  ? 0.1898 0.1542 0.1898 -0.0109 0.0063  -0.0013 203 DG  B P     
244 O OP1   . DG  B 3  ? 0.1884 0.1712 0.1909 -0.0333 -0.0011 -0.0025 203 DG  B OP1   
245 O OP2   . DG  B 3  ? 0.2633 0.1471 0.2159 0.0072  0.0014  0.0377  203 DG  B OP2   
246 O "O5'" . DG  B 3  ? 0.1303 0.1262 0.1659 -0.0066 0.0180  -0.0177 203 DG  B "O5'" 
247 C "C5'" . DG  B 3  ? 0.1553 0.1593 0.1317 -0.0179 -0.0075 0.0558  203 DG  B "C5'" 
248 C "C4'" . DG  B 3  ? 0.1548 0.1826 0.1589 0.0001  -0.0307 0.0192  203 DG  B "C4'" 
249 O "O4'" . DG  B 3  ? 0.1302 0.1422 0.1604 0.0074  0.0018  -0.0085 203 DG  B "O4'" 
250 C "C3'" . DG  B 3  ? 0.1158 0.1583 0.1586 -0.0093 -0.0177 -0.0132 203 DG  B "C3'" 
251 O "O3'" . DG  B 3  ? 0.1485 0.1706 0.1542 -0.0095 -0.0018 -0.0162 203 DG  B "O3'" 
252 C "C2'" . DG  B 3  ? 0.1398 0.1472 0.1477 -0.0039 -0.0068 -0.0045 203 DG  B "C2'" 
253 C "C1'" . DG  B 3  ? 0.1137 0.1696 0.1145 -0.0011 -0.0039 -0.0166 203 DG  B "C1'" 
254 N N9    . DG  B 3  ? 0.1313 0.1465 0.1489 0.0024  0.0183  -0.0160 203 DG  B N9    
255 C C8    . DG  B 3  ? 0.1535 0.1075 0.1372 0.0071  -0.0003 -0.0062 203 DG  B C8    
256 N N7    . DG  B 3  ? 0.1537 0.1316 0.1206 0.0133  0.0053  -0.0086 203 DG  B N7    
257 C C5    . DG  B 3  ? 0.1434 0.1264 0.0920 -0.0005 -0.0059 -0.0149 203 DG  B C5    
258 C C6    . DG  B 3  ? 0.1538 0.1217 0.1473 -0.0080 -0.0135 -0.0288 203 DG  B C6    
259 O O6    . DG  B 3  ? 0.1581 0.1298 0.1485 0.0032  0.0048  0.0234  203 DG  B O6    
260 N N1    . DG  B 3  ? 0.1269 0.1245 0.1244 -0.0014 -0.0223 -0.0119 203 DG  B N1    
261 C C2    . DG  B 3  ? 0.1591 0.1068 0.1274 -0.0019 -0.0006 -0.0105 203 DG  B C2    
262 N N2    . DG  B 3  ? 0.1634 0.0969 0.1206 -0.0043 0.0112  -0.0002 203 DG  B N2    
263 N N3    . DG  B 3  ? 0.1432 0.1373 0.1288 -0.0119 0.0176  -0.0155 203 DG  B N3    
264 C C4    . DG  B 3  ? 0.1187 0.1173 0.1287 0.0052  0.0007  -0.0132 203 DG  B C4    
265 P P     . DT  B 4  ? 0.1515 0.1581 0.1712 -0.0119 -0.0069 -0.0114 204 DT  B P     
266 O OP1   . DT  B 4  ? 0.1643 0.1951 0.2265 -0.0088 -0.0353 -0.0404 204 DT  B OP1   
267 O OP2   . DT  B 4  ? 0.2013 0.1722 0.2069 -0.0042 0.0159  -0.0232 204 DT  B OP2   
268 O "O5'" . DT  B 4  ? 0.1444 0.1527 0.1713 -0.0121 0.0007  -0.0165 204 DT  B "O5'" 
269 C "C5'" . DT  B 4  ? 0.1382 0.1771 0.1529 -0.0146 -0.0195 0.0140  204 DT  B "C5'" 
270 C "C4'" . DT  B 4  ? 0.1266 0.1250 0.1542 0.0145  0.0045  -0.0070 204 DT  B "C4'" 
271 O "O4'" . DT  B 4  ? 0.1302 0.1463 0.1580 0.0022  -0.0144 -0.0018 204 DT  B "O4'" 
272 C "C3'" . DT  B 4  ? 0.1586 0.1565 0.1539 -0.0010 -0.0225 -0.0500 204 DT  B "C3'" 
273 O "O3'" . DT  B 4  ? 0.1497 0.2060 0.1590 0.0061  -0.0380 -0.0256 204 DT  B "O3'" 
274 C "C2'" . DT  B 4  ? 0.1380 0.1436 0.1428 -0.0231 0.0093  -0.0366 204 DT  B "C2'" 
275 C "C1'" . DT  B 4  ? 0.1376 0.1291 0.1193 0.0034  0.0085  0.0188  204 DT  B "C1'" 
276 N N1    . DT  B 4  ? 0.1284 0.1468 0.1291 -0.0090 -0.0270 0.0109  204 DT  B N1    
277 C C2    . DT  B 4  ? 0.1171 0.1214 0.1276 -0.0120 -0.0123 0.0003  204 DT  B C2    
278 O O2    . DT  B 4  ? 0.1213 0.1235 0.1623 0.0056  -0.0028 0.0024  204 DT  B O2    
279 N N3    . DT  B 4  ? 0.1523 0.1003 0.1112 0.0175  0.0178  -0.0004 204 DT  B N3    
280 C C4    . DT  B 4  ? 0.1331 0.1084 0.1379 0.0306  0.0004  -0.0079 204 DT  B C4    
281 O O4    . DT  B 4  ? 0.1672 0.1566 0.1480 0.0069  -0.0051 0.0034  204 DT  B O4    
282 C C5    . DT  B 4  ? 0.1334 0.1299 0.1303 -0.0166 -0.0099 0.0043  204 DT  B C5    
283 C C7    . DT  B 4  ? 0.1578 0.1632 0.1583 -0.0311 0.0162  0.0056  204 DT  B C7    
284 C C6    . DT  B 4  ? 0.1379 0.1309 0.1435 -0.0014 0.0069  0.0018  204 DT  B C6    
285 P P     . DA  B 5  ? 0.2026 0.2185 0.2076 0.0002  -0.0296 -0.0622 205 DA  B P     
286 O OP1   . DA  B 5  ? 0.1936 0.2958 0.2391 0.0377  -0.0668 -0.0879 205 DA  B OP1   
287 O OP2   . DA  B 5  ? 0.1883 0.1609 0.2629 -0.0217 -0.0084 -0.0605 205 DA  B OP2   
288 O "O5'" . DA  B 5  ? 0.1307 0.2231 0.1703 -0.0036 -0.0155 -0.0310 205 DA  B "O5'" 
289 C "C5'" . DA  B 5  ? 0.1741 0.2421 0.2043 0.0305  0.0094  -0.0065 205 DA  B "C5'" 
290 C "C4'" . DA  B 5  ? 0.1639 0.1731 0.1377 0.0045  0.0029  -0.0034 205 DA  B "C4'" 
291 O "O4'" . DA  B 5  ? 0.1659 0.1400 0.1290 0.0126  0.0011  0.0048  205 DA  B "O4'" 
292 C "C3'" . DA  B 5  ? 0.1565 0.1793 0.1332 0.0265  -0.0206 -0.0127 205 DA  B "C3'" 
293 O "O3'" . DA  B 5  ? 0.1817 0.1793 0.1406 0.0136  -0.0039 -0.0047 205 DA  B "O3'" 
294 C "C2'" . DA  B 5  ? 0.1495 0.1739 0.1204 0.0240  0.0037  -0.0419 205 DA  B "C2'" 
295 C "C1'" . DA  B 5  ? 0.1488 0.1681 0.1363 0.0042  -0.0040 0.0193  205 DA  B "C1'" 
296 N N9    . DA  B 5  ? 0.1468 0.1301 0.1260 0.0174  -0.0067 -0.0008 205 DA  B N9    
297 C C8    . DA  B 5  ? 0.1721 0.1274 0.1515 0.0018  0.0159  0.0097  205 DA  B C8    
298 N N7    . DA  B 5  ? 0.1401 0.1275 0.1522 0.0204  -0.0055 0.0050  205 DA  B N7    
299 C C5    . DA  B 5  ? 0.1245 0.1087 0.1256 -0.0056 -0.0204 -0.0050 205 DA  B C5    
300 C C6    . DA  B 5  ? 0.1295 0.1075 0.1465 -0.0003 0.0004  0.0131  205 DA  B C6    
301 N N6    . DA  B 5  ? 0.1725 0.0966 0.1292 0.0097  0.0076  -0.0034 205 DA  B N6    
302 N N1    . DA  B 5  ? 0.1570 0.1335 0.1145 -0.0067 -0.0293 0.0121  205 DA  B N1    
303 C C2    . DA  B 5  ? 0.1360 0.1185 0.1074 0.0039  -0.0020 -0.0176 205 DA  B C2    
304 N N3    . DA  B 5  ? 0.1423 0.1368 0.1383 0.0154  -0.0018 -0.0100 205 DA  B N3    
305 C C4    . DA  B 5  ? 0.1328 0.1069 0.1006 0.0236  -0.0097 -0.0214 205 DA  B C4    
306 P P     . UMX B 6  ? 0.1895 0.1985 0.1691 0.0006  -0.0187 -0.0292 206 UMX B P     
307 N N1    . UMX B 6  ? 0.1490 0.1395 0.0962 0.0033  0.0069  0.0052  206 UMX B N1    
308 C C2    . UMX B 6  ? 0.1285 0.1436 0.1063 -0.0293 -0.0128 0.0094  206 UMX B C2    
309 O O2    . UMX B 6  ? 0.1510 0.1470 0.1221 0.0016  -0.0041 -0.0140 206 UMX B O2    
310 N N3    . UMX B 6  ? 0.1385 0.1175 0.1223 0.0282  -0.0029 -0.0180 206 UMX B N3    
311 C C4    . UMX B 6  ? 0.1537 0.1189 0.1220 0.0000  -0.0004 -0.0279 206 UMX B C4    
312 O O4    . UMX B 6  ? 0.1798 0.1562 0.1092 0.0091  -0.0057 -0.0334 206 UMX B O4    
313 C C5    . UMX B 6  ? 0.1699 0.1310 0.1278 0.0304  -0.0072 -0.0292 206 UMX B C5    
314 C C6    . UMX B 6  ? 0.1536 0.0930 0.1327 -0.0011 0.0112  -0.0287 206 UMX B C6    
315 C "C1'" . UMX B 6  ? 0.1579 0.1352 0.1276 0.0220  -0.0009 0.0327  206 UMX B "C1'" 
316 C "C2'" . UMX B 6  ? 0.1337 0.1656 0.1291 0.0236  0.0187  -0.0028 206 UMX B "C2'" 
317 C "C3'" . UMX B 6  ? 0.1832 0.1170 0.1346 0.0237  -0.0118 -0.0017 206 UMX B "C3'" 
318 O "O3'" . UMX B 6  ? 0.2230 0.1394 0.1378 0.0300  0.0183  0.0188  206 UMX B "O3'" 
319 C "C4'" . UMX B 6  ? 0.1756 0.1073 0.1126 0.0103  0.0068  0.0044  206 UMX B "C4'" 
320 O "O4'" . UMX B 6  ? 0.1890 0.1244 0.1173 -0.0002 -0.0012 -0.0013 206 UMX B "O4'" 
321 C "C5'" . UMX B 6  ? 0.1424 0.1475 0.1448 0.0193  -0.0057 0.0059  206 UMX B "C5'" 
322 O "O5'" . UMX B 6  ? 0.1601 0.1466 0.1378 0.0255  -0.0131 0.0052  206 UMX B "O5'" 
323 C "C6'" . UMX B 6  ? 0.1676 0.1567 0.1524 0.0244  0.0131  0.0139  206 UMX B "C6'" 
324 C "C7'" . UMX B 6  ? 0.2121 0.1942 0.2127 0.0303  0.0143  0.0098  206 UMX B "C7'" 
325 C "C8'" . UMX B 6  ? 0.1525 0.1334 0.1410 0.0289  -0.0091 -0.0057 206 UMX B "C8'" 
326 O OP1   . UMX B 6  ? 0.2252 0.2806 0.1853 0.0461  -0.0227 -0.0089 206 UMX B OP1   
327 O OP2   . UMX B 6  ? 0.1953 0.1549 0.2228 -0.0012 -0.0224 -0.0239 206 UMX B OP2   
328 P P     . DA  B 7  ? 0.2044 0.1433 0.1558 0.0061  0.0106  -0.0193 207 DA  B P     
329 O OP1   . DA  B 7  ? 0.2741 0.1841 0.1486 0.0098  0.0104  -0.0495 207 DA  B OP1   
330 O OP2   . DA  B 7  ? 0.2131 0.1544 0.1904 -0.0018 -0.0084 -0.0239 207 DA  B OP2   
331 O "O5'" . DA  B 7  ? 0.1798 0.1605 0.1445 0.0272  0.0208  0.0185  207 DA  B "O5'" 
332 C "C5'" . DA  B 7  ? 0.1606 0.1741 0.1469 0.0088  -0.0080 -0.0170 207 DA  B "C5'" 
333 C "C4'" . DA  B 7  ? 0.1881 0.1619 0.1741 0.0036  0.0168  -0.0048 207 DA  B "C4'" 
334 O "O4'" . DA  B 7  ? 0.2009 0.1715 0.1503 0.0141  0.0430  0.0048  207 DA  B "O4'" 
335 C "C3'" . DA  B 7  ? 0.2253 0.1492 0.1375 0.0450  0.0699  0.0058  207 DA  B "C3'" 
336 O "O3'" . DA  B 7  ? 0.2276 0.2095 0.1552 0.0432  0.0625  0.0346  207 DA  B "O3'" 
337 C "C2'" . DA  B 7  ? 0.1969 0.1676 0.1674 0.0531  0.0490  -0.0030 207 DA  B "C2'" 
338 C "C1'" . DA  B 7  ? 0.1770 0.1700 0.1522 0.0032  0.0313  0.0099  207 DA  B "C1'" 
339 N N9    . DA  B 7  ? 0.1677 0.1273 0.1354 0.0164  0.0177  0.0121  207 DA  B N9    
340 C C8    . DA  B 7  ? 0.1324 0.1162 0.1537 0.0109  0.0140  -0.0067 207 DA  B C8    
341 N N7    . DA  B 7  ? 0.1731 0.1261 0.1231 0.0098  0.0096  -0.0050 207 DA  B N7    
342 C C5    . DA  B 7  ? 0.1576 0.0870 0.1141 0.0048  0.0054  -0.0071 207 DA  B C5    
343 C C6    . DA  B 7  ? 0.1347 0.0971 0.1206 -0.0084 -0.0030 0.0008  207 DA  B C6    
344 N N6    . DA  B 7  ? 0.1423 0.0829 0.1485 -0.0023 0.0025  -0.0100 207 DA  B N6    
345 N N1    . DA  B 7  ? 0.1458 0.1439 0.1037 0.0097  -0.0152 -0.0086 207 DA  B N1    
346 C C2    . DA  B 7  ? 0.1720 0.0897 0.1755 -0.0019 0.0169  -0.0210 207 DA  B C2    
347 N N3    . DA  B 7  ? 0.1519 0.1220 0.1428 0.0043  -0.0097 -0.0164 207 DA  B N3    
348 C C4    . DA  B 7  ? 0.1648 0.1255 0.1352 -0.0078 0.0104  -0.0116 207 DA  B C4    
349 P P     . DC  B 8  ? 0.2838 0.1780 0.1709 0.0355  0.0183  -0.0217 208 DC  B P     
350 O OP1   . DC  B 8  ? 0.3804 0.1877 0.1950 0.0600  0.0735  -0.0141 208 DC  B OP1   
351 O OP2   . DC  B 8  ? 0.3556 0.1971 0.2295 -0.0044 -0.0851 -0.0127 208 DC  B OP2   
352 O "O5'" . DC  B 8  ? 0.1774 0.1614 0.1524 0.0228  0.0189  -0.0216 208 DC  B "O5'" 
353 C "C5'" . DC  B 8  ? 0.1154 0.1804 0.1685 0.0477  0.0280  0.0101  208 DC  B "C5'" 
354 C "C4'" . DC  B 8  ? 0.1687 0.1313 0.1621 0.0314  0.0289  -0.0092 208 DC  B "C4'" 
355 O "O4'" . DC  B 8  ? 0.1301 0.1302 0.1440 0.0030  0.0028  -0.0135 208 DC  B "O4'" 
356 C "C3'" . DC  B 8  ? 0.1938 0.1297 0.1328 0.0418  0.0130  0.0122  208 DC  B "C3'" 
357 O "O3'" . DC  B 8  ? 0.2098 0.1504 0.1736 0.0114  -0.0124 0.0203  208 DC  B "O3'" 
358 C "C2'" . DC  B 8  ? 0.1506 0.0820 0.1486 0.0168  0.0147  -0.0220 208 DC  B "C2'" 
359 C "C1'" . DC  B 8  ? 0.1235 0.1184 0.1237 0.0260  0.0084  -0.0151 208 DC  B "C1'" 
360 N N1    . DC  B 8  ? 0.1191 0.1274 0.1271 0.0037  0.0011  -0.0164 208 DC  B N1    
361 C C2    . DC  B 8  ? 0.1287 0.1344 0.1225 0.0105  0.0118  -0.0086 208 DC  B C2    
362 O O2    . DC  B 8  ? 0.1308 0.1422 0.1302 0.0163  0.0129  -0.0180 208 DC  B O2    
363 N N3    . DC  B 8  ? 0.1161 0.1017 0.1079 0.0013  0.0035  -0.0176 208 DC  B N3    
364 C C4    . DC  B 8  ? 0.1157 0.1146 0.1214 0.0067  -0.0098 -0.0099 208 DC  B C4    
365 N N4    . DC  B 8  ? 0.1218 0.1305 0.1495 0.0067  -0.0202 0.0031  208 DC  B N4    
366 C C5    . DC  B 8  ? 0.1420 0.1328 0.1224 0.0237  0.0096  -0.0039 208 DC  B C5    
367 C C6    . DC  B 8  ? 0.1139 0.1064 0.1185 0.0122  0.0136  -0.0155 208 DC  B C6    
368 P P     . DG  B 9  ? 0.2610 0.2137 0.1919 0.0100  0.0489  -0.0087 209 DG  B P     
369 O OP1   . DG  B 9  ? 0.2998 0.2106 0.2332 0.0332  0.0199  -0.0201 209 DG  B OP1   
370 O OP2   . DG  B 9  ? 0.2365 0.1743 0.2496 -0.0590 0.0177  0.0119  209 DG  B OP2   
371 O "O5'" . DG  B 9  ? 0.2076 0.1941 0.2187 0.0200  0.0282  -0.0199 209 DG  B "O5'" 
372 C "C5'" . DG  B 9  ? 0.1517 0.1571 0.2655 0.0284  0.0683  -0.0899 209 DG  B "C5'" 
373 C "C4'" . DG  B 9  ? 0.1594 0.0994 0.1798 0.0222  0.0372  -0.0202 209 DG  B "C4'" 
374 O "O4'" . DG  B 9  ? 0.1192 0.1203 0.1827 0.0049  0.0169  0.0064  209 DG  B "O4'" 
375 C "C3'" . DG  B 9  ? 0.1518 0.1258 0.1732 0.0148  0.0254  0.0115  209 DG  B "C3'" 
376 O "O3'" . DG  B 9  ? 0.1458 0.1198 0.1578 0.0101  -0.0084 -0.0065 209 DG  B "O3'" 
377 C "C2'" . DG  B 9  ? 0.1713 0.0952 0.1204 -0.0137 0.0283  0.0038  209 DG  B "C2'" 
378 C "C1'" . DG  B 9  ? 0.1013 0.1570 0.1498 0.0041  -0.0044 -0.0007 209 DG  B "C1'" 
379 N N9    . DG  B 9  ? 0.1077 0.1175 0.0888 0.0151  -0.0069 0.0100  209 DG  B N9    
380 C C8    . DG  B 9  ? 0.1501 0.0994 0.1130 0.0061  -0.0122 0.0341  209 DG  B C8    
381 N N7    . DG  B 9  ? 0.1148 0.1120 0.1029 0.0159  -0.0036 -0.0147 209 DG  B N7    
382 C C5    . DG  B 9  ? 0.1008 0.1138 0.1062 -0.0072 -0.0006 0.0048  209 DG  B C5    
383 C C6    . DG  B 9  ? 0.1192 0.0952 0.1018 0.0022  -0.0078 -0.0238 209 DG  B C6    
384 O O6    . DG  B 9  ? 0.1436 0.1341 0.1167 0.0087  -0.0115 0.0231  209 DG  B O6    
385 N N1    . DG  B 9  ? 0.1227 0.1100 0.1108 -0.0065 -0.0124 0.0109  209 DG  B N1    
386 C C2    . DG  B 9  ? 0.1257 0.0870 0.1186 0.0320  0.0068  -0.0005 209 DG  B C2    
387 N N2    . DG  B 9  ? 0.1284 0.1118 0.1158 0.0076  0.0079  -0.0059 209 DG  B N2    
388 N N3    . DG  B 9  ? 0.0999 0.1160 0.0868 0.0122  -0.0057 -0.0220 209 DG  B N3    
389 C C4    . DG  B 9  ? 0.1031 0.1127 0.0709 0.0114  -0.0006 -0.0042 209 DG  B C4    
390 P P     . DC  B 10 ? 0.1436 0.1250 0.1453 0.0014  -0.0056 -0.0056 210 DC  B P     
391 O OP1   . DC  B 10 ? 0.2069 0.1383 0.1719 0.0273  0.0096  0.0010  210 DC  B OP1   
392 O OP2   . DC  B 10 ? 0.1451 0.1675 0.1467 0.0156  -0.0058 -0.0111 210 DC  B OP2   
393 O "O5'" . DC  B 10 ? 0.1367 0.1096 0.1418 0.0077  -0.0038 0.0001  210 DC  B "O5'" 
394 C "C5'" . DC  B 10 ? 0.1531 0.1104 0.1336 0.0232  0.0078  0.0078  210 DC  B "C5'" 
395 C "C4'" . DC  B 10 ? 0.1492 0.1007 0.1721 0.0012  -0.0246 0.0153  210 DC  B "C4'" 
396 O "O4'" . DC  B 10 ? 0.1308 0.1052 0.1252 0.0038  -0.0101 0.0048  210 DC  B "O4'" 
397 C "C3'" . DC  B 10 ? 0.1255 0.1096 0.1256 -0.0164 -0.0054 -0.0106 210 DC  B "C3'" 
398 O "O3'" . DC  B 10 ? 0.1633 0.1352 0.1307 -0.0150 -0.0173 0.0074  210 DC  B "O3'" 
399 C "C2'" . DC  B 10 ? 0.1240 0.1016 0.1330 -0.0097 -0.0064 0.0133  210 DC  B "C2'" 
400 C "C1'" . DC  B 10 ? 0.1022 0.1617 0.0997 -0.0030 -0.0356 0.0017  210 DC  B "C1'" 
401 N N1    . DC  B 10 ? 0.1270 0.1155 0.1116 -0.0028 -0.0087 -0.0080 210 DC  B N1    
402 C C2    . DC  B 10 ? 0.1209 0.0900 0.1044 0.0002  0.0055  -0.0230 210 DC  B C2    
403 O O2    . DC  B 10 ? 0.1329 0.1140 0.1306 0.0074  0.0064  -0.0174 210 DC  B O2    
404 N N3    . DC  B 10 ? 0.1452 0.1222 0.1091 -0.0101 0.0143  0.0018  210 DC  B N3    
405 C C4    . DC  B 10 ? 0.1170 0.1035 0.1497 -0.0083 -0.0075 -0.0210 210 DC  B C4    
406 N N4    . DC  B 10 ? 0.1828 0.1346 0.1265 -0.0082 -0.0133 -0.0123 210 DC  B N4    
407 C C5    . DC  B 10 ? 0.1283 0.1198 0.1123 0.0106  -0.0114 -0.0179 210 DC  B C5    
408 C C6    . DC  B 10 ? 0.1442 0.1097 0.1238 -0.0312 -0.0070 -0.0151 210 DC  B C6    
409 N N1    . SPM C .  ? 0.2224 0.2161 0.1870 0.0001  -0.0141 -0.0023 401 SPM B N1    
410 C C2    . SPM C .  ? 0.1856 0.2350 0.1906 0.0023  -0.0257 -0.0157 401 SPM B C2    
411 C C3    . SPM C .  ? 0.1619 0.1951 0.2189 0.0216  0.0004  0.0288  401 SPM B C3    
412 C C4    . SPM C .  ? 0.2061 0.2197 0.2346 -0.0239 0.0165  -0.0095 401 SPM B C4    
413 N N5    . SPM C .  ? 0.2046 0.2273 0.2377 -0.0368 0.0105  0.0473  401 SPM B N5    
414 C C6    . SPM C .  ? 0.2471 0.2107 0.2733 -0.0378 -0.0062 -0.0046 401 SPM B C6    
415 C C7    . SPM C .  ? 0.3148 0.2625 0.3155 0.0111  0.0191  0.0199  401 SPM B C7    
416 C C8    . SPM C .  ? 0.3464 0.2423 0.3440 -0.0107 0.0597  0.0151  401 SPM B C8    
417 O O     . HOH D .  ? 0.5595 0.3580 0.3740 -0.0509 -0.0809 0.0472  301 HOH A O     
418 O O     . HOH D .  ? 0.2414 0.3005 0.2386 -0.0089 0.0498  -0.0054 303 HOH A O     
419 O O     . HOH D .  ? 0.5408 0.3629 0.2688 0.0217  0.0664  -0.0486 304 HOH A O     
420 O O     . HOH D .  ? 0.1603 0.1829 0.2528 -0.0135 0.0124  0.0119  305 HOH A O     
421 O O     . HOH D .  ? 0.2324 0.3140 0.2941 0.0151  0.0055  -0.0726 307 HOH A O     
422 O O     . HOH D .  ? 0.2865 0.1915 0.5638 -0.0093 0.1800  -0.0208 311 HOH A O     
423 O O     . HOH D .  ? 0.2989 0.2909 0.1733 -0.0471 0.0162  0.0029  312 HOH A O     
424 O O     . HOH D .  ? 0.3164 0.4024 0.2202 -0.0389 -0.0534 -0.0243 315 HOH A O     
425 O O     . HOH D .  ? 0.0999 0.1950 0.3415 -0.0455 0.0021  0.0854  321 HOH A O     
426 O O     . HOH D .  ? 0.2150 0.1828 0.2495 0.0368  0.0329  0.0170  328 HOH A O     
427 O O     . HOH D .  ? 0.3132 0.2693 0.3732 -0.0224 0.0059  0.0849  329 HOH A O     
428 O O     . HOH D .  ? 0.2309 0.1787 0.2580 -0.0062 0.0123  0.0360  331 HOH A O     
429 O O     . HOH D .  ? 0.2719 0.2073 0.1759 0.0528  -0.0550 -0.0368 332 HOH A O     
430 O O     . HOH D .  ? 0.3130 0.2844 0.2437 -0.0487 -0.0100 -0.0016 333 HOH A O     
431 O O     . HOH D .  ? 0.3117 0.2490 0.1887 -0.0231 0.0244  0.0216  334 HOH A O     
432 O O     . HOH D .  ? 0.1939 0.1737 0.2451 0.0132  0.0292  0.0083  336 HOH A O     
433 O O     . HOH D .  ? 0.2080 0.2118 0.4476 0.0280  -0.0233 0.0147  337 HOH A O     
434 O O     . HOH D .  ? 0.1636 0.2835 0.2625 0.0216  0.0135  0.0049  340 HOH A O     
435 O O     . HOH D .  ? 0.1609 0.2394 0.2006 -0.0371 0.0841  -0.0311 342 HOH A O     
436 O O     . HOH D .  ? 0.1861 0.2562 0.2161 -0.0065 -0.0101 -0.0079 343 HOH A O     
437 O O     . HOH D .  ? 0.2427 0.2791 0.4155 -0.0019 -0.0243 0.1392  344 HOH A O     
438 O O     . HOH D .  ? 0.1578 0.1361 0.1492 0.0051  -0.0079 0.0080  346 HOH A O     
439 O O     . HOH D .  ? 0.1826 0.1638 0.1687 0.0446  0.0124  0.0440  347 HOH A O     
440 O O     . HOH D .  ? 0.2254 0.2307 0.1997 0.0176  -0.0165 -0.0057 348 HOH A O     
441 O O     . HOH D .  ? 0.2555 0.2121 0.2375 -0.0495 0.0319  0.0124  349 HOH A O     
442 O O     . HOH D .  ? 0.1896 0.1949 0.1708 0.0206  -0.0078 -0.0232 350 HOH A O     
443 O O     . HOH D .  ? 0.1988 0.1511 0.1973 -0.0135 0.0307  -0.0046 351 HOH A O     
444 O O     . HOH D .  ? 0.2439 0.3232 0.2062 -0.0669 -0.0026 0.0533  353 HOH A O     
445 O O     . HOH D .  ? 0.1960 0.1990 0.2082 0.0070  -0.0177 -0.0217 354 HOH A O     
446 O O     . HOH D .  ? 0.2598 0.2229 0.3490 0.0653  -0.0295 0.0234  356 HOH A O     
447 O O     . HOH D .  ? 0.3602 0.3342 0.2027 0.0456  -0.0403 0.0139  357 HOH A O     
448 O O     . HOH D .  ? 0.3249 0.4358 0.2729 0.0321  0.0340  0.0309  359 HOH A O     
449 O O     . HOH D .  ? 0.3435 0.2962 0.4799 0.0303  0.1541  -0.1116 361 HOH A O     
450 O O     . HOH D .  ? 0.1757 0.2752 0.2832 -0.0079 0.0184  -0.0365 362 HOH A O     
451 O O     . HOH D .  ? 0.3197 0.3273 0.3055 0.0706  0.0784  0.1807  364 HOH A O     
452 O O     . HOH D .  ? 0.2940 0.3206 0.2224 -0.0586 0.0324  -0.0538 365 HOH A O     
453 O O     . HOH D .  ? 0.2004 0.2549 0.2744 -0.0413 -0.0404 0.0004  367 HOH A O     
454 O O     . HOH D .  ? 0.2198 0.4387 0.2986 0.0357  -0.0764 0.0327  368 HOH A O     
455 O O     . HOH D .  ? 0.4153 0.3994 0.3278 0.0212  -0.0435 0.1747  372 HOH A O     
456 O O     . HOH D .  ? 0.3961 0.3297 0.3023 -0.0385 0.0238  -0.0099 373 HOH A O     
457 O O     . HOH D .  ? 0.1884 0.2784 0.3736 0.0171  -0.0092 0.1540  374 HOH A O     
458 O O     . HOH D .  ? 0.3251 0.2470 0.3220 0.0224  0.1376  0.0343  375 HOH A O     
459 O O     . HOH D .  ? 0.3631 0.2325 0.3482 0.0261  -0.0426 -0.0369 378 HOH A O     
460 O O     . HOH E .  ? 0.2290 0.1615 0.3045 0.0149  0.0054  0.0048  302 HOH B O     
461 O O     . HOH E .  ? 0.3961 0.3673 0.3404 0.1189  0.0593  0.0487  306 HOH B O     
462 O O     . HOH E .  ? 0.2816 0.4264 0.2232 0.0199  -0.0830 -0.0530 308 HOH B O     
463 O O     . HOH E .  ? 0.2483 0.2160 0.3977 -0.0619 0.0481  0.0412  309 HOH B O     
464 O O     . HOH E .  ? 0.3306 0.4057 0.4518 -0.0154 0.0910  0.1257  310 HOH B O     
465 O O     . HOH E .  ? 0.2250 0.3281 0.2664 -0.0099 0.0363  0.0177  313 HOH B O     
466 O O     . HOH E .  ? 0.3924 0.3205 0.3669 -0.0171 -0.0615 0.0409  314 HOH B O     
467 O O     . HOH E .  ? 0.3216 0.3331 0.3446 0.0073  -0.0794 -0.0152 316 HOH B O     
468 O O     . HOH E .  ? 0.4029 0.6114 0.3309 0.1140  0.0654  0.2992  317 HOH B O     
469 O O     . HOH E .  ? 0.3329 0.3060 0.2000 -0.0462 0.0025  0.0029  318 HOH B O     
470 O O     . HOH E .  ? 0.2314 0.2060 0.2241 -0.0037 -0.0256 -0.0197 319 HOH B O     
471 O O     . HOH E .  ? 0.2610 0.3542 0.5706 0.1065  0.0302  0.0213  320 HOH B O     
472 O O     . HOH E .  ? 0.2403 0.1611 0.1627 -0.0166 0.0051  -0.0047 322 HOH B O     
473 O O     . HOH E .  ? 0.3491 0.3835 0.1374 0.0424  0.0019  0.0418  323 HOH B O     
474 O O     . HOH E .  ? 0.3390 0.2962 0.1995 0.0874  0.0455  -0.0262 324 HOH B O     
475 O O     . HOH E .  ? 0.2648 0.1831 0.2299 0.0026  -0.0363 -0.0262 325 HOH B O     
476 O O     . HOH E .  ? 0.3180 0.3211 0.4322 -0.0003 0.0646  0.0874  326 HOH B O     
477 O O     . HOH E .  ? 0.2812 0.2286 0.1951 0.0370  0.0478  -0.0312 327 HOH B O     
478 O O     . HOH E .  ? 0.2272 0.3469 0.2240 -0.0258 0.0087  0.0526  330 HOH B O     
479 O O     . HOH E .  ? 0.3885 0.5907 0.2257 -0.1310 -0.0370 0.1423  335 HOH B O     
480 O O     . HOH E .  ? 0.2742 0.2658 0.2840 0.0181  -0.0021 -0.0346 338 HOH B O     
481 O O     . HOH E .  ? 0.2586 0.2273 0.2213 0.0593  0.0104  0.0745  339 HOH B O     
482 O O     . HOH E .  ? 0.2549 0.2840 0.4733 0.0861  0.0378  -0.1065 341 HOH B O     
483 O O     . HOH E .  ? 0.1615 0.1534 0.1705 0.0013  -0.0251 -0.0184 345 HOH B O     
484 O O     . HOH E .  ? 0.2566 0.5439 0.2464 0.0104  -0.0434 -0.0040 352 HOH B O     
485 O O     . HOH E .  ? 0.2540 0.2384 0.2549 -0.0116 -0.0568 -0.0219 355 HOH B O     
486 O O     . HOH E .  ? 0.9036 0.3118 0.3008 -0.0811 -0.1145 0.0336  358 HOH B O     
487 O O     . HOH E .  ? 0.5058 0.2847 0.5483 0.0234  -0.0471 -0.1107 360 HOH B O     
488 O O     . HOH E .  ? 0.4746 0.1943 0.3897 -0.0463 -0.0857 -0.0100 363 HOH B O     
489 O O     . HOH E .  ? 0.2719 0.3165 0.2494 0.0152  0.0086  -0.0128 366 HOH B O     
490 O O     . HOH E .  ? 0.2007 0.1566 0.0724 -0.0712 0.0236  -0.0192 369 HOH B O     
491 O O     . HOH E .  ? 0.2857 0.3276 0.2717 -0.0133 -0.0294 0.0062  370 HOH B O     
492 O O     . HOH E .  ? 0.3511 0.3079 0.4809 0.0736  0.0945  0.0009  371 HOH B O     
493 O O     . HOH E .  ? 0.3300 0.2742 0.2941 0.0352  -0.0427 -0.0296 376 HOH B O     
494 O O     . HOH E .  ? 0.3321 0.2232 0.3018 -0.0018 0.0396  -0.1201 377 HOH B O     
# 
loop_
_pdbx_poly_seq_scheme.asym_id 
_pdbx_poly_seq_scheme.entity_id 
_pdbx_poly_seq_scheme.seq_id 
_pdbx_poly_seq_scheme.mon_id 
_pdbx_poly_seq_scheme.ndb_seq_num 
_pdbx_poly_seq_scheme.pdb_seq_num 
_pdbx_poly_seq_scheme.auth_seq_num 
_pdbx_poly_seq_scheme.pdb_mon_id 
_pdbx_poly_seq_scheme.auth_mon_id 
_pdbx_poly_seq_scheme.pdb_strand_id 
_pdbx_poly_seq_scheme.pdb_ins_code 
_pdbx_poly_seq_scheme.hetero 
A 1 1  DG  1  101 101 DG  DG  A . n 
A 1 2  DC  2  102 102 DC  DC  A . n 
A 1 3  DG  3  103 103 DG  DG  A . n 
A 1 4  DT  4  104 104 DT  DT  A . n 
A 1 5  DA  5  105 105 DA  DA  A . n 
A 1 6  UMX 6  106 106 UMX UMX A . n 
A 1 7  DA  7  107 107 DA  DA  A . n 
A 1 8  DC  8  108 108 DC  DC  A . n 
A 1 9  DG  9  109 109 DG  DG  A . n 
A 1 10 DC  10 110 110 DC  DC  A . n 
B 1 1  DG  1  201 201 DG  DG  B . n 
B 1 2  DC  2  202 202 DC  DC  B . n 
B 1 3  DG  3  203 203 DG  DG  B . n 
B 1 4  DT  4  204 204 DT  DT  B . n 
B 1 5  DA  5  205 205 DA  DA  B . n 
B 1 6  UMX 6  206 206 UMX UMX B . n 
B 1 7  DA  7  207 207 DA  DA  B . n 
B 1 8  DC  8  208 208 DC  DC  B . n 
B 1 9  DG  9  209 209 DG  DG  B . n 
B 1 10 DC  10 210 210 DC  DC  B . n 
# 
loop_
_pdbx_nonpoly_scheme.asym_id 
_pdbx_nonpoly_scheme.entity_id 
_pdbx_nonpoly_scheme.mon_id 
_pdbx_nonpoly_scheme.ndb_seq_num 
_pdbx_nonpoly_scheme.pdb_seq_num 
_pdbx_nonpoly_scheme.auth_seq_num 
_pdbx_nonpoly_scheme.pdb_mon_id 
_pdbx_nonpoly_scheme.auth_mon_id 
_pdbx_nonpoly_scheme.pdb_strand_id 
_pdbx_nonpoly_scheme.pdb_ins_code 
C 2 SPM 1  401 401 SPM SPM B . 
D 3 HOH 1  301 301 HOH HOH A . 
D 3 HOH 2  303 303 HOH HOH A . 
D 3 HOH 3  304 304 HOH HOH A . 
D 3 HOH 4  305 305 HOH HOH A . 
D 3 HOH 5  307 307 HOH HOH A . 
D 3 HOH 6  311 311 HOH HOH A . 
D 3 HOH 7  312 312 HOH HOH A . 
D 3 HOH 8  315 315 HOH HOH A . 
D 3 HOH 9  321 321 HOH HOH A . 
D 3 HOH 10 328 328 HOH HOH A . 
D 3 HOH 11 329 329 HOH HOH A . 
D 3 HOH 12 331 331 HOH HOH A . 
D 3 HOH 13 332 332 HOH HOH A . 
D 3 HOH 14 333 333 HOH HOH A . 
D 3 HOH 15 334 334 HOH HOH A . 
D 3 HOH 16 336 336 HOH HOH A . 
D 3 HOH 17 337 337 HOH HOH A . 
D 3 HOH 18 340 340 HOH HOH A . 
D 3 HOH 19 342 342 HOH HOH A . 
D 3 HOH 20 343 343 HOH HOH A . 
D 3 HOH 21 344 344 HOH HOH A . 
D 3 HOH 22 346 346 HOH HOH A . 
D 3 HOH 23 347 347 HOH HOH A . 
D 3 HOH 24 348 348 HOH HOH A . 
D 3 HOH 25 349 349 HOH HOH A . 
D 3 HOH 26 350 350 HOH HOH A . 
D 3 HOH 27 351 351 HOH HOH A . 
D 3 HOH 28 353 353 HOH HOH A . 
D 3 HOH 29 354 354 HOH HOH A . 
D 3 HOH 30 356 356 HOH HOH A . 
D 3 HOH 31 357 357 HOH HOH A . 
D 3 HOH 32 359 359 HOH HOH A . 
D 3 HOH 33 361 361 HOH HOH A . 
D 3 HOH 34 362 362 HOH HOH A . 
D 3 HOH 35 364 364 HOH HOH A . 
D 3 HOH 36 365 365 HOH HOH A . 
D 3 HOH 37 367 367 HOH HOH A . 
D 3 HOH 38 368 368 HOH HOH A . 
D 3 HOH 39 372 372 HOH HOH A . 
D 3 HOH 40 373 373 HOH HOH A . 
D 3 HOH 41 374 374 HOH HOH A . 
D 3 HOH 42 375 375 HOH HOH A . 
D 3 HOH 43 378 378 HOH HOH A . 
E 3 HOH 1  302 302 HOH HOH B . 
E 3 HOH 2  306 306 HOH HOH B . 
E 3 HOH 3  308 308 HOH HOH B . 
E 3 HOH 4  309 309 HOH HOH B . 
E 3 HOH 5  310 310 HOH HOH B . 
E 3 HOH 6  313 313 HOH HOH B . 
E 3 HOH 7  314 314 HOH HOH B . 
E 3 HOH 8  316 316 HOH HOH B . 
E 3 HOH 9  317 317 HOH HOH B . 
E 3 HOH 10 318 318 HOH HOH B . 
E 3 HOH 11 319 319 HOH HOH B . 
E 3 HOH 12 320 320 HOH HOH B . 
E 3 HOH 13 322 322 HOH HOH B . 
E 3 HOH 14 323 323 HOH HOH B . 
E 3 HOH 15 324 324 HOH HOH B . 
E 3 HOH 16 325 325 HOH HOH B . 
E 3 HOH 17 326 326 HOH HOH B . 
E 3 HOH 18 327 327 HOH HOH B . 
E 3 HOH 19 330 330 HOH HOH B . 
E 3 HOH 20 335 335 HOH HOH B . 
E 3 HOH 21 338 338 HOH HOH B . 
E 3 HOH 22 339 339 HOH HOH B . 
E 3 HOH 23 341 341 HOH HOH B . 
E 3 HOH 24 345 345 HOH HOH B . 
E 3 HOH 25 352 352 HOH HOH B . 
E 3 HOH 26 355 355 HOH HOH B . 
E 3 HOH 27 358 358 HOH HOH B . 
E 3 HOH 28 360 360 HOH HOH B . 
E 3 HOH 29 363 363 HOH HOH B . 
E 3 HOH 30 366 366 HOH HOH B . 
E 3 HOH 31 369 369 HOH HOH B . 
E 3 HOH 32 370 370 HOH HOH B . 
E 3 HOH 33 371 371 HOH HOH B . 
E 3 HOH 34 376 376 HOH HOH B . 
E 3 HOH 35 377 377 HOH HOH B . 
# 
loop_
_pdbx_struct_mod_residue.id 
_pdbx_struct_mod_residue.label_asym_id 
_pdbx_struct_mod_residue.label_comp_id 
_pdbx_struct_mod_residue.label_seq_id 
_pdbx_struct_mod_residue.auth_asym_id 
_pdbx_struct_mod_residue.auth_comp_id 
_pdbx_struct_mod_residue.auth_seq_id 
_pdbx_struct_mod_residue.PDB_ins_code 
_pdbx_struct_mod_residue.parent_comp_id 
_pdbx_struct_mod_residue.details 
1 A UMX 6 A UMX 106 ? DU ? 
2 B UMX 6 B UMX 206 ? DU ? 
# 
_pdbx_struct_assembly.id                   1 
_pdbx_struct_assembly.details              author_and_software_defined_assembly 
_pdbx_struct_assembly.method_details       PISA 
_pdbx_struct_assembly.oligomeric_details   dimeric 
_pdbx_struct_assembly.oligomeric_count     2 
# 
_pdbx_struct_assembly_gen.assembly_id       1 
_pdbx_struct_assembly_gen.oper_expression   1 
_pdbx_struct_assembly_gen.asym_id_list      A,B,C,D,E 
# 
loop_
_pdbx_struct_assembly_prop.biol_id 
_pdbx_struct_assembly_prop.type 
_pdbx_struct_assembly_prop.value 
_pdbx_struct_assembly_prop.details 
1 'ABSA (A^2)' 1060 ? 
1 MORE         -2   ? 
1 'SSA (A^2)'  4010 ? 
# 
_pdbx_struct_oper_list.id                   1 
_pdbx_struct_oper_list.type                 'identity operation' 
_pdbx_struct_oper_list.name                 1_555 
_pdbx_struct_oper_list.symmetry_operation   x,y,z 
_pdbx_struct_oper_list.matrix[1][1]         1.0000000000 
_pdbx_struct_oper_list.matrix[1][2]         0.0000000000 
_pdbx_struct_oper_list.matrix[1][3]         0.0000000000 
_pdbx_struct_oper_list.vector[1]            0.0000000000 
_pdbx_struct_oper_list.matrix[2][1]         0.0000000000 
_pdbx_struct_oper_list.matrix[2][2]         1.0000000000 
_pdbx_struct_oper_list.matrix[2][3]         0.0000000000 
_pdbx_struct_oper_list.vector[2]            0.0000000000 
_pdbx_struct_oper_list.matrix[3][1]         0.0000000000 
_pdbx_struct_oper_list.matrix[3][2]         0.0000000000 
_pdbx_struct_oper_list.matrix[3][3]         1.0000000000 
_pdbx_struct_oper_list.vector[3]            0.0000000000 
# 
loop_
_pdbx_audit_revision_history.ordinal 
_pdbx_audit_revision_history.data_content_type 
_pdbx_audit_revision_history.major_revision 
_pdbx_audit_revision_history.minor_revision 
_pdbx_audit_revision_history.revision_date 
1 'Structure model' 1 0 2010-11-24 
2 'Structure model' 1 1 2011-07-13 
3 'Structure model' 1 2 2017-11-08 
4 'Structure model' 1 3 2023-09-06 
# 
_pdbx_audit_revision_details.ordinal             1 
_pdbx_audit_revision_details.revision_ordinal    1 
_pdbx_audit_revision_details.data_content_type   'Structure model' 
_pdbx_audit_revision_details.provider            repository 
_pdbx_audit_revision_details.type                'Initial release' 
_pdbx_audit_revision_details.description         ? 
_pdbx_audit_revision_details.details             ? 
# 
loop_
_pdbx_audit_revision_group.ordinal 
_pdbx_audit_revision_group.revision_ordinal 
_pdbx_audit_revision_group.data_content_type 
_pdbx_audit_revision_group.group 
1 2 'Structure model' 'Version format compliance' 
2 3 'Structure model' 'Refinement description'    
3 4 'Structure model' 'Data collection'           
4 4 'Structure model' 'Database references'       
5 4 'Structure model' 'Derived calculations'      
6 4 'Structure model' 'Refinement description'    
# 
loop_
_pdbx_audit_revision_category.ordinal 
_pdbx_audit_revision_category.revision_ordinal 
_pdbx_audit_revision_category.data_content_type 
_pdbx_audit_revision_category.category 
1 3 'Structure model' software                      
2 4 'Structure model' chem_comp_atom                
3 4 'Structure model' chem_comp_bond                
4 4 'Structure model' database_2                    
5 4 'Structure model' pdbx_initial_refinement_model 
6 4 'Structure model' struct_conn                   
7 4 'Structure model' struct_site                   
# 
loop_
_pdbx_audit_revision_item.ordinal 
_pdbx_audit_revision_item.revision_ordinal 
_pdbx_audit_revision_item.data_content_type 
_pdbx_audit_revision_item.item 
1 4 'Structure model' '_database_2.pdbx_DOI'                
2 4 'Structure model' '_database_2.pdbx_database_accession' 
3 4 'Structure model' '_struct_conn.pdbx_leaving_atom_flag' 
4 4 'Structure model' '_struct_site.pdbx_auth_asym_id'      
5 4 'Structure model' '_struct_site.pdbx_auth_comp_id'      
6 4 'Structure model' '_struct_site.pdbx_auth_seq_id'       
# 
loop_
_software.name 
_software.classification 
_software.version 
_software.citation_id 
_software.pdbx_ordinal 
MAR345dtb 'data collection' .        ? 1 
MOLREP    phasing           .        ? 2 
REFMAC    refinement        5.5.0109 ? 3 
HKL-2000  'data reduction'  .        ? 4 
HKL-2000  'data scaling'    .        ? 5 
# 
_pdbx_validate_rmsd_bond.id                        1 
_pdbx_validate_rmsd_bond.PDB_model_num             1 
_pdbx_validate_rmsd_bond.auth_atom_id_1            C6 
_pdbx_validate_rmsd_bond.auth_asym_id_1            B 
_pdbx_validate_rmsd_bond.auth_comp_id_1            DA 
_pdbx_validate_rmsd_bond.auth_seq_id_1             205 
_pdbx_validate_rmsd_bond.PDB_ins_code_1            ? 
_pdbx_validate_rmsd_bond.label_alt_id_1            ? 
_pdbx_validate_rmsd_bond.auth_atom_id_2            N1 
_pdbx_validate_rmsd_bond.auth_asym_id_2            B 
_pdbx_validate_rmsd_bond.auth_comp_id_2            DA 
_pdbx_validate_rmsd_bond.auth_seq_id_2             205 
_pdbx_validate_rmsd_bond.PDB_ins_code_2            ? 
_pdbx_validate_rmsd_bond.label_alt_id_2            ? 
_pdbx_validate_rmsd_bond.bond_value                1.298 
_pdbx_validate_rmsd_bond.bond_target_value         1.351 
_pdbx_validate_rmsd_bond.bond_deviation            -0.053 
_pdbx_validate_rmsd_bond.bond_standard_deviation   0.007 
_pdbx_validate_rmsd_bond.linker_flag               N 
# 
loop_
_pdbx_validate_rmsd_angle.id 
_pdbx_validate_rmsd_angle.PDB_model_num 
_pdbx_validate_rmsd_angle.auth_atom_id_1 
_pdbx_validate_rmsd_angle.auth_asym_id_1 
_pdbx_validate_rmsd_angle.auth_comp_id_1 
_pdbx_validate_rmsd_angle.auth_seq_id_1 
_pdbx_validate_rmsd_angle.PDB_ins_code_1 
_pdbx_validate_rmsd_angle.label_alt_id_1 
_pdbx_validate_rmsd_angle.auth_atom_id_2 
_pdbx_validate_rmsd_angle.auth_asym_id_2 
_pdbx_validate_rmsd_angle.auth_comp_id_2 
_pdbx_validate_rmsd_angle.auth_seq_id_2 
_pdbx_validate_rmsd_angle.PDB_ins_code_2 
_pdbx_validate_rmsd_angle.label_alt_id_2 
_pdbx_validate_rmsd_angle.auth_atom_id_3 
_pdbx_validate_rmsd_angle.auth_asym_id_3 
_pdbx_validate_rmsd_angle.auth_comp_id_3 
_pdbx_validate_rmsd_angle.auth_seq_id_3 
_pdbx_validate_rmsd_angle.PDB_ins_code_3 
_pdbx_validate_rmsd_angle.label_alt_id_3 
_pdbx_validate_rmsd_angle.angle_value 
_pdbx_validate_rmsd_angle.angle_target_value 
_pdbx_validate_rmsd_angle.angle_deviation 
_pdbx_validate_rmsd_angle.angle_standard_deviation 
_pdbx_validate_rmsd_angle.linker_flag 
1 1 "O4'" A DG 103 ? ? "C1'" A DG 103 ? ? "C2'" A DG 103 ? ? 110.00 106.80 3.20  0.50 N 
2 1 "O4'" A DG 109 ? ? "C4'" A DG 109 ? ? "C3'" A DG 109 ? ? 101.16 104.50 -3.34 0.40 N 
3 1 "O4'" B DG 203 ? ? "C4'" B DG 203 ? ? "C3'" B DG 203 ? ? 101.41 104.50 -3.09 0.40 N 
4 1 "C4'" B DG 203 ? ? "C3'" B DG 203 ? ? "C2'" B DG 203 ? ? 97.76  102.20 -4.44 0.70 N 
5 1 "O4'" B DA 205 ? ? "C4'" B DA 205 ? ? "C3'" B DA 205 ? ? 101.30 104.50 -3.20 0.40 N 
6 1 C6    B DA 205 ? ? N1    B DA 205 ? ? C2    B DA 205 ? ? 122.50 118.60 3.90  0.60 N 
# 
loop_
_pdbx_unobs_or_zero_occ_atoms.id 
_pdbx_unobs_or_zero_occ_atoms.PDB_model_num 
_pdbx_unobs_or_zero_occ_atoms.polymer_flag 
_pdbx_unobs_or_zero_occ_atoms.occupancy_flag 
_pdbx_unobs_or_zero_occ_atoms.auth_asym_id 
_pdbx_unobs_or_zero_occ_atoms.auth_comp_id 
_pdbx_unobs_or_zero_occ_atoms.auth_seq_id 
_pdbx_unobs_or_zero_occ_atoms.PDB_ins_code 
_pdbx_unobs_or_zero_occ_atoms.auth_atom_id 
_pdbx_unobs_or_zero_occ_atoms.label_alt_id 
_pdbx_unobs_or_zero_occ_atoms.label_asym_id 
_pdbx_unobs_or_zero_occ_atoms.label_comp_id 
_pdbx_unobs_or_zero_occ_atoms.label_seq_id 
_pdbx_unobs_or_zero_occ_atoms.label_atom_id 
1 1 N 1 B SPM 401 ? C9  ? C SPM 1 C9  
2 1 N 1 B SPM 401 ? N10 ? C SPM 1 N10 
3 1 N 1 B SPM 401 ? C11 ? C SPM 1 C11 
4 1 N 1 B SPM 401 ? C12 ? C SPM 1 C12 
5 1 N 1 B SPM 401 ? C13 ? C SPM 1 C13 
6 1 N 1 B SPM 401 ? N14 ? C SPM 1 N14 
# 
loop_
_chem_comp_atom.comp_id 
_chem_comp_atom.atom_id 
_chem_comp_atom.type_symbol 
_chem_comp_atom.pdbx_aromatic_flag 
_chem_comp_atom.pdbx_stereo_config 
_chem_comp_atom.pdbx_ordinal 
DA  OP3    O N N 1   
DA  P      P N N 2   
DA  OP1    O N N 3   
DA  OP2    O N N 4   
DA  "O5'"  O N N 5   
DA  "C5'"  C N N 6   
DA  "C4'"  C N R 7   
DA  "O4'"  O N N 8   
DA  "C3'"  C N S 9   
DA  "O3'"  O N N 10  
DA  "C2'"  C N N 11  
DA  "C1'"  C N R 12  
DA  N9     N Y N 13  
DA  C8     C Y N 14  
DA  N7     N Y N 15  
DA  C5     C Y N 16  
DA  C6     C Y N 17  
DA  N6     N N N 18  
DA  N1     N Y N 19  
DA  C2     C Y N 20  
DA  N3     N Y N 21  
DA  C4     C Y N 22  
DA  HOP3   H N N 23  
DA  HOP2   H N N 24  
DA  "H5'"  H N N 25  
DA  "H5''" H N N 26  
DA  "H4'"  H N N 27  
DA  "H3'"  H N N 28  
DA  "HO3'" H N N 29  
DA  "H2'"  H N N 30  
DA  "H2''" H N N 31  
DA  "H1'"  H N N 32  
DA  H8     H N N 33  
DA  H61    H N N 34  
DA  H62    H N N 35  
DA  H2     H N N 36  
DC  OP3    O N N 37  
DC  P      P N N 38  
DC  OP1    O N N 39  
DC  OP2    O N N 40  
DC  "O5'"  O N N 41  
DC  "C5'"  C N N 42  
DC  "C4'"  C N R 43  
DC  "O4'"  O N N 44  
DC  "C3'"  C N S 45  
DC  "O3'"  O N N 46  
DC  "C2'"  C N N 47  
DC  "C1'"  C N R 48  
DC  N1     N N N 49  
DC  C2     C N N 50  
DC  O2     O N N 51  
DC  N3     N N N 52  
DC  C4     C N N 53  
DC  N4     N N N 54  
DC  C5     C N N 55  
DC  C6     C N N 56  
DC  HOP3   H N N 57  
DC  HOP2   H N N 58  
DC  "H5'"  H N N 59  
DC  "H5''" H N N 60  
DC  "H4'"  H N N 61  
DC  "H3'"  H N N 62  
DC  "HO3'" H N N 63  
DC  "H2'"  H N N 64  
DC  "H2''" H N N 65  
DC  "H1'"  H N N 66  
DC  H41    H N N 67  
DC  H42    H N N 68  
DC  H5     H N N 69  
DC  H6     H N N 70  
DG  OP3    O N N 71  
DG  P      P N N 72  
DG  OP1    O N N 73  
DG  OP2    O N N 74  
DG  "O5'"  O N N 75  
DG  "C5'"  C N N 76  
DG  "C4'"  C N R 77  
DG  "O4'"  O N N 78  
DG  "C3'"  C N S 79  
DG  "O3'"  O N N 80  
DG  "C2'"  C N N 81  
DG  "C1'"  C N R 82  
DG  N9     N Y N 83  
DG  C8     C Y N 84  
DG  N7     N Y N 85  
DG  C5     C Y N 86  
DG  C6     C N N 87  
DG  O6     O N N 88  
DG  N1     N N N 89  
DG  C2     C N N 90  
DG  N2     N N N 91  
DG  N3     N N N 92  
DG  C4     C Y N 93  
DG  HOP3   H N N 94  
DG  HOP2   H N N 95  
DG  "H5'"  H N N 96  
DG  "H5''" H N N 97  
DG  "H4'"  H N N 98  
DG  "H3'"  H N N 99  
DG  "HO3'" H N N 100 
DG  "H2'"  H N N 101 
DG  "H2''" H N N 102 
DG  "H1'"  H N N 103 
DG  H8     H N N 104 
DG  H1     H N N 105 
DG  H21    H N N 106 
DG  H22    H N N 107 
DT  OP3    O N N 108 
DT  P      P N N 109 
DT  OP1    O N N 110 
DT  OP2    O N N 111 
DT  "O5'"  O N N 112 
DT  "C5'"  C N N 113 
DT  "C4'"  C N R 114 
DT  "O4'"  O N N 115 
DT  "C3'"  C N S 116 
DT  "O3'"  O N N 117 
DT  "C2'"  C N N 118 
DT  "C1'"  C N R 119 
DT  N1     N N N 120 
DT  C2     C N N 121 
DT  O2     O N N 122 
DT  N3     N N N 123 
DT  C4     C N N 124 
DT  O4     O N N 125 
DT  C5     C N N 126 
DT  C7     C N N 127 
DT  C6     C N N 128 
DT  HOP3   H N N 129 
DT  HOP2   H N N 130 
DT  "H5'"  H N N 131 
DT  "H5''" H N N 132 
DT  "H4'"  H N N 133 
DT  "H3'"  H N N 134 
DT  "HO3'" H N N 135 
DT  "H2'"  H N N 136 
DT  "H2''" H N N 137 
DT  "H1'"  H N N 138 
DT  H3     H N N 139 
DT  H71    H N N 140 
DT  H72    H N N 141 
DT  H73    H N N 142 
DT  H6     H N N 143 
HOH O      O N N 144 
HOH H1     H N N 145 
HOH H2     H N N 146 
SPM N1     N N N 147 
SPM C2     C N N 148 
SPM C3     C N N 149 
SPM C4     C N N 150 
SPM N5     N N N 151 
SPM C6     C N N 152 
SPM C7     C N N 153 
SPM C8     C N N 154 
SPM C9     C N N 155 
SPM N10    N N N 156 
SPM C11    C N N 157 
SPM C12    C N N 158 
SPM C13    C N N 159 
SPM N14    N N N 160 
SPM HN11   H N N 161 
SPM HN12   H N N 162 
SPM H21    H N N 163 
SPM H22    H N N 164 
SPM H31    H N N 165 
SPM H32    H N N 166 
SPM H41    H N N 167 
SPM H42    H N N 168 
SPM HN5    H N N 169 
SPM H61    H N N 170 
SPM H62    H N N 171 
SPM H71    H N N 172 
SPM H72    H N N 173 
SPM H81    H N N 174 
SPM H82    H N N 175 
SPM H91    H N N 176 
SPM H92    H N N 177 
SPM HN0    H N N 178 
SPM H111   H N N 179 
SPM H112   H N N 180 
SPM H121   H N N 181 
SPM H122   H N N 182 
SPM H131   H N N 183 
SPM H132   H N N 184 
SPM HN41   H N N 185 
SPM HN42   H N N 186 
UMX P      P N N 187 
UMX N1     N N N 188 
UMX C2     C N N 189 
UMX O2     O N N 190 
UMX N3     N N N 191 
UMX C4     C N N 192 
UMX O4     O N N 193 
UMX C5     C N N 194 
UMX C6     C N N 195 
UMX "C1'"  C N R 196 
UMX "C2'"  C N R 197 
UMX "C3'"  C N S 198 
UMX "O3'"  O N N 199 
UMX "C4'"  C N R 200 
UMX "O4'"  O N N 201 
UMX "C5'"  C N N 202 
UMX "O5'"  O N N 203 
UMX "C6'"  C N S 204 
UMX "C7'"  C N N 205 
UMX "C8'"  C N N 206 
UMX OP1    O N N 207 
UMX OP2    O N N 208 
UMX OP3    O N N 209 
UMX H5     H N N 210 
UMX H6     H N N 211 
UMX "H1'"  H N N 212 
UMX "H2'"  H N N 213 
UMX "H3'"  H N N 214 
UMX "HO3'" H N N 215 
UMX "H5'"  H N N 216 
UMX "H5'A" H N N 217 
UMX "H6'"  H N N 218 
UMX "H7'"  H N N 219 
UMX "H7'A" H N N 220 
UMX "H7'B" H N N 221 
UMX "H8'"  H N N 222 
UMX "H8'A" H N N 223 
UMX HOP1   H N N 224 
UMX HOP3   H N N 225 
UMX HN3    H N N 226 
# 
loop_
_chem_comp_bond.comp_id 
_chem_comp_bond.atom_id_1 
_chem_comp_bond.atom_id_2 
_chem_comp_bond.value_order 
_chem_comp_bond.pdbx_aromatic_flag 
_chem_comp_bond.pdbx_stereo_config 
_chem_comp_bond.pdbx_ordinal 
DA  OP3   P      sing N N 1   
DA  OP3   HOP3   sing N N 2   
DA  P     OP1    doub N N 3   
DA  P     OP2    sing N N 4   
DA  P     "O5'"  sing N N 5   
DA  OP2   HOP2   sing N N 6   
DA  "O5'" "C5'"  sing N N 7   
DA  "C5'" "C4'"  sing N N 8   
DA  "C5'" "H5'"  sing N N 9   
DA  "C5'" "H5''" sing N N 10  
DA  "C4'" "O4'"  sing N N 11  
DA  "C4'" "C3'"  sing N N 12  
DA  "C4'" "H4'"  sing N N 13  
DA  "O4'" "C1'"  sing N N 14  
DA  "C3'" "O3'"  sing N N 15  
DA  "C3'" "C2'"  sing N N 16  
DA  "C3'" "H3'"  sing N N 17  
DA  "O3'" "HO3'" sing N N 18  
DA  "C2'" "C1'"  sing N N 19  
DA  "C2'" "H2'"  sing N N 20  
DA  "C2'" "H2''" sing N N 21  
DA  "C1'" N9     sing N N 22  
DA  "C1'" "H1'"  sing N N 23  
DA  N9    C8     sing Y N 24  
DA  N9    C4     sing Y N 25  
DA  C8    N7     doub Y N 26  
DA  C8    H8     sing N N 27  
DA  N7    C5     sing Y N 28  
DA  C5    C6     sing Y N 29  
DA  C5    C4     doub Y N 30  
DA  C6    N6     sing N N 31  
DA  C6    N1     doub Y N 32  
DA  N6    H61    sing N N 33  
DA  N6    H62    sing N N 34  
DA  N1    C2     sing Y N 35  
DA  C2    N3     doub Y N 36  
DA  C2    H2     sing N N 37  
DA  N3    C4     sing Y N 38  
DC  OP3   P      sing N N 39  
DC  OP3   HOP3   sing N N 40  
DC  P     OP1    doub N N 41  
DC  P     OP2    sing N N 42  
DC  P     "O5'"  sing N N 43  
DC  OP2   HOP2   sing N N 44  
DC  "O5'" "C5'"  sing N N 45  
DC  "C5'" "C4'"  sing N N 46  
DC  "C5'" "H5'"  sing N N 47  
DC  "C5'" "H5''" sing N N 48  
DC  "C4'" "O4'"  sing N N 49  
DC  "C4'" "C3'"  sing N N 50  
DC  "C4'" "H4'"  sing N N 51  
DC  "O4'" "C1'"  sing N N 52  
DC  "C3'" "O3'"  sing N N 53  
DC  "C3'" "C2'"  sing N N 54  
DC  "C3'" "H3'"  sing N N 55  
DC  "O3'" "HO3'" sing N N 56  
DC  "C2'" "C1'"  sing N N 57  
DC  "C2'" "H2'"  sing N N 58  
DC  "C2'" "H2''" sing N N 59  
DC  "C1'" N1     sing N N 60  
DC  "C1'" "H1'"  sing N N 61  
DC  N1    C2     sing N N 62  
DC  N1    C6     sing N N 63  
DC  C2    O2     doub N N 64  
DC  C2    N3     sing N N 65  
DC  N3    C4     doub N N 66  
DC  C4    N4     sing N N 67  
DC  C4    C5     sing N N 68  
DC  N4    H41    sing N N 69  
DC  N4    H42    sing N N 70  
DC  C5    C6     doub N N 71  
DC  C5    H5     sing N N 72  
DC  C6    H6     sing N N 73  
DG  OP3   P      sing N N 74  
DG  OP3   HOP3   sing N N 75  
DG  P     OP1    doub N N 76  
DG  P     OP2    sing N N 77  
DG  P     "O5'"  sing N N 78  
DG  OP2   HOP2   sing N N 79  
DG  "O5'" "C5'"  sing N N 80  
DG  "C5'" "C4'"  sing N N 81  
DG  "C5'" "H5'"  sing N N 82  
DG  "C5'" "H5''" sing N N 83  
DG  "C4'" "O4'"  sing N N 84  
DG  "C4'" "C3'"  sing N N 85  
DG  "C4'" "H4'"  sing N N 86  
DG  "O4'" "C1'"  sing N N 87  
DG  "C3'" "O3'"  sing N N 88  
DG  "C3'" "C2'"  sing N N 89  
DG  "C3'" "H3'"  sing N N 90  
DG  "O3'" "HO3'" sing N N 91  
DG  "C2'" "C1'"  sing N N 92  
DG  "C2'" "H2'"  sing N N 93  
DG  "C2'" "H2''" sing N N 94  
DG  "C1'" N9     sing N N 95  
DG  "C1'" "H1'"  sing N N 96  
DG  N9    C8     sing Y N 97  
DG  N9    C4     sing Y N 98  
DG  C8    N7     doub Y N 99  
DG  C8    H8     sing N N 100 
DG  N7    C5     sing Y N 101 
DG  C5    C6     sing N N 102 
DG  C5    C4     doub Y N 103 
DG  C6    O6     doub N N 104 
DG  C6    N1     sing N N 105 
DG  N1    C2     sing N N 106 
DG  N1    H1     sing N N 107 
DG  C2    N2     sing N N 108 
DG  C2    N3     doub N N 109 
DG  N2    H21    sing N N 110 
DG  N2    H22    sing N N 111 
DG  N3    C4     sing N N 112 
DT  OP3   P      sing N N 113 
DT  OP3   HOP3   sing N N 114 
DT  P     OP1    doub N N 115 
DT  P     OP2    sing N N 116 
DT  P     "O5'"  sing N N 117 
DT  OP2   HOP2   sing N N 118 
DT  "O5'" "C5'"  sing N N 119 
DT  "C5'" "C4'"  sing N N 120 
DT  "C5'" "H5'"  sing N N 121 
DT  "C5'" "H5''" sing N N 122 
DT  "C4'" "O4'"  sing N N 123 
DT  "C4'" "C3'"  sing N N 124 
DT  "C4'" "H4'"  sing N N 125 
DT  "O4'" "C1'"  sing N N 126 
DT  "C3'" "O3'"  sing N N 127 
DT  "C3'" "C2'"  sing N N 128 
DT  "C3'" "H3'"  sing N N 129 
DT  "O3'" "HO3'" sing N N 130 
DT  "C2'" "C1'"  sing N N 131 
DT  "C2'" "H2'"  sing N N 132 
DT  "C2'" "H2''" sing N N 133 
DT  "C1'" N1     sing N N 134 
DT  "C1'" "H1'"  sing N N 135 
DT  N1    C2     sing N N 136 
DT  N1    C6     sing N N 137 
DT  C2    O2     doub N N 138 
DT  C2    N3     sing N N 139 
DT  N3    C4     sing N N 140 
DT  N3    H3     sing N N 141 
DT  C4    O4     doub N N 142 
DT  C4    C5     sing N N 143 
DT  C5    C7     sing N N 144 
DT  C5    C6     doub N N 145 
DT  C7    H71    sing N N 146 
DT  C7    H72    sing N N 147 
DT  C7    H73    sing N N 148 
DT  C6    H6     sing N N 149 
HOH O     H1     sing N N 150 
HOH O     H2     sing N N 151 
SPM N1    C2     sing N N 152 
SPM N1    HN11   sing N N 153 
SPM N1    HN12   sing N N 154 
SPM C2    C3     sing N N 155 
SPM C2    H21    sing N N 156 
SPM C2    H22    sing N N 157 
SPM C3    C4     sing N N 158 
SPM C3    H31    sing N N 159 
SPM C3    H32    sing N N 160 
SPM C4    N5     sing N N 161 
SPM C4    H41    sing N N 162 
SPM C4    H42    sing N N 163 
SPM N5    C6     sing N N 164 
SPM N5    HN5    sing N N 165 
SPM C6    C7     sing N N 166 
SPM C6    H61    sing N N 167 
SPM C6    H62    sing N N 168 
SPM C7    C8     sing N N 169 
SPM C7    H71    sing N N 170 
SPM C7    H72    sing N N 171 
SPM C8    C9     sing N N 172 
SPM C8    H81    sing N N 173 
SPM C8    H82    sing N N 174 
SPM C9    N10    sing N N 175 
SPM C9    H91    sing N N 176 
SPM C9    H92    sing N N 177 
SPM N10   C11    sing N N 178 
SPM N10   HN0    sing N N 179 
SPM C11   C12    sing N N 180 
SPM C11   H111   sing N N 181 
SPM C11   H112   sing N N 182 
SPM C12   C13    sing N N 183 
SPM C12   H121   sing N N 184 
SPM C12   H122   sing N N 185 
SPM C13   N14    sing N N 186 
SPM C13   H131   sing N N 187 
SPM C13   H132   sing N N 188 
SPM N14   HN41   sing N N 189 
SPM N14   HN42   sing N N 190 
UMX OP2   P      doub N N 191 
UMX "O5'" P      sing N N 192 
UMX P     OP1    sing N N 193 
UMX P     OP3    sing N N 194 
UMX C2    N1     sing N N 195 
UMX C6    N1     sing N N 196 
UMX N1    "C1'"  sing N N 197 
UMX N3    C2     sing N N 198 
UMX C2    O2     doub N N 199 
UMX C4    N3     sing N N 200 
UMX O4    C4     doub N N 201 
UMX C4    C5     sing N N 202 
UMX C5    C6     doub N N 203 
UMX C5    H5     sing N N 204 
UMX C6    H6     sing N N 205 
UMX "C2'" "C1'"  sing N N 206 
UMX "C1'" "O4'"  sing N N 207 
UMX "C1'" "H1'"  sing N N 208 
UMX "C2'" "C3'"  sing N N 209 
UMX "C2'" "C6'"  sing N N 210 
UMX "C2'" "H2'"  sing N N 211 
UMX "O3'" "C3'"  sing N N 212 
UMX "C3'" "C4'"  sing N N 213 
UMX "C3'" "H3'"  sing N N 214 
UMX "O3'" "HO3'" sing N N 215 
UMX "O4'" "C4'"  sing N N 216 
UMX "C4'" "C5'"  sing N N 217 
UMX "C4'" "C8'"  sing N N 218 
UMX "O5'" "C5'"  sing N N 219 
UMX "C5'" "H5'"  sing N N 220 
UMX "C5'" "H5'A" sing N N 221 
UMX "C7'" "C6'"  sing N N 222 
UMX "C6'" "C8'"  sing N N 223 
UMX "C6'" "H6'"  sing N N 224 
UMX "C7'" "H7'"  sing N N 225 
UMX "C7'" "H7'A" sing N N 226 
UMX "C7'" "H7'B" sing N N 227 
UMX "C8'" "H8'"  sing N N 228 
UMX "C8'" "H8'A" sing N N 229 
UMX OP1   HOP1   sing N N 230 
UMX OP3   HOP3   sing N N 231 
UMX N3    HN3    sing N N 232 
# 
loop_
_ndb_struct_conf_na.entry_id 
_ndb_struct_conf_na.feature 
3OZ5 'a-form double helix' 
3OZ5 'internal loop'       
# 
loop_
_ndb_struct_na_base_pair.model_number 
_ndb_struct_na_base_pair.i_label_asym_id 
_ndb_struct_na_base_pair.i_label_comp_id 
_ndb_struct_na_base_pair.i_label_seq_id 
_ndb_struct_na_base_pair.i_symmetry 
_ndb_struct_na_base_pair.j_label_asym_id 
_ndb_struct_na_base_pair.j_label_comp_id 
_ndb_struct_na_base_pair.j_label_seq_id 
_ndb_struct_na_base_pair.j_symmetry 
_ndb_struct_na_base_pair.shear 
_ndb_struct_na_base_pair.stretch 
_ndb_struct_na_base_pair.stagger 
_ndb_struct_na_base_pair.buckle 
_ndb_struct_na_base_pair.propeller 
_ndb_struct_na_base_pair.opening 
_ndb_struct_na_base_pair.pair_number 
_ndb_struct_na_base_pair.pair_name 
_ndb_struct_na_base_pair.i_auth_asym_id 
_ndb_struct_na_base_pair.i_auth_seq_id 
_ndb_struct_na_base_pair.i_PDB_ins_code 
_ndb_struct_na_base_pair.j_auth_asym_id 
_ndb_struct_na_base_pair.j_auth_seq_id 
_ndb_struct_na_base_pair.j_PDB_ins_code 
_ndb_struct_na_base_pair.hbond_type_28 
_ndb_struct_na_base_pair.hbond_type_12 
1 A DG 1  1_555 B DC 10 1_555 -0.272 -0.089 0.132  1.811  -6.519  -1.714 1 A_DG101:DC210_B A 101 ? B 210 ? 19 1 
1 A DC 2  1_555 B DG 9  1_555 0.130  -0.113 0.128  3.353  -14.143 -0.011 2 A_DC102:DG209_B A 102 ? B 209 ? 19 1 
1 A DG 3  1_555 B DC 8  1_555 -0.343 -0.151 0.009  -8.871 -17.104 0.359  3 A_DG103:DC208_B A 103 ? B 208 ? 19 1 
1 A DT 4  1_555 B DA 7  1_555 -0.176 -0.097 0.005  -3.847 -17.681 -1.975 4 A_DT104:DA207_B A 104 ? B 207 ? 20 1 
1 A DA 7  1_555 B DT 4  1_555 0.006  -0.127 0.082  2.615  -8.296  4.269  5 A_DA107:DT204_B A 107 ? B 204 ? 20 1 
1 A DC 8  1_555 B DG 3  1_555 0.206  -0.143 -0.095 8.656  -11.704 0.813  6 A_DC108:DG203_B A 108 ? B 203 ? 19 1 
1 A DG 9  1_555 B DC 2  1_555 -0.178 -0.148 -0.062 -6.113 -10.139 0.255  7 A_DG109:DC202_B A 109 ? B 202 ? 19 1 
1 A DC 10 1_555 B DG 1  1_555 0.249  -0.128 0.162  -3.086 4.509   -0.663 8 A_DC110:DG201_B A 110 ? B 201 ? 19 1 
# 
loop_
_ndb_struct_na_base_pair_step.model_number 
_ndb_struct_na_base_pair_step.i_label_asym_id_1 
_ndb_struct_na_base_pair_step.i_label_comp_id_1 
_ndb_struct_na_base_pair_step.i_label_seq_id_1 
_ndb_struct_na_base_pair_step.i_symmetry_1 
_ndb_struct_na_base_pair_step.j_label_asym_id_1 
_ndb_struct_na_base_pair_step.j_label_comp_id_1 
_ndb_struct_na_base_pair_step.j_label_seq_id_1 
_ndb_struct_na_base_pair_step.j_symmetry_1 
_ndb_struct_na_base_pair_step.i_label_asym_id_2 
_ndb_struct_na_base_pair_step.i_label_comp_id_2 
_ndb_struct_na_base_pair_step.i_label_seq_id_2 
_ndb_struct_na_base_pair_step.i_symmetry_2 
_ndb_struct_na_base_pair_step.j_label_asym_id_2 
_ndb_struct_na_base_pair_step.j_label_comp_id_2 
_ndb_struct_na_base_pair_step.j_label_seq_id_2 
_ndb_struct_na_base_pair_step.j_symmetry_2 
_ndb_struct_na_base_pair_step.shift 
_ndb_struct_na_base_pair_step.slide 
_ndb_struct_na_base_pair_step.rise 
_ndb_struct_na_base_pair_step.tilt 
_ndb_struct_na_base_pair_step.roll 
_ndb_struct_na_base_pair_step.twist 
_ndb_struct_na_base_pair_step.x_displacement 
_ndb_struct_na_base_pair_step.y_displacement 
_ndb_struct_na_base_pair_step.helical_rise 
_ndb_struct_na_base_pair_step.inclination 
_ndb_struct_na_base_pair_step.tip 
_ndb_struct_na_base_pair_step.helical_twist 
_ndb_struct_na_base_pair_step.step_number 
_ndb_struct_na_base_pair_step.step_name 
_ndb_struct_na_base_pair_step.i_auth_asym_id_1 
_ndb_struct_na_base_pair_step.i_auth_seq_id_1 
_ndb_struct_na_base_pair_step.i_PDB_ins_code_1 
_ndb_struct_na_base_pair_step.j_auth_asym_id_1 
_ndb_struct_na_base_pair_step.j_auth_seq_id_1 
_ndb_struct_na_base_pair_step.j_PDB_ins_code_1 
_ndb_struct_na_base_pair_step.i_auth_asym_id_2 
_ndb_struct_na_base_pair_step.i_auth_seq_id_2 
_ndb_struct_na_base_pair_step.i_PDB_ins_code_2 
_ndb_struct_na_base_pair_step.j_auth_asym_id_2 
_ndb_struct_na_base_pair_step.j_auth_seq_id_2 
_ndb_struct_na_base_pair_step.j_PDB_ins_code_2 
1 A DG 1 1_555 B DC 10 1_555 A DC 2  1_555 B DG 9 1_555 0.377  -1.606 3.231 1.697  -0.063 38.611 -2.418 -0.363 3.247 -0.096 -2.565 
38.647 1 AA_DG101DC102:DG209DC210_BB A 101 ? B 210 ? A 102 ? B 209 ? 
1 A DC 2 1_555 B DG 9  1_555 A DG 3  1_555 B DC 8 1_555 0.137  -2.150 3.390 2.215  12.022 25.477 -6.922 0.181  2.177 25.474 -4.692 
28.214 2 AA_DC102DG103:DC208DG209_BB A 102 ? B 209 ? A 103 ? B 208 ? 
1 A DG 3 1_555 B DC 8  1_555 A DT 4  1_555 B DA 7 1_555 -0.996 -1.407 3.057 -2.960 4.901  37.890 -2.710 1.177  2.926 7.496  4.528  
38.305 3 AA_DG103DT104:DA207DC208_BB A 103 ? B 208 ? A 104 ? B 207 ? 
1 A DA 7 1_555 B DT 4  1_555 A DC 8  1_555 B DG 3 1_555 -0.260 -1.906 3.246 0.533  3.251  29.101 -4.444 0.624  3.015 6.444  -1.056 
29.283 4 AA_DA107DC108:DG203DT204_BB A 107 ? B 204 ? A 108 ? B 203 ? 
1 A DC 8 1_555 B DG 3  1_555 A DG 9  1_555 B DC 2 1_555 -0.395 -1.945 3.566 -0.793 10.734 29.983 -5.497 0.576  2.734 19.956 1.475  
31.815 5 AA_DC108DG109:DC202DG203_BB A 108 ? B 203 ? A 109 ? B 202 ? 
1 A DG 9 1_555 B DC 2  1_555 A DC 10 1_555 B DG 1 1_555 0.221  -1.692 3.341 -0.146 1.940  35.266 -3.078 -0.385 3.245 3.199  0.240  
35.318 6 AA_DG109DC110:DG201DC202_BB A 109 ? B 202 ? A 110 ? B 201 ? 
# 
loop_
_pdbx_entity_nonpoly.entity_id 
_pdbx_entity_nonpoly.name 
_pdbx_entity_nonpoly.comp_id 
2 SPERMINE SPM 
3 water    HOH 
# 
_pdbx_initial_refinement_model.id               1 
_pdbx_initial_refinement_model.entity_id_list   ? 
_pdbx_initial_refinement_model.type             'experimental model' 
_pdbx_initial_refinement_model.source_name      PDB 
_pdbx_initial_refinement_model.accession_code   3EY2 
_pdbx_initial_refinement_model.details          'PDB ENTRY 3EY2' 
# 
